data_5X9U
#
_entry.id   5X9U
#
_cell.length_a   209.780
_cell.length_b   209.780
_cell.length_c   169.813
_cell.angle_alpha   90.00
_cell.angle_beta   90.00
_cell.angle_gamma   90.00
#
_symmetry.space_group_name_H-M   'P 4 21 2'
#
loop_
_entity.id
_entity.type
_entity.pdbx_description
1 polymer 'Thermosome, alpha subunit'
2 non-polymer "ADENOSINE-5'-DIPHOSPHATE"
#
_entity_poly.entity_id   1
_entity_poly.type   'polypeptide(L)'
_entity_poly.pdbx_seq_one_letter_code
;MKKENQTQEIEERYQALFSNAAAVKALTQVVANSLGPKGLDAMLVDRFGEVVVTNDGVTILTLMDAQHPAARMVVNMARA
QEREVGDGTTTAAVLAGALVSEGVNQILKGVPVSKVLAGMNRALNHALFLIRKNAIKVGSITDDRLLAAAKIAGRGDERV
AAILRDAAAMLEDKLQDPGFKLADLVLAKVGADTTLIPGVVINKSPLWEEGSQKLQEVRLLVLDDGLYPEEVEEEALASE
AGFEQYLKNQKIFQENLKKLKELGVKLILLTRGISDIAEEFCYENEIMVITRITQKELKRVLEFTGARAAKRTSLNKPVE
ELQKMLGYARTCFYDSRLDFTIIEGGAGKATATVLIGAATDEVVDEQERIAKDAAGSFAAAYRSGVLPGGGAFFLYLSRE
VESLKNRLPGMESYGVMAFSEALKVPFRVMAENAGFNGLEKLGDLMTLQVQKNNYALGLDFETGEFIDMIAGGVVDPAEV
VYQAVKNASEVAISLLKINTIIKMKDYEVLKEGEQEDGGKR
;
_entity_poly.pdbx_strand_id   A,B,C,D
#
# COMPACT_ATOMS: atom_id res chain seq x y z
N GLU A 9 30.42 19.33 -14.40
CA GLU A 9 30.57 20.11 -15.62
C GLU A 9 30.18 19.28 -16.85
N ILE A 10 29.58 18.12 -16.60
CA ILE A 10 29.18 17.22 -17.68
C ILE A 10 27.67 17.22 -17.94
N GLU A 11 26.92 18.05 -17.22
CA GLU A 11 25.47 18.07 -17.37
C GLU A 11 25.09 18.53 -18.78
N GLU A 12 25.97 19.32 -19.38
CA GLU A 12 25.76 19.86 -20.71
C GLU A 12 25.59 18.72 -21.72
N ARG A 13 26.42 17.69 -21.57
CA ARG A 13 26.43 16.55 -22.47
C ARG A 13 25.09 15.84 -22.44
N TYR A 14 24.38 15.98 -21.33
CA TYR A 14 23.11 15.29 -21.15
C TYR A 14 21.93 16.25 -21.24
N GLN A 15 22.23 17.50 -21.59
CA GLN A 15 21.24 18.58 -21.60
C GLN A 15 19.94 18.13 -22.24
N ALA A 16 20.04 17.65 -23.48
CA ALA A 16 18.87 17.28 -24.24
C ALA A 16 18.06 16.19 -23.57
N LEU A 17 18.77 15.19 -23.03
CA LEU A 17 18.13 13.98 -22.52
C LEU A 17 17.01 14.26 -21.53
N PHE A 18 17.26 15.13 -20.56
CA PHE A 18 16.24 15.42 -19.56
C PHE A 18 15.07 16.15 -20.17
N SER A 19 15.39 17.13 -21.02
CA SER A 19 14.38 18.02 -21.58
C SER A 19 13.26 17.26 -22.26
N ASN A 20 13.60 16.16 -22.94
CA ASN A 20 12.56 15.32 -23.53
C ASN A 20 12.01 14.35 -22.51
N ALA A 21 12.91 13.69 -21.79
CA ALA A 21 12.52 12.61 -20.89
C ALA A 21 11.49 13.09 -19.89
N ALA A 22 11.82 14.18 -19.22
CA ALA A 22 10.96 14.77 -18.20
C ALA A 22 9.56 15.00 -18.74
N ALA A 23 9.49 15.41 -20.02
CA ALA A 23 8.21 15.64 -20.66
C ALA A 23 7.46 14.33 -20.88
N VAL A 24 8.15 13.35 -21.49
CA VAL A 24 7.50 12.10 -21.87
C VAL A 24 6.85 11.42 -20.68
N LYS A 25 7.62 11.26 -19.62
CA LYS A 25 7.11 10.68 -18.40
C LYS A 25 5.89 11.48 -17.93
N ALA A 26 6.06 12.80 -17.91
CA ALA A 26 5.01 13.69 -17.43
C ALA A 26 3.76 13.56 -18.29
N LEU A 27 3.96 13.12 -19.52
CA LEU A 27 2.84 12.89 -20.41
C LEU A 27 2.18 11.56 -20.06
N THR A 28 2.99 10.52 -20.02
CA THR A 28 2.47 9.17 -19.87
C THR A 28 1.87 9.00 -18.48
N GLN A 29 2.47 9.70 -17.50
CA GLN A 29 1.98 9.68 -16.13
C GLN A 29 0.55 10.18 -16.07
N VAL A 30 0.12 10.90 -17.09
CA VAL A 30 -1.26 11.34 -17.18
C VAL A 30 -2.12 10.26 -17.82
N VAL A 31 -1.67 9.77 -18.97
CA VAL A 31 -2.50 8.85 -19.74
C VAL A 31 -2.60 7.53 -19.00
N ALA A 32 -1.60 7.26 -18.17
CA ALA A 32 -1.57 6.03 -17.40
C ALA A 32 -2.73 6.01 -16.40
N ASN A 33 -3.12 7.20 -15.94
CA ASN A 33 -4.25 7.31 -15.03
C ASN A 33 -5.51 6.73 -15.64
N SER A 34 -5.58 6.74 -16.96
CA SER A 34 -6.80 6.35 -17.65
C SER A 34 -6.73 4.92 -18.15
N LEU A 35 -5.58 4.29 -17.92
CA LEU A 35 -5.35 2.93 -18.40
C LEU A 35 -6.17 1.93 -17.59
N GLY A 36 -6.62 0.87 -18.24
CA GLY A 36 -7.28 -0.22 -17.57
C GLY A 36 -8.73 0.06 -17.24
N PRO A 37 -9.51 -1.00 -16.98
CA PRO A 37 -10.95 -1.00 -16.73
C PRO A 37 -11.35 -0.07 -15.61
N LYS A 38 -10.48 0.09 -14.62
CA LYS A 38 -10.76 1.01 -13.53
C LYS A 38 -9.84 2.22 -13.60
N GLY A 39 -9.56 2.68 -14.81
CA GLY A 39 -8.74 3.87 -14.98
C GLY A 39 -9.40 5.09 -14.39
N LEU A 40 -8.66 6.18 -14.30
CA LEU A 40 -9.19 7.44 -13.75
C LEU A 40 -9.30 8.53 -14.80
N ASP A 41 -10.30 9.38 -14.65
CA ASP A 41 -10.54 10.43 -15.64
C ASP A 41 -9.58 11.59 -15.46
N ALA A 42 -9.59 12.49 -16.45
CA ALA A 42 -8.73 13.66 -16.42
C ALA A 42 -9.51 14.89 -16.86
N MET A 43 -9.07 16.05 -16.38
CA MET A 43 -9.80 17.30 -16.59
C MET A 43 -9.01 18.28 -17.45
N LEU A 44 -9.44 18.42 -18.70
CA LEU A 44 -8.75 19.25 -19.66
C LEU A 44 -9.35 20.64 -19.81
N VAL A 45 -8.47 21.61 -20.08
CA VAL A 45 -8.87 23.00 -20.26
C VAL A 45 -8.33 23.58 -21.57
N ASP A 46 -9.23 24.18 -22.35
CA ASP A 46 -8.80 25.04 -23.45
C ASP A 46 -8.71 26.46 -22.93
N ARG A 47 -7.77 27.24 -23.47
CA ARG A 47 -7.49 28.59 -22.97
C ARG A 47 -8.74 29.46 -22.91
N PHE A 48 -9.70 29.18 -23.80
CA PHE A 48 -10.99 29.88 -23.81
C PHE A 48 -11.90 29.42 -22.68
N GLY A 49 -11.38 28.58 -21.78
CA GLY A 49 -12.15 28.08 -20.65
C GLY A 49 -13.06 26.89 -20.96
N GLU A 50 -12.79 26.22 -22.08
CA GLU A 50 -13.55 25.03 -22.43
C GLU A 50 -13.15 23.90 -21.47
N VAL A 51 -14.13 23.12 -21.04
CA VAL A 51 -13.90 22.13 -19.98
C VAL A 51 -14.16 20.71 -20.46
N VAL A 52 -13.30 19.77 -20.06
CA VAL A 52 -13.46 18.38 -20.49
C VAL A 52 -13.13 17.35 -19.41
N VAL A 53 -13.96 16.31 -19.29
CA VAL A 53 -13.67 15.19 -18.40
C VAL A 53 -13.55 13.91 -19.20
N THR A 54 -12.45 13.18 -19.05
CA THR A 54 -12.25 12.03 -19.93
C THR A 54 -11.63 10.79 -19.30
N ASN A 55 -12.29 9.66 -19.52
CA ASN A 55 -11.81 8.34 -19.13
C ASN A 55 -11.01 7.68 -20.25
N ASP A 56 -11.30 8.07 -21.49
CA ASP A 56 -10.60 7.52 -22.64
C ASP A 56 -9.23 8.13 -22.83
N GLY A 57 -8.26 7.29 -23.18
CA GLY A 57 -6.90 7.74 -23.34
C GLY A 57 -6.71 8.65 -24.55
N VAL A 58 -7.19 8.20 -25.71
CA VAL A 58 -6.96 8.91 -26.97
C VAL A 58 -7.42 10.37 -26.92
N THR A 59 -8.56 10.61 -26.28
CA THR A 59 -9.10 11.95 -26.15
C THR A 59 -8.12 12.86 -25.42
N ILE A 60 -7.59 12.35 -24.31
CA ILE A 60 -6.66 13.10 -23.48
C ILE A 60 -5.35 13.30 -24.22
N LEU A 61 -4.95 12.27 -24.96
CA LEU A 61 -3.80 12.36 -25.85
C LEU A 61 -4.00 13.48 -26.85
N THR A 62 -5.27 13.75 -27.16
CA THR A 62 -5.60 14.68 -28.23
C THR A 62 -5.73 16.13 -27.79
N LEU A 63 -6.40 16.39 -26.68
CA LEU A 63 -6.70 17.78 -26.31
C LEU A 63 -5.62 18.44 -25.46
N MET A 64 -4.80 17.63 -24.80
CA MET A 64 -3.79 18.14 -23.88
C MET A 64 -2.73 18.99 -24.56
N ASP A 65 -2.58 20.22 -24.08
CA ASP A 65 -1.59 21.14 -24.62
C ASP A 65 -0.17 20.69 -24.33
N ALA A 66 0.39 19.91 -25.25
CA ALA A 66 1.76 19.44 -25.11
C ALA A 66 2.59 19.86 -26.30
N GLN A 67 3.23 21.02 -26.19
CA GLN A 67 4.00 21.57 -27.30
C GLN A 67 5.42 21.01 -27.36
N HIS A 68 5.83 20.27 -26.33
CA HIS A 68 7.20 19.74 -26.33
C HIS A 68 7.39 18.68 -27.40
N PRO A 69 8.44 18.84 -28.23
CA PRO A 69 8.73 18.00 -29.39
C PRO A 69 8.65 16.51 -29.10
N ALA A 70 9.16 16.09 -27.95
CA ALA A 70 9.06 14.70 -27.55
C ALA A 70 7.59 14.33 -27.42
N ALA A 71 6.86 15.10 -26.62
CA ALA A 71 5.44 14.87 -26.40
C ALA A 71 4.71 14.80 -27.72
N ARG A 72 5.07 15.70 -28.63
CA ARG A 72 4.51 15.71 -29.98
C ARG A 72 4.76 14.36 -30.63
N MET A 73 5.98 13.86 -30.49
CA MET A 73 6.38 12.63 -31.14
C MET A 73 5.80 11.38 -30.49
N VAL A 74 5.19 11.55 -29.32
CA VAL A 74 4.43 10.45 -28.74
C VAL A 74 2.98 10.51 -29.22
N VAL A 75 2.43 11.72 -29.21
CA VAL A 75 1.08 11.95 -29.70
C VAL A 75 0.92 11.41 -31.11
N ASN A 76 1.89 11.72 -31.97
CA ASN A 76 1.88 11.23 -33.34
C ASN A 76 1.81 9.71 -33.41
N MET A 77 2.49 9.04 -32.49
CA MET A 77 2.45 7.59 -32.45
C MET A 77 1.04 7.15 -32.06
N ALA A 78 0.45 7.83 -31.10
CA ALA A 78 -0.91 7.51 -30.68
C ALA A 78 -1.89 7.63 -31.85
N ARG A 79 -1.81 8.74 -32.57
CA ARG A 79 -2.65 8.95 -33.75
C ARG A 79 -2.41 7.87 -34.79
N ALA A 80 -1.16 7.44 -34.91
CA ALA A 80 -0.80 6.42 -35.88
C ALA A 80 -1.37 5.08 -35.45
N GLN A 81 -1.66 4.97 -34.16
CA GLN A 81 -2.21 3.73 -33.63
C GLN A 81 -3.73 3.67 -33.77
N GLU A 82 -4.41 4.76 -33.40
CA GLU A 82 -5.87 4.76 -33.44
C GLU A 82 -6.47 4.62 -34.84
N ARG A 83 -5.75 5.08 -35.86
CA ARG A 83 -6.24 5.03 -37.23
C ARG A 83 -6.17 3.66 -37.90
N GLU A 84 -5.24 2.81 -37.46
CA GLU A 84 -5.02 1.53 -38.10
C GLU A 84 -5.54 0.38 -37.25
N VAL A 85 -5.83 0.69 -36.00
CA VAL A 85 -6.33 -0.32 -35.09
C VAL A 85 -7.63 0.13 -34.42
N GLY A 86 -7.52 1.10 -33.51
CA GLY A 86 -8.68 1.58 -32.80
C GLY A 86 -8.67 1.21 -31.33
N ASP A 87 -8.04 0.08 -31.03
CA ASP A 87 -7.87 -0.35 -29.65
C ASP A 87 -6.39 -0.46 -29.33
N GLY A 88 -6.07 -0.41 -28.04
CA GLY A 88 -4.69 -0.55 -27.61
C GLY A 88 -3.89 0.65 -28.09
N THR A 89 -4.47 1.82 -27.92
CA THR A 89 -3.73 3.05 -28.16
C THR A 89 -3.16 3.48 -26.83
N THR A 90 -4.04 3.48 -25.82
CA THR A 90 -3.66 3.75 -24.45
C THR A 90 -2.50 2.87 -24.05
N THR A 91 -2.64 1.59 -24.37
CA THR A 91 -1.65 0.57 -24.08
C THR A 91 -0.28 0.95 -24.64
N ALA A 92 -0.19 1.04 -25.97
CA ALA A 92 1.07 1.34 -26.62
C ALA A 92 1.64 2.67 -26.15
N ALA A 93 0.76 3.60 -25.79
CA ALA A 93 1.20 4.89 -25.25
C ALA A 93 1.96 4.71 -23.95
N VAL A 94 1.25 4.19 -22.95
CA VAL A 94 1.84 3.99 -21.63
C VAL A 94 3.10 3.15 -21.71
N LEU A 95 2.98 2.02 -22.40
CA LEU A 95 4.08 1.10 -22.61
C LEU A 95 5.30 1.81 -23.20
N ALA A 96 5.05 2.64 -24.20
CA ALA A 96 6.11 3.42 -24.81
C ALA A 96 6.79 4.26 -23.74
N GLY A 97 5.96 4.99 -22.99
CA GLY A 97 6.48 5.84 -21.95
C GLY A 97 7.35 5.09 -20.96
N ALA A 98 6.94 3.86 -20.67
CA ALA A 98 7.69 3.00 -19.76
C ALA A 98 9.04 2.62 -20.32
N LEU A 99 9.04 2.18 -21.58
CA LEU A 99 10.29 1.82 -22.25
C LEU A 99 11.23 3.00 -22.24
N VAL A 100 10.68 4.20 -22.42
CA VAL A 100 11.48 5.40 -22.34
C VAL A 100 12.07 5.59 -20.93
N SER A 101 11.18 5.72 -19.94
CA SER A 101 11.59 6.04 -18.57
C SER A 101 12.58 5.02 -18.01
N GLU A 102 12.13 3.78 -17.85
CA GLU A 102 12.99 2.74 -17.30
C GLU A 102 14.11 2.36 -18.27
N GLY A 103 13.99 2.81 -19.52
CA GLY A 103 15.07 2.66 -20.47
C GLY A 103 16.26 3.58 -20.20
N VAL A 104 15.99 4.86 -19.95
CA VAL A 104 17.05 5.85 -19.78
C VAL A 104 17.88 5.55 -18.54
N ASN A 105 17.22 4.95 -17.55
CA ASN A 105 17.84 4.60 -16.27
C ASN A 105 19.16 3.87 -16.48
N GLN A 106 19.18 3.02 -17.50
CA GLN A 106 20.35 2.21 -17.77
C GLN A 106 21.47 3.07 -18.34
N ILE A 107 21.10 4.12 -19.07
CA ILE A 107 22.06 5.03 -19.61
C ILE A 107 22.65 5.89 -18.49
N LEU A 108 21.78 6.24 -17.54
CA LEU A 108 22.22 7.04 -16.41
C LEU A 108 23.19 6.25 -15.55
N LYS A 109 22.99 4.94 -15.45
CA LYS A 109 23.93 4.12 -14.70
C LYS A 109 25.23 3.99 -15.50
N GLY A 110 25.13 4.03 -16.82
CA GLY A 110 26.33 4.05 -17.64
C GLY A 110 26.38 3.18 -18.88
N VAL A 111 25.33 2.40 -19.15
CA VAL A 111 25.39 1.61 -20.37
C VAL A 111 25.04 2.54 -21.53
N PRO A 112 25.97 2.64 -22.48
CA PRO A 112 25.90 3.52 -23.65
C PRO A 112 24.77 3.19 -24.60
N VAL A 113 24.26 4.23 -25.25
CA VAL A 113 23.00 4.20 -25.98
C VAL A 113 22.89 3.08 -27.01
N SER A 114 23.82 3.02 -27.94
CA SER A 114 23.74 2.05 -29.02
C SER A 114 23.65 0.62 -28.48
N LYS A 115 24.44 0.33 -27.45
CA LYS A 115 24.44 -1.00 -26.86
C LYS A 115 23.18 -1.22 -26.03
N VAL A 116 22.47 -0.15 -25.70
CA VAL A 116 21.19 -0.32 -25.03
C VAL A 116 20.19 -0.77 -26.07
N LEU A 117 20.09 0.04 -27.11
CA LEU A 117 19.15 -0.20 -28.18
C LEU A 117 19.33 -1.58 -28.80
N ALA A 118 20.58 -1.99 -29.03
CA ALA A 118 20.85 -3.29 -29.66
C ALA A 118 20.13 -4.42 -28.93
N GLY A 119 20.22 -4.39 -27.60
CA GLY A 119 19.58 -5.41 -26.81
C GLY A 119 18.09 -5.19 -26.84
N MET A 120 17.67 -3.92 -26.87
CA MET A 120 16.24 -3.63 -26.98
C MET A 120 15.65 -4.28 -28.23
N ASN A 121 16.39 -4.19 -29.34
CA ASN A 121 16.01 -4.82 -30.59
C ASN A 121 15.95 -6.32 -30.51
N ARG A 122 16.93 -6.90 -29.82
CA ARG A 122 16.94 -8.35 -29.65
C ARG A 122 15.64 -8.73 -28.98
N ALA A 123 15.32 -7.98 -27.93
CA ALA A 123 14.12 -8.16 -27.16
C ALA A 123 12.87 -7.99 -28.00
N LEU A 124 12.86 -6.99 -28.87
CA LEU A 124 11.72 -6.74 -29.73
C LEU A 124 11.45 -7.91 -30.65
N ASN A 125 12.43 -8.25 -31.48
CA ASN A 125 12.28 -9.35 -32.43
C ASN A 125 11.80 -10.61 -31.73
N HIS A 126 12.44 -10.94 -30.59
CA HIS A 126 12.03 -12.13 -29.86
C HIS A 126 10.61 -12.00 -29.33
N ALA A 127 10.25 -10.80 -28.88
CA ALA A 127 8.93 -10.52 -28.34
C ALA A 127 7.86 -10.79 -29.39
N LEU A 128 8.05 -10.20 -30.57
CA LEU A 128 7.12 -10.41 -31.67
C LEU A 128 7.00 -11.89 -31.95
N PHE A 129 8.14 -12.55 -32.10
CA PHE A 129 8.16 -13.98 -32.39
C PHE A 129 7.34 -14.75 -31.35
N LEU A 130 7.36 -14.28 -30.12
CA LEU A 130 6.63 -14.93 -29.03
C LEU A 130 5.14 -14.61 -29.05
N ILE A 131 4.79 -13.41 -29.51
CA ILE A 131 3.40 -13.00 -29.66
C ILE A 131 2.74 -13.85 -30.73
N ARG A 132 3.49 -14.09 -31.80
CA ARG A 132 3.00 -14.88 -32.92
C ARG A 132 2.61 -16.31 -32.51
N LYS A 133 3.54 -17.06 -31.96
CA LYS A 133 3.30 -18.47 -31.67
C LYS A 133 2.15 -18.75 -30.71
N ASN A 134 1.97 -17.91 -29.70
CA ASN A 134 0.94 -18.22 -28.70
C ASN A 134 -0.39 -17.59 -29.03
N ALA A 135 -0.43 -16.81 -30.11
CA ALA A 135 -1.69 -16.22 -30.55
C ALA A 135 -2.65 -17.31 -30.99
N ILE A 136 -3.63 -17.61 -30.14
CA ILE A 136 -4.61 -18.63 -30.45
C ILE A 136 -5.55 -18.18 -31.55
N LYS A 137 -5.37 -18.72 -32.76
CA LYS A 137 -6.28 -18.38 -33.84
C LYS A 137 -7.55 -19.17 -33.63
N VAL A 138 -8.68 -18.62 -34.05
CA VAL A 138 -9.96 -19.19 -33.72
C VAL A 138 -10.42 -20.29 -34.67
N GLY A 139 -10.69 -19.92 -35.92
CA GLY A 139 -11.16 -20.88 -36.90
C GLY A 139 -12.61 -21.28 -36.64
N SER A 140 -13.28 -20.49 -35.81
CA SER A 140 -14.68 -20.75 -35.42
C SER A 140 -15.40 -19.43 -35.18
N ILE A 141 -15.96 -18.86 -36.24
CA ILE A 141 -16.61 -17.55 -36.20
C ILE A 141 -17.75 -17.43 -35.18
N THR A 142 -18.16 -18.55 -34.58
CA THR A 142 -19.24 -18.54 -33.61
C THR A 142 -18.72 -18.52 -32.18
N ASP A 143 -17.40 -18.67 -32.06
CA ASP A 143 -16.71 -18.77 -30.77
C ASP A 143 -17.02 -17.63 -29.81
N ASP A 144 -17.20 -17.98 -28.54
CA ASP A 144 -17.48 -17.00 -27.50
C ASP A 144 -16.30 -16.03 -27.36
N ARG A 145 -15.10 -16.54 -27.58
CA ARG A 145 -13.88 -15.73 -27.46
C ARG A 145 -13.91 -14.54 -28.41
N LEU A 146 -14.53 -14.70 -29.57
CA LEU A 146 -14.67 -13.60 -30.49
C LEU A 146 -15.64 -12.56 -29.96
N LEU A 147 -16.78 -13.03 -29.45
CA LEU A 147 -17.80 -12.18 -28.88
C LEU A 147 -17.21 -11.33 -27.77
N ALA A 148 -16.40 -11.97 -26.94
CA ALA A 148 -15.69 -11.29 -25.86
C ALA A 148 -14.64 -10.33 -26.41
N ALA A 149 -13.99 -10.73 -27.49
CA ALA A 149 -12.98 -9.89 -28.13
C ALA A 149 -13.62 -8.58 -28.57
N ALA A 150 -14.88 -8.64 -28.96
CA ALA A 150 -15.64 -7.45 -29.27
C ALA A 150 -16.13 -6.78 -28.00
N LYS A 151 -16.32 -7.57 -26.96
CA LYS A 151 -16.90 -7.06 -25.71
C LYS A 151 -16.06 -6.01 -25.02
N ILE A 152 -14.75 -6.21 -24.98
CA ILE A 152 -13.90 -5.34 -24.18
C ILE A 152 -13.95 -3.93 -24.74
N ALA A 153 -14.06 -3.81 -26.06
CA ALA A 153 -14.22 -2.51 -26.70
C ALA A 153 -15.68 -2.08 -26.61
N GLY A 154 -16.55 -3.08 -26.51
CA GLY A 154 -17.99 -2.92 -26.51
C GLY A 154 -18.56 -2.33 -25.24
N ARG A 155 -17.76 -2.37 -24.18
CA ARG A 155 -18.13 -1.94 -22.84
C ARG A 155 -18.99 -2.99 -22.17
N GLY A 156 -19.10 -4.14 -22.82
CA GLY A 156 -19.76 -5.28 -22.19
C GLY A 156 -21.20 -5.49 -22.54
N ASP A 157 -21.77 -4.53 -23.28
CA ASP A 157 -23.16 -4.62 -23.73
C ASP A 157 -23.32 -5.60 -24.89
N GLU A 158 -23.55 -6.85 -24.54
CA GLU A 158 -23.63 -7.97 -25.48
C GLU A 158 -24.71 -7.83 -26.55
N ARG A 159 -25.62 -6.87 -26.37
CA ARG A 159 -26.60 -6.55 -27.40
C ARG A 159 -25.86 -6.27 -28.70
N VAL A 160 -24.90 -5.35 -28.65
CA VAL A 160 -24.09 -5.01 -29.81
C VAL A 160 -23.32 -6.23 -30.31
N ALA A 161 -22.76 -6.98 -29.38
CA ALA A 161 -21.99 -8.18 -29.68
C ALA A 161 -22.69 -9.22 -30.53
N ALA A 162 -23.88 -9.62 -30.11
CA ALA A 162 -24.61 -10.68 -30.79
C ALA A 162 -24.88 -10.31 -32.25
N ILE A 163 -25.41 -9.11 -32.47
CA ILE A 163 -25.76 -8.68 -33.81
C ILE A 163 -24.51 -8.50 -34.67
N LEU A 164 -23.42 -8.03 -34.06
CA LEU A 164 -22.17 -7.91 -34.82
C LEU A 164 -21.67 -9.29 -35.24
N ARG A 165 -21.79 -10.26 -34.33
CA ARG A 165 -21.38 -11.63 -34.62
C ARG A 165 -22.20 -12.21 -35.77
N ASP A 166 -23.51 -12.03 -35.69
CA ASP A 166 -24.41 -12.55 -36.72
C ASP A 166 -24.19 -11.86 -38.07
N ALA A 167 -23.93 -10.55 -38.02
CA ALA A 167 -23.68 -9.79 -39.24
C ALA A 167 -22.42 -10.32 -39.91
N ALA A 168 -21.39 -10.53 -39.09
CA ALA A 168 -20.12 -11.07 -39.58
C ALA A 168 -20.33 -12.50 -40.08
N ALA A 169 -21.31 -13.19 -39.52
CA ALA A 169 -21.65 -14.54 -39.96
C ALA A 169 -22.22 -14.48 -41.37
N MET A 170 -23.08 -13.49 -41.63
CA MET A 170 -23.66 -13.29 -42.95
C MET A 170 -22.58 -12.98 -43.99
N LEU A 171 -21.42 -12.51 -43.53
CA LEU A 171 -20.35 -12.12 -44.43
C LEU A 171 -19.04 -12.85 -44.16
N GLU A 172 -19.11 -14.14 -43.88
CA GLU A 172 -17.93 -14.89 -43.49
C GLU A 172 -16.89 -14.93 -44.61
N ASP A 173 -17.34 -14.78 -45.85
CA ASP A 173 -16.46 -14.82 -47.01
C ASP A 173 -15.75 -13.50 -47.24
N LYS A 174 -16.41 -12.40 -46.92
CA LYS A 174 -15.87 -11.08 -47.21
C LYS A 174 -15.06 -10.49 -46.05
N LEU A 175 -14.72 -11.33 -45.08
CA LEU A 175 -13.82 -10.92 -44.01
C LEU A 175 -12.37 -11.13 -44.42
N GLN A 176 -12.16 -11.65 -45.63
CA GLN A 176 -10.84 -11.93 -46.15
C GLN A 176 -10.38 -10.79 -47.04
N ASP A 177 -11.29 -9.87 -47.33
CA ASP A 177 -10.96 -8.69 -48.10
C ASP A 177 -10.71 -7.53 -47.13
N PRO A 178 -9.43 -7.15 -46.96
CA PRO A 178 -9.05 -6.03 -46.07
C PRO A 178 -9.49 -4.69 -46.62
N GLY A 179 -9.95 -4.67 -47.87
CA GLY A 179 -10.50 -3.48 -48.47
C GLY A 179 -11.95 -3.31 -48.07
N PHE A 180 -12.27 -3.86 -46.91
CA PHE A 180 -13.60 -3.82 -46.35
C PHE A 180 -13.50 -3.59 -44.85
N LYS A 181 -14.25 -2.62 -44.34
CA LYS A 181 -14.29 -2.41 -42.90
C LYS A 181 -15.66 -2.75 -42.36
N LEU A 182 -15.69 -3.67 -41.41
CA LEU A 182 -16.93 -4.12 -40.82
C LEU A 182 -17.58 -2.97 -40.07
N ALA A 183 -16.73 -2.10 -39.53
CA ALA A 183 -17.17 -0.97 -38.74
C ALA A 183 -18.08 -0.05 -39.55
N ASP A 184 -17.95 -0.10 -40.88
CA ASP A 184 -18.71 0.78 -41.74
C ASP A 184 -20.16 0.33 -41.84
N LEU A 185 -20.40 -0.92 -41.46
CA LEU A 185 -21.73 -1.51 -41.55
C LEU A 185 -22.60 -1.06 -40.39
N VAL A 186 -22.15 -0.05 -39.65
CA VAL A 186 -22.88 0.40 -38.47
C VAL A 186 -23.35 1.83 -38.56
N LEU A 187 -24.63 2.03 -38.26
CA LEU A 187 -25.19 3.36 -38.08
C LEU A 187 -26.11 3.35 -36.87
N ALA A 188 -25.96 4.33 -35.98
CA ALA A 188 -26.78 4.40 -34.79
C ALA A 188 -27.77 5.52 -34.94
N LYS A 189 -28.99 5.34 -34.43
CA LYS A 189 -30.00 6.37 -34.55
C LYS A 189 -30.80 6.59 -33.26
N VAL A 190 -31.20 7.84 -33.03
CA VAL A 190 -31.97 8.21 -31.86
C VAL A 190 -33.28 7.43 -31.78
N GLY A 191 -33.55 6.89 -30.60
CA GLY A 191 -34.78 6.18 -30.33
C GLY A 191 -34.90 4.87 -31.08
N ALA A 192 -33.78 4.43 -31.66
CA ALA A 192 -33.77 3.16 -32.37
C ALA A 192 -33.58 2.02 -31.37
N ASP A 193 -33.56 0.80 -31.90
CA ASP A 193 -33.35 -0.39 -31.08
C ASP A 193 -32.22 -1.23 -31.65
N THR A 194 -31.22 -1.54 -30.82
CA THR A 194 -30.01 -2.20 -31.28
C THR A 194 -30.33 -3.51 -32.01
N THR A 195 -30.28 -3.48 -33.33
CA THR A 195 -30.59 -4.68 -34.12
C THR A 195 -29.83 -4.78 -35.45
N LEU A 196 -30.14 -5.85 -36.17
CA LEU A 196 -29.49 -6.15 -37.44
C LEU A 196 -30.45 -5.97 -38.62
N ILE A 197 -29.94 -5.44 -39.72
CA ILE A 197 -30.73 -5.24 -40.93
C ILE A 197 -30.08 -5.94 -42.12
N PRO A 198 -30.83 -6.80 -42.81
CA PRO A 198 -30.30 -7.57 -43.94
C PRO A 198 -30.22 -6.78 -45.24
N GLY A 199 -29.77 -5.53 -45.17
CA GLY A 199 -29.68 -4.68 -46.34
C GLY A 199 -28.92 -3.40 -46.07
N VAL A 200 -29.15 -2.38 -46.89
CA VAL A 200 -28.51 -1.09 -46.69
C VAL A 200 -29.53 -0.03 -46.29
N VAL A 201 -29.11 0.92 -45.46
CA VAL A 201 -30.03 1.91 -44.96
C VAL A 201 -29.65 3.33 -45.34
N ILE A 202 -30.67 4.17 -45.45
CA ILE A 202 -30.49 5.59 -45.68
C ILE A 202 -31.22 6.36 -44.59
N ASN A 203 -30.46 7.09 -43.79
CA ASN A 203 -31.04 7.82 -42.67
C ASN A 203 -31.54 9.17 -43.14
N LYS A 204 -32.64 9.14 -43.89
CA LYS A 204 -33.32 10.35 -44.35
C LYS A 204 -34.76 10.07 -44.75
N SER A 205 -35.58 11.12 -44.77
CA SER A 205 -36.96 11.02 -45.23
C SER A 205 -37.06 11.35 -46.71
N PRO A 206 -37.82 10.55 -47.48
CA PRO A 206 -38.09 10.81 -48.90
C PRO A 206 -38.75 12.18 -49.14
N LEU A 207 -38.87 12.58 -50.41
CA LEU A 207 -39.32 13.94 -50.76
C LEU A 207 -40.75 14.32 -50.38
N TRP A 208 -41.72 13.46 -50.68
CA TRP A 208 -43.10 13.72 -50.30
C TRP A 208 -43.56 12.54 -49.43
N GLU A 209 -44.01 12.82 -48.22
CA GLU A 209 -44.36 11.74 -47.29
C GLU A 209 -45.82 11.73 -46.85
N GLU A 210 -46.34 10.54 -46.60
CA GLU A 210 -47.72 10.36 -46.15
C GLU A 210 -47.80 9.23 -45.11
N GLY A 211 -46.70 8.52 -44.92
CA GLY A 211 -46.70 7.39 -44.01
C GLY A 211 -45.75 6.29 -44.45
N SER A 212 -45.60 5.27 -43.61
CA SER A 212 -44.78 4.10 -43.93
C SER A 212 -45.17 3.53 -45.30
N GLN A 213 -44.20 3.40 -46.18
CA GLN A 213 -44.51 3.04 -47.58
C GLN A 213 -43.55 1.98 -48.10
N LYS A 214 -44.03 1.09 -48.97
CA LYS A 214 -43.18 0.02 -49.48
C LYS A 214 -43.27 -0.16 -50.99
N LEU A 215 -42.11 -0.37 -51.62
CA LEU A 215 -42.06 -0.66 -53.04
C LEU A 215 -41.27 -1.93 -53.32
N GLN A 216 -41.70 -2.68 -54.32
CA GLN A 216 -41.07 -3.96 -54.66
C GLN A 216 -40.54 -3.94 -56.09
N GLU A 217 -39.68 -4.91 -56.40
CA GLU A 217 -39.04 -5.03 -57.71
C GLU A 217 -38.44 -3.70 -58.14
N VAL A 218 -37.67 -3.10 -57.25
CA VAL A 218 -37.18 -1.74 -57.44
C VAL A 218 -36.07 -1.63 -58.48
N ARG A 219 -36.38 -1.04 -59.62
CA ARG A 219 -35.37 -0.62 -60.58
C ARG A 219 -34.95 0.81 -60.25
N LEU A 220 -33.71 0.99 -59.80
CA LEU A 220 -33.26 2.29 -59.32
C LEU A 220 -32.05 2.86 -60.02
N LEU A 221 -31.96 4.19 -60.00
CA LEU A 221 -30.79 4.91 -60.50
C LEU A 221 -30.21 5.82 -59.43
N VAL A 222 -28.88 5.86 -59.35
CA VAL A 222 -28.19 6.65 -58.35
C VAL A 222 -27.47 7.83 -58.98
N LEU A 223 -27.46 8.97 -58.28
CA LEU A 223 -26.82 10.15 -58.83
C LEU A 223 -25.90 10.87 -57.85
N ASP A 224 -24.65 11.07 -58.27
CA ASP A 224 -23.73 11.93 -57.54
C ASP A 224 -23.95 13.36 -58.01
N ASP A 225 -25.20 13.80 -57.95
CA ASP A 225 -25.59 15.07 -58.51
C ASP A 225 -27.00 15.42 -58.06
N GLY A 226 -27.59 16.40 -58.72
CA GLY A 226 -28.95 16.81 -58.43
C GLY A 226 -29.69 16.76 -59.75
N LEU A 227 -31.02 16.79 -59.70
CA LEU A 227 -31.80 16.65 -60.92
C LEU A 227 -32.16 18.01 -61.49
N TYR A 228 -31.17 18.65 -62.10
CA TYR A 228 -31.41 19.90 -62.81
C TYR A 228 -31.13 19.71 -64.30
N PRO A 229 -31.73 20.56 -65.14
CA PRO A 229 -31.32 20.60 -66.55
C PRO A 229 -29.96 21.28 -66.69
N GLU A 230 -29.34 21.19 -67.86
CA GLU A 230 -28.02 21.76 -68.09
C GLU A 230 -28.06 23.29 -68.08
N GLU A 231 -27.12 23.90 -67.35
CA GLU A 231 -27.09 25.34 -67.10
C GLU A 231 -26.24 26.14 -68.11
N VAL A 232 -26.53 27.43 -68.22
CA VAL A 232 -25.76 28.35 -69.08
C VAL A 232 -25.46 29.66 -68.31
N GLU A 233 -24.34 30.30 -68.67
CA GLU A 233 -23.83 31.50 -67.98
C GLU A 233 -24.87 32.60 -67.79
N GLU A 234 -24.79 33.31 -66.67
CA GLU A 234 -25.78 34.33 -66.32
C GLU A 234 -25.76 35.50 -67.31
N GLU A 235 -24.58 35.87 -67.77
CA GLU A 235 -24.47 36.88 -68.82
C GLU A 235 -25.03 36.35 -70.14
N ALA A 236 -24.81 35.06 -70.38
CA ALA A 236 -25.20 34.42 -71.64
C ALA A 236 -26.71 34.30 -71.85
N LEU A 237 -27.51 34.69 -70.86
CA LEU A 237 -28.96 34.70 -71.04
C LEU A 237 -29.38 36.03 -71.67
N ALA A 238 -28.39 36.86 -72.01
CA ALA A 238 -28.63 38.15 -72.62
C ALA A 238 -28.25 38.16 -74.09
N SER A 239 -28.19 36.98 -74.70
CA SER A 239 -27.76 36.86 -76.09
C SER A 239 -28.90 36.35 -76.97
N GLU A 240 -30.11 36.38 -76.40
CA GLU A 240 -31.35 36.01 -77.09
C GLU A 240 -31.40 34.55 -77.58
N ALA A 241 -30.37 34.13 -78.31
CA ALA A 241 -30.27 32.74 -78.78
C ALA A 241 -30.07 31.76 -77.62
N GLY A 242 -29.30 32.18 -76.62
CA GLY A 242 -29.03 31.36 -75.45
C GLY A 242 -30.27 31.05 -74.65
N PHE A 243 -31.21 31.98 -74.67
CA PHE A 243 -32.48 31.80 -73.99
C PHE A 243 -33.31 30.73 -74.71
N GLU A 244 -33.20 30.73 -76.03
CA GLU A 244 -33.93 29.77 -76.83
C GLU A 244 -33.29 28.41 -76.57
N GLN A 245 -31.98 28.43 -76.31
CA GLN A 245 -31.27 27.24 -75.88
C GLN A 245 -31.76 26.80 -74.49
N TYR A 246 -32.18 27.77 -73.67
CA TYR A 246 -32.81 27.46 -72.39
C TYR A 246 -34.08 26.67 -72.64
N LEU A 247 -34.87 27.10 -73.62
CA LEU A 247 -36.06 26.35 -73.95
C LEU A 247 -35.67 24.95 -74.43
N LYS A 248 -34.56 24.86 -75.16
CA LYS A 248 -34.08 23.57 -75.66
C LYS A 248 -33.73 22.56 -74.57
N ASN A 249 -32.92 23.00 -73.62
CA ASN A 249 -32.52 22.12 -72.52
C ASN A 249 -33.71 21.82 -71.61
N GLN A 250 -34.59 22.82 -71.43
CA GLN A 250 -35.80 22.61 -70.67
C GLN A 250 -36.66 21.51 -71.30
N LYS A 251 -36.70 21.47 -72.62
CA LYS A 251 -37.42 20.40 -73.31
C LYS A 251 -36.73 19.04 -73.20
N ILE A 252 -35.43 18.99 -73.52
CA ILE A 252 -34.71 17.71 -73.55
C ILE A 252 -34.63 17.09 -72.16
N PHE A 253 -34.74 17.93 -71.13
CA PHE A 253 -34.80 17.44 -69.76
C PHE A 253 -36.02 16.55 -69.61
N GLN A 254 -37.18 17.05 -70.04
CA GLN A 254 -38.43 16.30 -69.98
C GLN A 254 -38.38 15.08 -70.90
N GLU A 255 -37.78 15.25 -72.07
CA GLU A 255 -37.57 14.14 -72.99
C GLU A 255 -36.88 13.00 -72.27
N ASN A 256 -35.82 13.36 -71.54
CA ASN A 256 -35.04 12.39 -70.81
C ASN A 256 -35.82 11.80 -69.64
N LEU A 257 -36.71 12.60 -69.05
CA LEU A 257 -37.61 12.09 -68.01
C LEU A 257 -38.55 11.00 -68.53
N LYS A 258 -39.13 11.22 -69.71
CA LYS A 258 -39.95 10.18 -70.31
C LYS A 258 -39.08 8.97 -70.64
N LYS A 259 -37.84 9.24 -71.03
CA LYS A 259 -36.85 8.20 -71.27
C LYS A 259 -36.65 7.36 -70.00
N LEU A 260 -36.85 7.99 -68.85
CA LEU A 260 -36.80 7.27 -67.58
C LEU A 260 -38.05 6.43 -67.38
N LYS A 261 -39.21 7.04 -67.66
CA LYS A 261 -40.48 6.33 -67.50
C LYS A 261 -40.62 5.14 -68.44
N GLU A 262 -39.79 5.09 -69.46
CA GLU A 262 -39.76 3.96 -70.38
C GLU A 262 -39.24 2.67 -69.73
N LEU A 263 -38.21 2.78 -68.89
CA LEU A 263 -37.50 1.60 -68.40
C LEU A 263 -38.08 0.91 -67.17
N GLY A 264 -39.18 1.41 -66.63
CA GLY A 264 -39.81 0.77 -65.49
C GLY A 264 -39.10 1.12 -64.20
N VAL A 265 -38.50 2.31 -64.18
CA VAL A 265 -37.78 2.82 -63.02
C VAL A 265 -38.73 3.17 -61.88
N LYS A 266 -38.35 2.86 -60.64
CA LYS A 266 -39.24 3.17 -59.52
C LYS A 266 -38.58 3.97 -58.39
N LEU A 267 -37.27 4.21 -58.47
CA LEU A 267 -36.58 4.94 -57.40
C LEU A 267 -35.29 5.63 -57.83
N ILE A 268 -35.10 6.87 -57.37
CA ILE A 268 -33.91 7.65 -57.69
C ILE A 268 -33.33 8.29 -56.42
N LEU A 269 -31.99 8.30 -56.32
CA LEU A 269 -31.30 8.83 -55.16
C LEU A 269 -30.32 9.92 -55.57
N LEU A 270 -30.40 11.07 -54.90
CA LEU A 270 -29.59 12.23 -55.28
C LEU A 270 -28.71 12.75 -54.15
N THR A 271 -27.63 13.42 -54.53
CA THR A 271 -26.71 14.02 -53.57
C THR A 271 -26.89 15.53 -53.45
N ARG A 272 -27.74 16.09 -54.30
CA ARG A 272 -27.98 17.52 -54.28
C ARG A 272 -29.48 17.83 -54.33
N GLY A 273 -29.84 18.93 -54.98
CA GLY A 273 -31.23 19.37 -55.00
C GLY A 273 -32.04 18.80 -56.16
N ILE A 274 -33.24 19.35 -56.35
CA ILE A 274 -34.12 18.90 -57.42
C ILE A 274 -34.88 20.07 -58.07
N SER A 275 -35.04 20.00 -59.39
CA SER A 275 -35.81 20.99 -60.11
C SER A 275 -37.29 20.81 -59.82
N ASP A 276 -38.04 21.92 -59.85
CA ASP A 276 -39.46 21.90 -59.57
C ASP A 276 -40.17 21.02 -60.59
N ILE A 277 -39.63 21.03 -61.79
CA ILE A 277 -40.14 20.22 -62.88
C ILE A 277 -40.02 18.74 -62.56
N ALA A 278 -38.85 18.35 -62.08
CA ALA A 278 -38.59 16.96 -61.74
C ALA A 278 -39.46 16.47 -60.60
N GLU A 279 -39.52 17.22 -59.50
CA GLU A 279 -40.34 16.85 -58.36
C GLU A 279 -41.81 16.74 -58.76
N GLU A 280 -42.29 17.72 -59.53
CA GLU A 280 -43.65 17.70 -60.04
C GLU A 280 -43.87 16.40 -60.81
N PHE A 281 -42.93 16.10 -61.70
CA PHE A 281 -42.98 14.90 -62.53
C PHE A 281 -43.10 13.64 -61.67
N CYS A 282 -42.29 13.57 -60.63
CA CYS A 282 -42.26 12.40 -59.77
C CYS A 282 -43.55 12.22 -58.97
N TYR A 283 -44.06 13.29 -58.36
CA TYR A 283 -45.32 13.18 -57.64
C TYR A 283 -46.47 12.81 -58.58
N GLU A 284 -46.41 13.30 -59.81
CA GLU A 284 -47.48 13.03 -60.76
C GLU A 284 -47.37 11.59 -61.27
N ASN A 285 -46.16 11.05 -61.28
CA ASN A 285 -45.96 9.69 -61.77
C ASN A 285 -45.67 8.71 -60.64
N GLU A 286 -46.09 9.09 -59.43
CA GLU A 286 -46.00 8.25 -58.22
C GLU A 286 -44.65 7.57 -57.99
N ILE A 287 -43.57 8.18 -58.49
CA ILE A 287 -42.21 7.66 -58.32
C ILE A 287 -41.48 8.38 -57.17
N MET A 288 -40.88 7.60 -56.27
CA MET A 288 -40.20 8.15 -55.09
C MET A 288 -38.72 8.52 -55.34
N VAL A 289 -38.27 9.54 -54.62
CA VAL A 289 -36.93 10.10 -54.79
C VAL A 289 -36.36 10.58 -53.44
N ILE A 290 -35.07 10.38 -53.21
CA ILE A 290 -34.41 10.88 -52.01
C ILE A 290 -33.24 11.81 -52.35
N THR A 291 -33.09 12.87 -51.57
CA THR A 291 -32.12 13.92 -51.86
C THR A 291 -31.02 13.99 -50.81
N ARG A 292 -29.93 14.66 -51.16
CA ARG A 292 -28.87 14.98 -50.22
C ARG A 292 -28.41 13.78 -49.42
N ILE A 293 -28.08 12.69 -50.11
CA ILE A 293 -27.63 11.49 -49.40
C ILE A 293 -26.16 11.62 -49.00
N THR A 294 -25.73 10.75 -48.09
CA THR A 294 -24.36 10.75 -47.63
C THR A 294 -23.44 10.21 -48.71
N GLN A 295 -22.22 10.74 -48.76
CA GLN A 295 -21.22 10.24 -49.69
C GLN A 295 -20.96 8.78 -49.34
N LYS A 296 -21.10 8.49 -48.05
CA LYS A 296 -20.97 7.14 -47.55
C LYS A 296 -22.19 6.32 -47.95
N GLU A 297 -23.38 6.92 -47.82
CA GLU A 297 -24.60 6.27 -48.29
C GLU A 297 -24.53 6.02 -49.78
N LEU A 298 -24.03 7.00 -50.52
CA LEU A 298 -23.84 6.86 -51.95
C LEU A 298 -22.95 5.68 -52.29
N LYS A 299 -21.78 5.63 -51.66
CA LYS A 299 -20.81 4.59 -51.97
C LYS A 299 -21.40 3.22 -51.63
N ARG A 300 -22.07 3.15 -50.48
CA ARG A 300 -22.62 1.89 -50.01
C ARG A 300 -23.76 1.37 -50.87
N VAL A 301 -24.72 2.22 -51.21
CA VAL A 301 -25.83 1.77 -52.04
C VAL A 301 -25.32 1.41 -53.42
N LEU A 302 -24.30 2.14 -53.86
CA LEU A 302 -23.65 1.86 -55.13
C LEU A 302 -23.04 0.46 -55.12
N GLU A 303 -22.41 0.11 -54.00
CA GLU A 303 -21.80 -1.20 -53.85
C GLU A 303 -22.87 -2.29 -53.78
N PHE A 304 -23.95 -2.01 -53.07
CA PHE A 304 -25.00 -3.00 -52.80
C PHE A 304 -25.89 -3.35 -53.99
N THR A 305 -26.36 -2.33 -54.70
CA THR A 305 -27.33 -2.57 -55.77
C THR A 305 -26.70 -3.05 -57.09
N GLY A 306 -25.43 -2.73 -57.28
CA GLY A 306 -24.74 -3.04 -58.53
C GLY A 306 -24.99 -2.00 -59.61
N ALA A 307 -25.58 -0.88 -59.19
CA ALA A 307 -25.89 0.21 -60.10
C ALA A 307 -24.64 1.01 -60.46
N ARG A 308 -24.80 1.97 -61.36
CA ARG A 308 -23.70 2.84 -61.76
C ARG A 308 -23.98 4.30 -61.40
N ALA A 309 -22.97 4.97 -60.87
CA ALA A 309 -23.10 6.39 -60.50
C ALA A 309 -23.38 7.26 -61.72
N ALA A 310 -24.34 8.17 -61.60
CA ALA A 310 -24.69 9.03 -62.73
C ALA A 310 -24.80 10.49 -62.31
N LYS A 311 -24.82 11.38 -63.30
CA LYS A 311 -24.99 12.81 -63.06
C LYS A 311 -25.98 13.41 -64.07
N ARG A 312 -26.00 14.74 -64.16
CA ARG A 312 -26.99 15.43 -64.98
C ARG A 312 -26.85 15.10 -66.46
N THR A 313 -25.62 15.13 -66.95
CA THR A 313 -25.34 14.94 -68.38
C THR A 313 -25.64 13.53 -68.85
N SER A 314 -25.57 12.57 -67.93
CA SER A 314 -25.81 11.17 -68.25
C SER A 314 -27.30 10.84 -68.41
N LEU A 315 -28.09 11.86 -68.72
CA LEU A 315 -29.51 11.68 -69.04
C LEU A 315 -29.71 11.49 -70.54
N ASN A 316 -28.66 11.77 -71.31
CA ASN A 316 -28.72 11.72 -72.76
C ASN A 316 -28.46 10.34 -73.33
N LYS A 317 -28.20 9.36 -72.47
CA LYS A 317 -28.02 7.98 -72.90
C LYS A 317 -29.27 7.43 -73.58
N PRO A 318 -29.09 6.57 -74.59
CA PRO A 318 -30.20 6.16 -75.45
C PRO A 318 -31.07 5.06 -74.87
N VAL A 319 -31.65 5.30 -73.69
CA VAL A 319 -32.67 4.42 -73.10
C VAL A 319 -32.27 2.93 -72.98
N GLU A 320 -31.42 2.44 -73.87
CA GLU A 320 -31.12 1.03 -73.93
C GLU A 320 -29.79 0.79 -73.22
N GLU A 321 -28.88 1.75 -73.33
CA GLU A 321 -27.64 1.73 -72.55
C GLU A 321 -27.90 2.33 -71.16
N LEU A 322 -29.06 2.97 -71.01
CA LEU A 322 -29.51 3.51 -69.73
C LEU A 322 -29.84 2.37 -68.78
N GLN A 323 -30.29 1.25 -69.37
CA GLN A 323 -30.65 0.04 -68.63
C GLN A 323 -29.43 -0.64 -67.99
N LYS A 324 -28.24 -0.07 -68.22
CA LYS A 324 -26.99 -0.62 -67.70
C LYS A 324 -26.55 0.12 -66.44
N MET A 325 -27.18 1.28 -66.19
CA MET A 325 -26.81 2.11 -65.05
C MET A 325 -27.81 1.96 -63.90
N LEU A 326 -28.71 0.98 -64.01
CA LEU A 326 -29.79 0.83 -63.05
C LEU A 326 -29.50 -0.10 -61.87
N GLY A 327 -30.46 -0.21 -60.96
CA GLY A 327 -30.28 -0.98 -59.75
C GLY A 327 -31.40 -1.94 -59.39
N TYR A 328 -31.08 -2.89 -58.52
CA TYR A 328 -31.98 -3.96 -58.07
C TYR A 328 -31.22 -4.77 -57.00
N ALA A 329 -31.59 -4.78 -55.72
CA ALA A 329 -32.77 -4.23 -55.01
C ALA A 329 -34.05 -5.02 -55.29
N ARG A 330 -34.26 -6.07 -54.51
CA ARG A 330 -35.44 -6.91 -54.62
C ARG A 330 -36.64 -6.22 -53.99
N THR A 331 -36.45 -5.68 -52.79
CA THR A 331 -37.52 -4.97 -52.08
C THR A 331 -36.96 -3.73 -51.37
N CYS A 332 -37.82 -2.76 -51.14
CA CYS A 332 -37.41 -1.53 -50.47
C CYS A 332 -38.55 -0.94 -49.64
N PHE A 333 -38.25 -0.53 -48.42
CA PHE A 333 -39.29 -0.03 -47.51
C PHE A 333 -38.87 1.21 -46.73
N TYR A 334 -39.75 2.22 -46.71
CA TYR A 334 -39.55 3.40 -45.90
C TYR A 334 -40.39 3.37 -44.63
N ASP A 335 -39.70 3.49 -43.49
CA ASP A 335 -40.33 3.54 -42.18
C ASP A 335 -40.41 4.96 -41.65
N SER A 336 -41.63 5.43 -41.41
CA SER A 336 -41.86 6.78 -40.91
C SER A 336 -41.74 6.89 -39.39
N ARG A 337 -41.87 5.78 -38.70
CA ARG A 337 -41.84 5.80 -37.23
C ARG A 337 -40.49 6.25 -36.70
N LEU A 338 -39.44 5.55 -37.10
CA LEU A 338 -38.08 5.93 -36.72
C LEU A 338 -37.47 6.81 -37.81
N ASP A 339 -38.18 6.95 -38.91
CA ASP A 339 -37.82 7.87 -39.99
C ASP A 339 -36.55 7.56 -40.79
N PHE A 340 -36.53 6.39 -41.45
CA PHE A 340 -35.50 6.15 -42.47
C PHE A 340 -35.85 4.99 -43.43
N THR A 341 -34.95 4.76 -44.38
CA THR A 341 -35.24 3.88 -45.51
C THR A 341 -34.34 2.65 -45.61
N ILE A 342 -34.93 1.51 -45.98
CA ILE A 342 -34.22 0.24 -46.04
C ILE A 342 -34.32 -0.48 -47.37
N ILE A 343 -33.17 -0.83 -47.94
CA ILE A 343 -33.09 -1.55 -49.20
C ILE A 343 -32.54 -2.97 -49.03
N GLU A 344 -33.29 -3.96 -49.50
CA GLU A 344 -32.86 -5.34 -49.34
C GLU A 344 -32.97 -6.11 -50.64
N GLY A 345 -32.09 -7.09 -50.82
CA GLY A 345 -32.11 -7.94 -51.99
C GLY A 345 -31.35 -7.39 -53.19
N GLY A 346 -30.16 -6.84 -52.95
CA GLY A 346 -29.35 -6.30 -54.03
C GLY A 346 -28.75 -7.37 -54.93
N ALA A 347 -28.55 -7.04 -56.20
CA ALA A 347 -28.00 -7.99 -57.15
C ALA A 347 -26.50 -7.76 -57.36
N GLY A 348 -25.90 -6.98 -56.47
CA GLY A 348 -24.47 -6.72 -56.52
C GLY A 348 -23.75 -7.43 -55.40
N LYS A 349 -23.02 -6.66 -54.60
CA LYS A 349 -22.43 -7.21 -53.39
C LYS A 349 -23.55 -7.34 -52.36
N ALA A 350 -23.29 -8.06 -51.28
CA ALA A 350 -24.33 -8.33 -50.29
C ALA A 350 -23.93 -7.78 -48.94
N THR A 351 -24.14 -6.48 -48.75
CA THR A 351 -23.81 -5.83 -47.48
C THR A 351 -25.00 -5.87 -46.54
N ALA A 352 -24.72 -5.90 -45.25
CA ALA A 352 -25.77 -5.81 -44.25
C ALA A 352 -25.65 -4.46 -43.56
N THR A 353 -26.40 -4.26 -42.47
CA THR A 353 -26.33 -3.00 -41.76
C THR A 353 -26.62 -3.14 -40.27
N VAL A 354 -25.69 -2.67 -39.45
CA VAL A 354 -25.84 -2.78 -38.01
C VAL A 354 -26.38 -1.49 -37.42
N LEU A 355 -27.50 -1.60 -36.71
CA LEU A 355 -28.12 -0.45 -36.08
C LEU A 355 -27.94 -0.53 -34.58
N ILE A 356 -27.54 0.58 -33.96
CA ILE A 356 -27.36 0.60 -32.52
C ILE A 356 -28.35 1.58 -31.95
N GLY A 357 -29.08 1.16 -30.93
CA GLY A 357 -30.11 1.99 -30.36
C GLY A 357 -29.47 3.01 -29.46
N ALA A 358 -30.15 4.13 -29.28
CA ALA A 358 -29.66 5.19 -28.43
C ALA A 358 -30.83 5.84 -27.73
N ALA A 359 -30.54 6.75 -26.80
CA ALA A 359 -31.56 7.47 -26.09
C ALA A 359 -31.82 8.81 -26.76
N THR A 360 -30.83 9.70 -26.67
CA THR A 360 -30.95 11.03 -27.23
C THR A 360 -29.92 11.28 -28.31
N ASP A 361 -29.95 12.48 -28.87
CA ASP A 361 -29.00 12.89 -29.90
C ASP A 361 -27.63 13.16 -29.31
N GLU A 362 -27.47 12.87 -28.03
CA GLU A 362 -26.19 13.06 -27.35
C GLU A 362 -25.27 11.85 -27.47
N VAL A 363 -25.63 10.77 -26.79
CA VAL A 363 -24.87 9.53 -26.79
C VAL A 363 -24.81 8.87 -28.17
N VAL A 364 -25.79 9.20 -29.02
CA VAL A 364 -25.95 8.57 -30.32
C VAL A 364 -24.76 8.75 -31.27
N ASP A 365 -23.90 9.72 -31.01
CA ASP A 365 -22.80 9.96 -31.93
C ASP A 365 -21.56 9.18 -31.53
N GLU A 366 -21.43 8.89 -30.25
CA GLU A 366 -20.29 8.16 -29.74
C GLU A 366 -20.53 6.65 -29.77
N GLN A 367 -21.79 6.24 -29.61
CA GLN A 367 -22.13 4.83 -29.59
C GLN A 367 -21.72 4.17 -30.89
N GLU A 368 -21.81 4.94 -31.97
CA GLU A 368 -21.38 4.47 -33.26
C GLU A 368 -19.87 4.20 -33.23
N ARG A 369 -19.14 5.03 -32.51
CA ARG A 369 -17.69 4.86 -32.37
C ARG A 369 -17.29 3.64 -31.53
N ILE A 370 -18.05 3.37 -30.47
CA ILE A 370 -17.74 2.22 -29.65
C ILE A 370 -18.09 0.98 -30.48
N ALA A 371 -19.12 1.11 -31.29
CA ALA A 371 -19.52 0.04 -32.19
C ALA A 371 -18.35 -0.20 -33.15
N LYS A 372 -17.71 0.89 -33.57
CA LYS A 372 -16.57 0.82 -34.46
C LYS A 372 -15.45 0.01 -33.79
N ASP A 373 -15.20 0.31 -32.51
CA ASP A 373 -14.14 -0.37 -31.78
C ASP A 373 -14.45 -1.86 -31.64
N ALA A 374 -15.74 -2.15 -31.52
CA ALA A 374 -16.20 -3.52 -31.40
C ALA A 374 -15.89 -4.26 -32.70
N ALA A 375 -16.38 -3.72 -33.80
CA ALA A 375 -16.19 -4.33 -35.11
C ALA A 375 -14.72 -4.53 -35.41
N GLY A 376 -13.90 -3.52 -35.13
CA GLY A 376 -12.47 -3.62 -35.33
C GLY A 376 -11.85 -4.76 -34.54
N SER A 377 -12.21 -4.82 -33.26
CA SER A 377 -11.75 -5.90 -32.40
C SER A 377 -12.09 -7.26 -33.01
N PHE A 378 -13.35 -7.44 -33.39
CA PHE A 378 -13.81 -8.69 -33.97
C PHE A 378 -13.03 -9.00 -35.25
N ALA A 379 -12.73 -7.95 -36.00
CA ALA A 379 -12.02 -8.07 -37.26
C ALA A 379 -10.64 -8.65 -37.04
N ALA A 380 -9.92 -8.12 -36.06
CA ALA A 380 -8.58 -8.64 -35.78
C ALA A 380 -8.68 -9.99 -35.09
N ALA A 381 -9.86 -10.26 -34.56
CA ALA A 381 -10.11 -11.47 -33.80
C ALA A 381 -10.33 -12.69 -34.69
N TYR A 382 -10.99 -12.50 -35.82
CA TYR A 382 -11.24 -13.62 -36.73
C TYR A 382 -9.99 -14.07 -37.48
N ARG A 383 -9.30 -13.12 -38.11
CA ARG A 383 -8.05 -13.42 -38.81
C ARG A 383 -6.78 -13.49 -37.98
N SER A 384 -6.47 -12.41 -37.26
CA SER A 384 -5.16 -12.30 -36.63
C SER A 384 -4.95 -13.15 -35.38
N GLY A 385 -6.01 -13.51 -34.67
CA GLY A 385 -5.80 -14.32 -33.49
C GLY A 385 -6.08 -13.61 -32.18
N VAL A 386 -6.40 -14.38 -31.15
CA VAL A 386 -6.69 -13.79 -29.85
C VAL A 386 -5.60 -14.14 -28.81
N LEU A 387 -5.30 -13.17 -27.94
CA LEU A 387 -4.41 -13.37 -26.80
C LEU A 387 -5.17 -13.00 -25.53
N PRO A 388 -4.72 -13.53 -24.38
CA PRO A 388 -5.41 -13.17 -23.14
C PRO A 388 -5.14 -11.72 -22.76
N GLY A 389 -6.19 -11.01 -22.36
CA GLY A 389 -6.07 -9.61 -21.97
C GLY A 389 -5.64 -9.39 -20.54
N GLY A 390 -5.99 -8.23 -20.00
CA GLY A 390 -5.63 -7.88 -18.63
C GLY A 390 -4.17 -7.52 -18.50
N GLY A 391 -3.48 -7.38 -19.63
CA GLY A 391 -2.06 -7.13 -19.61
C GLY A 391 -1.30 -8.34 -19.11
N ALA A 392 -1.98 -9.48 -19.09
CA ALA A 392 -1.46 -10.70 -18.47
C ALA A 392 -0.40 -11.36 -19.31
N PHE A 393 -0.48 -11.20 -20.63
CA PHE A 393 0.46 -11.85 -21.52
C PHE A 393 1.79 -11.12 -21.49
N PHE A 394 1.73 -9.87 -21.09
CA PHE A 394 2.94 -9.05 -20.96
C PHE A 394 3.91 -9.61 -19.92
N LEU A 395 3.41 -10.37 -18.96
CA LEU A 395 4.26 -10.94 -17.93
C LEU A 395 5.06 -12.11 -18.47
N TYR A 396 4.37 -13.01 -19.18
CA TYR A 396 5.02 -14.10 -19.90
C TYR A 396 6.07 -13.52 -20.83
N LEU A 397 5.66 -12.51 -21.58
CA LEU A 397 6.59 -11.79 -22.44
C LEU A 397 7.80 -11.33 -21.65
N SER A 398 7.55 -10.65 -20.52
CA SER A 398 8.60 -10.13 -19.65
C SER A 398 9.64 -11.16 -19.26
N ARG A 399 9.22 -12.21 -18.56
CA ARG A 399 10.18 -13.19 -18.08
C ARG A 399 10.84 -13.95 -19.24
N GLU A 400 10.06 -14.33 -20.24
CA GLU A 400 10.59 -15.08 -21.38
C GLU A 400 11.57 -14.20 -22.17
N VAL A 401 11.51 -12.90 -21.91
CA VAL A 401 12.52 -11.97 -22.43
C VAL A 401 13.73 -11.94 -21.50
N GLU A 402 13.49 -11.93 -20.19
CA GLU A 402 14.56 -11.92 -19.20
C GLU A 402 15.50 -13.09 -19.38
N SER A 403 14.95 -14.21 -19.85
CA SER A 403 15.72 -15.43 -20.03
C SER A 403 16.97 -15.25 -20.90
N LEU A 404 16.94 -14.27 -21.80
CA LEU A 404 18.05 -14.12 -22.74
C LEU A 404 19.19 -13.26 -22.19
N LYS A 405 19.01 -12.75 -20.97
CA LYS A 405 20.02 -11.90 -20.32
C LYS A 405 21.42 -12.48 -20.41
N ASN A 406 21.51 -13.79 -20.18
CA ASN A 406 22.82 -14.43 -20.12
C ASN A 406 23.00 -15.47 -21.19
N ARG A 407 22.09 -15.53 -22.15
CA ARG A 407 22.25 -16.45 -23.25
C ARG A 407 22.99 -15.75 -24.38
N LEU A 408 22.89 -14.41 -24.40
CA LEU A 408 23.61 -13.60 -25.38
C LEU A 408 24.38 -12.51 -24.62
N PRO A 409 25.65 -12.30 -25.00
CA PRO A 409 26.56 -11.48 -24.20
C PRO A 409 26.53 -9.99 -24.48
N GLY A 410 27.46 -9.30 -23.85
CA GLY A 410 27.61 -7.86 -23.96
C GLY A 410 26.77 -7.18 -22.91
N MET A 411 27.05 -5.89 -22.67
CA MET A 411 26.23 -5.10 -21.76
C MET A 411 24.88 -4.80 -22.38
N GLU A 412 24.71 -5.17 -23.65
CA GLU A 412 23.43 -5.01 -24.33
C GLU A 412 22.35 -5.72 -23.52
N SER A 413 22.74 -6.80 -22.85
CA SER A 413 21.85 -7.56 -21.99
C SER A 413 21.08 -6.64 -21.05
N TYR A 414 21.73 -5.58 -20.56
CA TYR A 414 21.08 -4.66 -19.63
C TYR A 414 19.84 -4.07 -20.29
N GLY A 415 20.02 -3.60 -21.52
CA GLY A 415 18.93 -3.02 -22.28
C GLY A 415 17.74 -3.96 -22.32
N VAL A 416 18.04 -5.24 -22.56
CA VAL A 416 17.00 -6.27 -22.60
C VAL A 416 16.17 -6.21 -21.34
N MET A 417 16.85 -6.17 -20.19
CA MET A 417 16.14 -6.14 -18.92
C MET A 417 15.19 -4.97 -18.84
N ALA A 418 15.66 -3.82 -19.33
CA ALA A 418 14.85 -2.62 -19.26
C ALA A 418 13.57 -2.90 -19.98
N PHE A 419 13.72 -3.45 -21.18
CA PHE A 419 12.60 -3.80 -22.03
C PHE A 419 11.65 -4.63 -21.20
N SER A 420 12.20 -5.68 -20.60
CA SER A 420 11.42 -6.62 -19.83
C SER A 420 10.64 -5.86 -18.77
N GLU A 421 11.34 -5.05 -17.98
CA GLU A 421 10.70 -4.38 -16.87
C GLU A 421 9.63 -3.42 -17.37
N ALA A 422 9.80 -2.89 -18.57
CA ALA A 422 8.80 -1.97 -19.11
C ALA A 422 7.47 -2.69 -19.22
N LEU A 423 7.52 -3.96 -19.61
CA LEU A 423 6.31 -4.74 -19.78
C LEU A 423 5.57 -4.92 -18.48
N LYS A 424 6.23 -4.71 -17.36
CA LYS A 424 5.57 -4.90 -16.08
C LYS A 424 4.67 -3.69 -15.79
N VAL A 425 5.01 -2.56 -16.42
CA VAL A 425 4.34 -1.28 -16.13
C VAL A 425 2.82 -1.27 -16.32
N PRO A 426 2.31 -1.78 -17.47
CA PRO A 426 0.86 -1.68 -17.67
C PRO A 426 0.06 -2.24 -16.50
N PHE A 427 0.23 -3.55 -16.25
CA PHE A 427 -0.50 -4.23 -15.20
C PHE A 427 -0.42 -3.44 -13.90
N ARG A 428 0.81 -3.05 -13.58
CA ARG A 428 1.09 -2.32 -12.36
C ARG A 428 0.14 -1.15 -12.25
N VAL A 429 0.13 -0.31 -13.28
CA VAL A 429 -0.66 0.90 -13.24
C VAL A 429 -2.10 0.50 -12.98
N MET A 430 -2.59 -0.45 -13.78
CA MET A 430 -3.97 -0.91 -13.69
C MET A 430 -4.25 -1.28 -12.25
N ALA A 431 -3.34 -2.03 -11.65
CA ALA A 431 -3.56 -2.49 -10.30
C ALA A 431 -3.69 -1.30 -9.36
N GLU A 432 -2.76 -0.36 -9.42
CA GLU A 432 -2.84 0.78 -8.51
C GLU A 432 -3.94 1.72 -8.96
N ASN A 433 -4.49 1.46 -10.15
CA ASN A 433 -5.66 2.20 -10.57
C ASN A 433 -6.87 1.61 -9.86
N ALA A 434 -6.90 0.29 -9.76
CA ALA A 434 -8.02 -0.39 -9.11
C ALA A 434 -7.92 -0.27 -7.59
N GLY A 435 -6.87 0.38 -7.10
CA GLY A 435 -6.77 0.70 -5.69
C GLY A 435 -6.11 -0.39 -4.88
N PHE A 436 -5.42 -1.29 -5.55
CA PHE A 436 -4.70 -2.36 -4.88
C PHE A 436 -3.23 -1.97 -4.82
N ASN A 437 -2.47 -2.57 -3.91
CA ASN A 437 -1.04 -2.28 -3.87
C ASN A 437 -0.35 -2.94 -5.06
N GLY A 438 0.04 -2.11 -6.03
CA GLY A 438 0.51 -2.59 -7.32
C GLY A 438 1.66 -3.56 -7.26
N LEU A 439 2.64 -3.26 -6.41
CA LEU A 439 3.83 -4.08 -6.36
C LEU A 439 3.48 -5.48 -5.86
N GLU A 440 2.59 -5.53 -4.86
CA GLU A 440 2.19 -6.81 -4.29
C GLU A 440 1.50 -7.69 -5.30
N LYS A 441 0.56 -7.11 -6.03
CA LYS A 441 -0.23 -7.89 -6.96
C LYS A 441 0.63 -8.30 -8.14
N LEU A 442 1.59 -7.45 -8.49
CA LEU A 442 2.51 -7.80 -9.56
C LEU A 442 3.34 -9.01 -9.17
N GLY A 443 3.98 -8.95 -8.01
CA GLY A 443 4.83 -10.06 -7.58
C GLY A 443 4.04 -11.33 -7.38
N ASP A 444 2.84 -11.20 -6.82
CA ASP A 444 2.02 -12.36 -6.53
C ASP A 444 1.55 -13.01 -7.82
N LEU A 445 1.11 -12.19 -8.77
CA LEU A 445 0.59 -12.75 -10.01
C LEU A 445 1.71 -13.35 -10.84
N MET A 446 2.84 -12.66 -10.90
CA MET A 446 3.94 -13.14 -11.71
C MET A 446 4.49 -14.43 -11.11
N THR A 447 4.35 -14.57 -9.79
CA THR A 447 4.73 -15.82 -9.16
C THR A 447 3.72 -16.90 -9.50
N LEU A 448 2.44 -16.56 -9.38
CA LEU A 448 1.35 -17.49 -9.65
C LEU A 448 1.39 -18.07 -11.06
N GLN A 449 1.71 -17.24 -12.04
CA GLN A 449 1.74 -17.70 -13.42
C GLN A 449 2.81 -18.76 -13.67
N VAL A 450 3.97 -18.59 -13.05
CA VAL A 450 5.08 -19.50 -13.28
C VAL A 450 4.81 -20.81 -12.57
N GLN A 451 4.21 -20.71 -11.38
CA GLN A 451 3.91 -21.89 -10.56
C GLN A 451 2.68 -22.63 -11.09
N LYS A 452 2.09 -22.10 -12.17
CA LYS A 452 0.99 -22.80 -12.84
C LYS A 452 1.33 -22.99 -14.31
N ASN A 453 2.46 -22.41 -14.71
CA ASN A 453 2.95 -22.49 -16.09
C ASN A 453 1.90 -22.04 -17.10
N ASN A 454 1.00 -21.15 -16.68
CA ASN A 454 -0.04 -20.64 -17.56
C ASN A 454 0.06 -19.13 -17.74
N TYR A 455 0.21 -18.69 -18.98
CA TYR A 455 0.34 -17.25 -19.26
C TYR A 455 -1.00 -16.56 -19.42
N ALA A 456 -2.08 -17.25 -19.06
CA ALA A 456 -3.42 -16.70 -19.28
C ALA A 456 -4.03 -16.26 -17.96
N LEU A 457 -3.36 -16.56 -16.86
CA LEU A 457 -3.80 -16.11 -15.56
C LEU A 457 -3.53 -14.61 -15.35
N GLY A 458 -4.51 -13.92 -14.78
CA GLY A 458 -4.39 -12.52 -14.47
C GLY A 458 -5.31 -12.13 -13.33
N LEU A 459 -5.58 -10.84 -13.21
CA LEU A 459 -6.39 -10.34 -12.11
C LEU A 459 -7.69 -9.69 -12.57
N ASP A 460 -8.78 -10.03 -11.90
CA ASP A 460 -10.03 -9.31 -12.06
C ASP A 460 -9.91 -8.02 -11.26
N PHE A 461 -9.81 -6.90 -11.95
CA PHE A 461 -9.51 -5.63 -11.31
C PHE A 461 -10.71 -5.08 -10.56
N GLU A 462 -11.69 -5.94 -10.32
CA GLU A 462 -12.88 -5.55 -9.58
C GLU A 462 -12.96 -6.29 -8.26
N THR A 463 -12.87 -7.61 -8.33
CA THR A 463 -12.96 -8.45 -7.14
C THR A 463 -11.71 -8.34 -6.28
N GLY A 464 -10.59 -8.77 -6.85
CA GLY A 464 -9.33 -8.85 -6.12
C GLY A 464 -8.74 -10.25 -6.17
N GLU A 465 -9.51 -11.19 -6.69
CA GLU A 465 -9.06 -12.57 -6.89
C GLU A 465 -8.51 -12.75 -8.29
N PHE A 466 -7.58 -13.68 -8.45
CA PHE A 466 -7.00 -13.92 -9.76
C PHE A 466 -7.86 -14.88 -10.54
N ILE A 467 -8.04 -14.60 -11.84
CA ILE A 467 -8.80 -15.49 -12.71
C ILE A 467 -8.13 -15.63 -14.07
N ASP A 468 -8.61 -16.58 -14.87
CA ASP A 468 -8.16 -16.69 -16.24
C ASP A 468 -8.90 -15.65 -17.07
N MET A 469 -8.15 -14.80 -17.78
CA MET A 469 -8.74 -13.70 -18.52
C MET A 469 -9.55 -14.21 -19.72
N ILE A 470 -9.07 -15.29 -20.33
CA ILE A 470 -9.79 -15.91 -21.43
C ILE A 470 -11.09 -16.51 -20.93
N ALA A 471 -11.06 -17.12 -19.75
CA ALA A 471 -12.26 -17.69 -19.15
C ALA A 471 -13.13 -16.59 -18.54
N GLY A 472 -12.53 -15.41 -18.40
CA GLY A 472 -13.23 -14.27 -17.82
C GLY A 472 -13.95 -13.44 -18.87
N GLY A 473 -13.79 -13.85 -20.13
CA GLY A 473 -14.39 -13.12 -21.23
C GLY A 473 -13.68 -11.79 -21.40
N VAL A 474 -12.38 -11.80 -21.11
CA VAL A 474 -11.56 -10.61 -21.20
C VAL A 474 -10.31 -10.91 -22.01
N VAL A 475 -10.29 -10.49 -23.26
CA VAL A 475 -9.16 -10.78 -24.13
C VAL A 475 -8.77 -9.62 -25.04
N ASP A 476 -7.60 -9.76 -25.66
CA ASP A 476 -7.10 -8.77 -26.61
C ASP A 476 -6.87 -9.42 -27.97
N PRO A 477 -6.99 -8.64 -29.04
CA PRO A 477 -6.70 -9.11 -30.40
C PRO A 477 -5.20 -9.20 -30.66
N ALA A 478 -4.79 -10.13 -31.52
CA ALA A 478 -3.36 -10.34 -31.79
C ALA A 478 -2.70 -9.12 -32.40
N GLU A 479 -3.15 -8.73 -33.60
CA GLU A 479 -2.52 -7.63 -34.34
C GLU A 479 -2.49 -6.35 -33.52
N VAL A 480 -3.51 -6.18 -32.69
CA VAL A 480 -3.59 -5.02 -31.82
C VAL A 480 -2.38 -4.98 -30.90
N VAL A 481 -2.18 -6.06 -30.16
CA VAL A 481 -1.06 -6.15 -29.23
C VAL A 481 0.26 -6.06 -29.98
N TYR A 482 0.34 -6.82 -31.07
CA TYR A 482 1.50 -6.88 -31.92
C TYR A 482 2.00 -5.51 -32.34
N GLN A 483 1.14 -4.74 -33.00
CA GLN A 483 1.59 -3.46 -33.52
C GLN A 483 1.56 -2.37 -32.47
N ALA A 484 0.86 -2.61 -31.36
CA ALA A 484 0.97 -1.71 -30.22
C ALA A 484 2.40 -1.76 -29.75
N VAL A 485 2.87 -2.97 -29.48
CA VAL A 485 4.25 -3.19 -29.09
C VAL A 485 5.19 -2.64 -30.15
N LYS A 486 4.94 -2.97 -31.41
CA LYS A 486 5.80 -2.51 -32.51
C LYS A 486 5.97 -1.00 -32.51
N ASN A 487 4.86 -0.28 -32.37
CA ASN A 487 4.88 1.18 -32.43
C ASN A 487 5.57 1.76 -31.22
N ALA A 488 5.16 1.32 -30.04
CA ALA A 488 5.76 1.81 -28.81
C ALA A 488 7.28 1.59 -28.85
N SER A 489 7.68 0.44 -29.35
CA SER A 489 9.09 0.09 -29.48
C SER A 489 9.79 1.05 -30.43
N GLU A 490 9.18 1.29 -31.59
CA GLU A 490 9.82 2.11 -32.60
C GLU A 490 9.98 3.56 -32.15
N VAL A 491 8.97 4.08 -31.46
CA VAL A 491 9.03 5.45 -30.98
C VAL A 491 10.00 5.57 -29.81
N ALA A 492 10.07 4.54 -28.98
CA ALA A 492 11.03 4.52 -27.89
C ALA A 492 12.46 4.54 -28.43
N ILE A 493 12.74 3.60 -29.33
CA ILE A 493 14.02 3.52 -30.01
C ILE A 493 14.40 4.87 -30.58
N SER A 494 13.51 5.43 -31.39
CA SER A 494 13.80 6.69 -32.07
C SER A 494 13.80 7.88 -31.12
N LEU A 495 13.37 7.67 -29.89
CA LEU A 495 13.43 8.73 -28.89
C LEU A 495 14.76 8.71 -28.13
N LEU A 496 15.29 7.51 -27.89
CA LEU A 496 16.55 7.40 -27.18
C LEU A 496 17.71 7.59 -28.16
N LYS A 497 17.35 7.73 -29.43
CA LYS A 497 18.30 8.00 -30.50
C LYS A 497 18.67 9.49 -30.50
N ILE A 498 18.04 10.24 -29.60
CA ILE A 498 18.25 11.67 -29.51
C ILE A 498 19.47 12.01 -28.67
N ASN A 499 20.33 12.87 -29.19
CA ASN A 499 21.53 13.24 -28.47
C ASN A 499 21.45 14.69 -28.00
N THR A 500 20.98 15.57 -28.87
CA THR A 500 21.04 17.01 -28.62
C THR A 500 19.78 17.73 -29.08
N ILE A 501 19.71 19.02 -28.77
CA ILE A 501 18.58 19.86 -29.11
C ILE A 501 19.09 21.20 -29.62
N ILE A 502 18.74 21.54 -30.87
CA ILE A 502 19.14 22.81 -31.46
C ILE A 502 18.00 23.42 -32.28
N GLU B 9 7.99 17.31 -3.67
CA GLU B 9 7.69 17.23 -5.11
C GLU B 9 6.76 16.07 -5.41
N ILE B 10 6.21 15.47 -4.36
CA ILE B 10 5.30 14.34 -4.54
C ILE B 10 3.87 14.83 -4.33
N GLU B 11 3.73 16.09 -3.96
CA GLU B 11 2.44 16.71 -3.70
C GLU B 11 1.64 16.89 -4.99
N GLU B 12 2.36 17.08 -6.10
CA GLU B 12 1.77 17.35 -7.39
C GLU B 12 0.87 16.23 -7.91
N ARG B 13 0.89 15.07 -7.27
CA ARG B 13 0.07 13.95 -7.72
C ARG B 13 -1.30 13.94 -7.05
N TYR B 14 -1.52 14.86 -6.12
CA TYR B 14 -2.81 14.99 -5.46
C TYR B 14 -3.41 16.38 -5.65
N GLN B 15 -2.72 17.21 -6.44
CA GLN B 15 -3.07 18.62 -6.63
C GLN B 15 -4.55 18.84 -6.97
N ALA B 16 -4.99 18.16 -8.03
CA ALA B 16 -6.32 18.36 -8.56
C ALA B 16 -7.39 18.10 -7.50
N LEU B 17 -7.18 17.07 -6.70
CA LEU B 17 -8.18 16.66 -5.73
C LEU B 17 -8.59 17.81 -4.82
N PHE B 18 -7.61 18.47 -4.22
CA PHE B 18 -7.94 19.59 -3.34
C PHE B 18 -8.43 20.73 -4.21
N SER B 19 -7.81 20.90 -5.38
CA SER B 19 -8.17 22.02 -6.26
C SER B 19 -9.67 22.06 -6.52
N ASN B 20 -10.30 20.90 -6.64
CA ASN B 20 -11.76 20.83 -6.80
C ASN B 20 -12.48 20.85 -5.46
N ALA B 21 -11.96 20.04 -4.54
CA ALA B 21 -12.62 19.81 -3.25
C ALA B 21 -12.88 21.12 -2.53
N ALA B 22 -11.84 21.95 -2.42
CA ALA B 22 -11.95 23.25 -1.76
C ALA B 22 -13.10 24.05 -2.33
N ALA B 23 -13.28 23.97 -3.65
CA ALA B 23 -14.35 24.68 -4.32
C ALA B 23 -15.72 24.13 -3.95
N VAL B 24 -15.90 22.83 -4.11
CA VAL B 24 -17.19 22.20 -3.83
C VAL B 24 -17.63 22.48 -2.41
N LYS B 25 -16.70 22.20 -1.48
CA LYS B 25 -16.90 22.44 -0.07
C LYS B 25 -17.27 23.91 0.14
N ALA B 26 -16.53 24.83 -0.47
CA ALA B 26 -16.80 26.25 -0.27
C ALA B 26 -18.18 26.67 -0.79
N LEU B 27 -18.69 25.94 -1.77
CA LEU B 27 -20.01 26.25 -2.33
C LEU B 27 -21.10 25.75 -1.42
N THR B 28 -21.01 24.48 -1.07
CA THR B 28 -22.05 23.85 -0.28
C THR B 28 -22.07 24.49 1.10
N GLN B 29 -20.92 24.93 1.57
CA GLN B 29 -20.84 25.65 2.83
C GLN B 29 -21.70 26.91 2.77
N VAL B 30 -21.97 27.40 1.57
CA VAL B 30 -22.83 28.56 1.41
C VAL B 30 -24.28 28.13 1.31
N VAL B 31 -24.55 27.15 0.46
CA VAL B 31 -25.94 26.77 0.23
C VAL B 31 -26.58 26.15 1.48
N ALA B 32 -25.72 25.59 2.33
CA ALA B 32 -26.14 24.97 3.58
C ALA B 32 -26.70 25.98 4.56
N ASN B 33 -26.16 27.20 4.52
CA ASN B 33 -26.63 28.27 5.39
C ASN B 33 -28.12 28.51 5.23
N SER B 34 -28.61 28.21 4.03
CA SER B 34 -29.98 28.54 3.67
C SER B 34 -30.88 27.30 3.78
N LEU B 35 -30.29 26.16 4.11
CA LEU B 35 -31.06 24.93 4.18
C LEU B 35 -31.97 24.93 5.39
N GLY B 36 -33.14 24.32 5.25
CA GLY B 36 -34.05 24.14 6.37
C GLY B 36 -34.87 25.37 6.72
N PRO B 37 -35.98 25.14 7.43
CA PRO B 37 -36.96 26.16 7.81
C PRO B 37 -36.35 27.35 8.54
N LYS B 38 -35.26 27.13 9.26
CA LYS B 38 -34.59 28.25 9.90
C LYS B 38 -33.25 28.50 9.23
N GLY B 39 -33.20 28.29 7.91
CA GLY B 39 -32.01 28.58 7.14
C GLY B 39 -31.72 30.06 7.14
N LEU B 40 -30.55 30.45 6.66
CA LEU B 40 -30.23 31.87 6.59
C LEU B 40 -30.19 32.36 5.15
N ASP B 41 -29.83 33.62 4.96
CA ASP B 41 -29.83 34.17 3.63
C ASP B 41 -28.43 34.58 3.22
N ALA B 42 -28.27 34.87 1.94
CA ALA B 42 -26.98 35.27 1.43
C ALA B 42 -27.10 36.47 0.48
N MET B 43 -26.03 37.25 0.41
CA MET B 43 -26.07 38.51 -0.31
C MET B 43 -25.14 38.43 -1.51
N LEU B 44 -25.75 38.29 -2.69
CA LEU B 44 -25.03 38.11 -3.93
C LEU B 44 -24.87 39.43 -4.68
N VAL B 45 -23.77 39.54 -5.41
CA VAL B 45 -23.44 40.77 -6.12
C VAL B 45 -23.22 40.59 -7.61
N ASP B 46 -23.89 41.42 -8.39
CA ASP B 46 -23.53 41.59 -9.78
C ASP B 46 -22.56 42.78 -9.88
N ARG B 47 -21.62 42.67 -10.81
CA ARG B 47 -20.50 43.61 -10.95
C ARG B 47 -20.94 45.06 -11.04
N PHE B 48 -22.18 45.27 -11.49
CA PHE B 48 -22.77 46.61 -11.55
C PHE B 48 -23.11 47.10 -10.14
N GLY B 49 -22.72 46.33 -9.13
CA GLY B 49 -22.98 46.69 -7.75
C GLY B 49 -24.39 46.30 -7.39
N GLU B 50 -24.98 45.44 -8.21
CA GLU B 50 -26.33 44.95 -7.95
C GLU B 50 -26.33 44.00 -6.77
N VAL B 51 -27.34 44.12 -5.91
CA VAL B 51 -27.38 43.40 -4.64
C VAL B 51 -28.61 42.47 -4.59
N VAL B 52 -28.42 41.27 -4.06
CA VAL B 52 -29.51 40.30 -3.98
C VAL B 52 -29.47 39.55 -2.66
N VAL B 53 -30.63 39.33 -2.04
CA VAL B 53 -30.69 38.54 -0.82
C VAL B 53 -31.52 37.29 -1.06
N THR B 54 -30.89 36.13 -1.07
CA THR B 54 -31.66 34.92 -1.31
C THR B 54 -31.69 33.98 -0.11
N ASN B 55 -32.79 33.23 -0.01
CA ASN B 55 -33.00 32.28 1.07
C ASN B 55 -33.26 30.88 0.51
N ASP B 56 -33.85 30.84 -0.67
CA ASP B 56 -34.05 29.58 -1.37
C ASP B 56 -32.73 29.22 -2.02
N GLY B 57 -32.42 27.92 -2.02
CA GLY B 57 -31.14 27.49 -2.52
C GLY B 57 -31.01 27.76 -3.99
N VAL B 58 -32.04 27.43 -4.76
CA VAL B 58 -31.98 27.50 -6.21
C VAL B 58 -31.50 28.85 -6.73
N THR B 59 -32.00 29.92 -6.10
CA THR B 59 -31.61 31.27 -6.46
C THR B 59 -30.11 31.44 -6.28
N ILE B 60 -29.61 30.94 -5.15
CA ILE B 60 -28.20 31.08 -4.80
C ILE B 60 -27.34 30.25 -5.76
N LEU B 61 -27.83 29.07 -6.08
CA LEU B 61 -27.20 28.19 -7.05
C LEU B 61 -27.09 28.89 -8.39
N THR B 62 -28.01 29.81 -8.65
CA THR B 62 -28.09 30.45 -9.96
C THR B 62 -27.25 31.71 -10.05
N LEU B 63 -27.29 32.54 -9.01
CA LEU B 63 -26.66 33.86 -9.06
C LEU B 63 -25.19 33.88 -8.64
N MET B 64 -24.78 32.87 -7.87
CA MET B 64 -23.43 32.85 -7.32
C MET B 64 -22.34 32.75 -8.36
N ASP B 65 -21.43 33.73 -8.34
CA ASP B 65 -20.30 33.71 -9.26
C ASP B 65 -19.34 32.60 -8.87
N ALA B 66 -19.58 31.41 -9.39
CA ALA B 66 -18.73 30.27 -9.13
C ALA B 66 -18.26 29.67 -10.45
N GLN B 67 -17.11 30.15 -10.95
CA GLN B 67 -16.61 29.71 -12.24
C GLN B 67 -15.80 28.41 -12.18
N HIS B 68 -15.49 27.95 -10.96
CA HIS B 68 -14.65 26.76 -10.82
C HIS B 68 -15.35 25.52 -11.38
N PRO B 69 -14.65 24.77 -12.26
CA PRO B 69 -15.19 23.64 -13.03
C PRO B 69 -16.00 22.68 -12.18
N ALA B 70 -15.51 22.36 -10.99
CA ALA B 70 -16.26 21.50 -10.08
C ALA B 70 -17.58 22.15 -9.73
N ALA B 71 -17.51 23.37 -9.21
CA ALA B 71 -18.70 24.11 -8.81
C ALA B 71 -19.71 24.18 -9.95
N ARG B 72 -19.22 24.45 -11.15
CA ARG B 72 -20.06 24.48 -12.34
C ARG B 72 -20.73 23.12 -12.50
N MET B 73 -19.96 22.06 -12.28
CA MET B 73 -20.48 20.71 -12.45
C MET B 73 -21.43 20.31 -11.33
N VAL B 74 -21.51 21.13 -10.29
CA VAL B 74 -22.53 20.95 -9.27
C VAL B 74 -23.78 21.71 -9.69
N VAL B 75 -23.56 22.92 -10.20
CA VAL B 75 -24.64 23.74 -10.73
C VAL B 75 -25.41 22.89 -11.72
N ASN B 76 -24.67 22.16 -12.56
CA ASN B 76 -25.27 21.26 -13.53
C ASN B 76 -26.21 20.25 -12.87
N MET B 77 -25.83 19.75 -11.70
CA MET B 77 -26.67 18.81 -11.00
C MET B 77 -27.94 19.48 -10.49
N ALA B 78 -27.78 20.68 -9.93
CA ALA B 78 -28.93 21.44 -9.43
C ALA B 78 -29.94 21.68 -10.56
N ARG B 79 -29.41 22.13 -11.68
CA ARG B 79 -30.19 22.35 -12.88
C ARG B 79 -30.86 21.07 -13.32
N ALA B 80 -30.16 19.96 -13.17
CA ALA B 80 -30.69 18.68 -13.61
C ALA B 80 -31.77 18.12 -12.72
N GLN B 81 -31.78 18.49 -11.45
CA GLN B 81 -32.83 17.97 -10.58
C GLN B 81 -34.05 18.89 -10.51
N GLU B 82 -33.80 20.19 -10.39
CA GLU B 82 -34.92 21.14 -10.29
C GLU B 82 -35.78 21.08 -11.54
N ARG B 83 -35.15 20.66 -12.64
CA ARG B 83 -35.83 20.51 -13.92
C ARG B 83 -36.70 19.24 -13.93
N GLU B 84 -36.35 18.28 -13.09
CA GLU B 84 -37.02 16.98 -13.11
C GLU B 84 -37.93 16.76 -11.91
N VAL B 85 -37.78 17.60 -10.89
CA VAL B 85 -38.58 17.46 -9.67
C VAL B 85 -39.28 18.75 -9.29
N GLY B 86 -38.51 19.74 -8.83
CA GLY B 86 -39.07 21.01 -8.41
C GLY B 86 -38.89 21.27 -6.92
N ASP B 87 -38.87 20.20 -6.13
CA ASP B 87 -38.58 20.32 -4.71
C ASP B 87 -37.37 19.47 -4.33
N GLY B 88 -36.74 19.81 -3.21
CA GLY B 88 -35.61 19.03 -2.73
C GLY B 88 -34.37 19.09 -3.59
N THR B 89 -33.98 20.27 -4.04
CA THR B 89 -32.71 20.42 -4.72
C THR B 89 -31.60 20.84 -3.76
N THR B 90 -31.91 21.82 -2.92
CA THR B 90 -30.96 22.30 -1.90
C THR B 90 -30.36 21.12 -1.14
N THR B 91 -31.24 20.19 -0.76
CA THR B 91 -30.84 18.98 -0.04
C THR B 91 -29.75 18.27 -0.82
N ALA B 92 -30.08 17.81 -2.01
CA ALA B 92 -29.14 17.05 -2.82
C ALA B 92 -27.84 17.82 -3.05
N ALA B 93 -27.92 19.15 -3.07
CA ALA B 93 -26.72 19.96 -3.18
C ALA B 93 -25.82 19.76 -1.97
N VAL B 94 -26.37 20.07 -0.79
CA VAL B 94 -25.63 19.93 0.46
C VAL B 94 -25.07 18.53 0.61
N LEU B 95 -25.93 17.53 0.41
CA LEU B 95 -25.56 16.13 0.49
C LEU B 95 -24.39 15.81 -0.43
N ALA B 96 -24.46 16.33 -1.65
CA ALA B 96 -23.37 16.14 -2.60
C ALA B 96 -22.06 16.68 -2.05
N GLY B 97 -22.06 17.94 -1.61
CA GLY B 97 -20.85 18.54 -1.09
C GLY B 97 -20.27 17.78 0.08
N ALA B 98 -21.15 17.27 0.93
CA ALA B 98 -20.74 16.50 2.09
C ALA B 98 -20.06 15.22 1.63
N LEU B 99 -20.69 14.53 0.69
CA LEU B 99 -20.13 13.33 0.11
C LEU B 99 -18.74 13.59 -0.46
N VAL B 100 -18.56 14.79 -1.02
CA VAL B 100 -17.25 15.18 -1.51
C VAL B 100 -16.24 15.22 -0.37
N SER B 101 -16.51 16.06 0.64
CA SER B 101 -15.57 16.26 1.73
C SER B 101 -15.24 14.95 2.44
N GLU B 102 -16.27 14.32 3.00
CA GLU B 102 -16.11 13.07 3.72
C GLU B 102 -15.64 11.95 2.80
N GLY B 103 -15.75 12.19 1.50
CA GLY B 103 -15.17 11.30 0.52
C GLY B 103 -13.65 11.42 0.51
N VAL B 104 -13.17 12.66 0.43
CA VAL B 104 -11.74 12.91 0.34
C VAL B 104 -11.02 12.55 1.63
N ASN B 105 -11.71 12.73 2.76
CA ASN B 105 -11.10 12.42 4.06
C ASN B 105 -10.48 11.03 4.13
N GLN B 106 -11.12 10.05 3.50
CA GLN B 106 -10.59 8.70 3.56
C GLN B 106 -9.38 8.56 2.63
N ILE B 107 -9.34 9.35 1.57
CA ILE B 107 -8.20 9.29 0.68
C ILE B 107 -7.01 9.89 1.39
N LEU B 108 -7.27 10.95 2.15
CA LEU B 108 -6.22 11.60 2.94
C LEU B 108 -5.77 10.64 4.02
N LYS B 109 -6.72 9.84 4.50
CA LYS B 109 -6.41 8.82 5.48
C LYS B 109 -5.58 7.71 4.86
N GLY B 110 -5.84 7.42 3.59
CA GLY B 110 -5.05 6.44 2.88
C GLY B 110 -5.85 5.43 2.06
N VAL B 111 -7.17 5.54 2.04
CA VAL B 111 -7.97 4.59 1.28
C VAL B 111 -7.86 4.94 -0.19
N PRO B 112 -7.39 3.99 -1.01
CA PRO B 112 -7.22 4.19 -2.45
C PRO B 112 -8.56 4.40 -3.14
N VAL B 113 -8.57 5.27 -4.15
CA VAL B 113 -9.80 5.80 -4.75
C VAL B 113 -10.82 4.78 -5.27
N SER B 114 -10.37 3.95 -6.21
CA SER B 114 -11.25 3.01 -6.90
C SER B 114 -11.96 2.06 -5.94
N LYS B 115 -11.21 1.57 -4.95
CA LYS B 115 -11.74 0.64 -3.98
C LYS B 115 -12.70 1.36 -3.04
N VAL B 116 -12.66 2.70 -3.04
CA VAL B 116 -13.65 3.48 -2.28
C VAL B 116 -14.96 3.59 -3.05
N LEU B 117 -14.84 4.15 -4.24
CA LEU B 117 -16.01 4.41 -5.08
C LEU B 117 -16.82 3.15 -5.40
N ALA B 118 -16.11 2.06 -5.72
CA ALA B 118 -16.76 0.82 -6.17
C ALA B 118 -17.83 0.36 -5.18
N GLY B 119 -17.47 0.40 -3.90
CA GLY B 119 -18.39 0.07 -2.84
C GLY B 119 -19.35 1.19 -2.52
N MET B 120 -18.90 2.44 -2.68
CA MET B 120 -19.80 3.57 -2.47
C MET B 120 -21.04 3.33 -3.30
N ASN B 121 -20.83 2.75 -4.48
CA ASN B 121 -21.93 2.37 -5.34
C ASN B 121 -22.87 1.37 -4.63
N ARG B 122 -22.29 0.41 -3.92
CA ARG B 122 -23.08 -0.54 -3.16
C ARG B 122 -23.93 0.20 -2.14
N ALA B 123 -23.30 1.16 -1.46
CA ALA B 123 -24.00 1.98 -0.47
C ALA B 123 -25.18 2.67 -1.13
N LEU B 124 -24.95 3.17 -2.34
CA LEU B 124 -26.00 3.83 -3.08
C LEU B 124 -27.16 2.87 -3.30
N ASN B 125 -26.87 1.75 -3.94
CA ASN B 125 -27.90 0.76 -4.24
C ASN B 125 -28.72 0.35 -3.03
N HIS B 126 -28.05 0.11 -1.91
CA HIS B 126 -28.77 -0.27 -0.70
C HIS B 126 -29.65 0.89 -0.22
N ALA B 127 -29.12 2.10 -0.32
CA ALA B 127 -29.86 3.29 0.10
C ALA B 127 -31.15 3.41 -0.69
N LEU B 128 -31.01 3.34 -2.02
CA LEU B 128 -32.13 3.38 -2.94
C LEU B 128 -33.14 2.31 -2.56
N PHE B 129 -32.63 1.10 -2.38
CA PHE B 129 -33.45 -0.04 -2.00
C PHE B 129 -34.30 0.27 -0.78
N LEU B 130 -33.73 1.02 0.15
CA LEU B 130 -34.43 1.39 1.37
C LEU B 130 -35.45 2.49 1.10
N ILE B 131 -35.13 3.37 0.16
CA ILE B 131 -36.06 4.43 -0.21
C ILE B 131 -37.31 3.83 -0.85
N ARG B 132 -37.12 2.87 -1.77
CA ARG B 132 -38.23 2.16 -2.38
C ARG B 132 -39.06 1.40 -1.36
N LYS B 133 -38.42 0.47 -0.65
CA LYS B 133 -39.15 -0.39 0.26
C LYS B 133 -39.84 0.36 1.42
N ASN B 134 -39.23 1.43 1.91
CA ASN B 134 -39.81 2.10 3.07
C ASN B 134 -40.79 3.21 2.70
N ALA B 135 -40.98 3.43 1.40
CA ALA B 135 -41.94 4.44 0.94
C ALA B 135 -43.37 4.06 1.31
N ILE B 136 -43.94 4.74 2.30
CA ILE B 136 -45.30 4.47 2.72
C ILE B 136 -46.25 4.93 1.62
N LYS B 137 -46.84 3.98 0.90
CA LYS B 137 -47.80 4.31 -0.14
C LYS B 137 -49.16 4.66 0.45
N VAL B 138 -49.89 5.52 -0.24
CA VAL B 138 -51.10 6.11 0.32
C VAL B 138 -52.31 5.20 0.16
N GLY B 139 -52.75 4.99 -1.07
CA GLY B 139 -53.90 4.12 -1.33
C GLY B 139 -55.25 4.68 -0.95
N SER B 140 -55.35 6.00 -0.77
CA SER B 140 -56.61 6.60 -0.33
C SER B 140 -56.89 7.96 -0.96
N ILE B 141 -55.86 8.61 -1.47
CA ILE B 141 -55.93 9.93 -2.11
C ILE B 141 -56.55 11.03 -1.23
N THR B 142 -57.20 10.64 -0.15
CA THR B 142 -57.83 11.60 0.76
C THR B 142 -56.98 11.77 2.01
N ASP B 143 -55.96 10.93 2.12
CA ASP B 143 -55.10 10.86 3.30
C ASP B 143 -54.52 12.21 3.70
N ASP B 144 -54.54 12.49 5.00
CA ASP B 144 -54.02 13.74 5.52
C ASP B 144 -52.54 13.86 5.23
N ARG B 145 -51.86 12.73 5.14
CA ARG B 145 -50.43 12.71 4.85
C ARG B 145 -50.14 13.41 3.53
N LEU B 146 -51.05 13.27 2.57
CA LEU B 146 -50.93 13.97 1.30
C LEU B 146 -51.19 15.46 1.42
N LEU B 147 -52.25 15.83 2.15
CA LEU B 147 -52.57 17.24 2.35
C LEU B 147 -51.36 17.94 2.95
N ALA B 148 -50.71 17.26 3.90
CA ALA B 148 -49.49 17.77 4.51
C ALA B 148 -48.36 17.80 3.49
N ALA B 149 -48.33 16.80 2.62
CA ALA B 149 -47.31 16.73 1.57
C ALA B 149 -47.38 17.98 0.71
N ALA B 150 -48.58 18.52 0.54
CA ALA B 150 -48.74 19.79 -0.15
C ALA B 150 -48.46 20.95 0.80
N LYS B 151 -48.70 20.74 2.08
CA LYS B 151 -48.56 21.80 3.08
C LYS B 151 -47.12 22.26 3.20
N ILE B 152 -46.19 21.31 3.22
CA ILE B 152 -44.79 21.66 3.49
C ILE B 152 -44.17 22.46 2.35
N ALA B 153 -44.59 22.16 1.12
CA ALA B 153 -44.13 22.89 -0.04
C ALA B 153 -44.90 24.20 -0.16
N GLY B 154 -46.08 24.24 0.45
CA GLY B 154 -47.00 25.36 0.34
C GLY B 154 -46.65 26.63 1.10
N ARG B 155 -45.77 26.52 2.10
CA ARG B 155 -45.42 27.60 3.03
C ARG B 155 -46.49 27.82 4.09
N GLY B 156 -47.48 26.95 4.14
CA GLY B 156 -48.48 26.99 5.18
C GLY B 156 -49.75 27.70 4.79
N ASP B 157 -50.27 27.37 3.61
CA ASP B 157 -51.58 27.86 3.22
C ASP B 157 -52.53 26.69 3.05
N GLU B 158 -53.22 26.30 4.13
CA GLU B 158 -54.07 25.12 4.10
C GLU B 158 -55.16 25.23 3.04
N ARG B 159 -55.47 26.46 2.64
CA ARG B 159 -56.39 26.70 1.54
C ARG B 159 -55.88 26.05 0.26
N VAL B 160 -54.64 26.37 -0.10
CA VAL B 160 -54.03 25.86 -1.31
C VAL B 160 -53.99 24.35 -1.29
N ALA B 161 -53.58 23.80 -0.16
CA ALA B 161 -53.53 22.36 0.04
C ALA B 161 -54.90 21.74 -0.21
N ALA B 162 -55.91 22.26 0.46
CA ALA B 162 -57.26 21.72 0.38
C ALA B 162 -57.78 21.74 -1.05
N ILE B 163 -57.64 22.88 -1.70
CA ILE B 163 -58.19 23.01 -3.04
C ILE B 163 -57.42 22.09 -3.99
N LEU B 164 -56.12 21.93 -3.76
CA LEU B 164 -55.32 21.05 -4.59
C LEU B 164 -55.72 19.58 -4.43
N ARG B 165 -55.91 19.16 -3.19
CA ARG B 165 -56.31 17.78 -2.93
C ARG B 165 -57.69 17.49 -3.51
N ASP B 166 -58.63 18.42 -3.33
CA ASP B 166 -59.97 18.21 -3.85
C ASP B 166 -59.95 18.15 -5.38
N ALA B 167 -59.08 18.98 -5.97
CA ALA B 167 -58.90 18.99 -7.42
C ALA B 167 -58.36 17.64 -7.87
N ALA B 168 -57.37 17.15 -7.14
CA ALA B 168 -56.75 15.86 -7.44
C ALA B 168 -57.78 14.75 -7.30
N ALA B 169 -58.76 14.96 -6.43
CA ALA B 169 -59.86 14.02 -6.29
C ALA B 169 -60.66 14.05 -7.58
N MET B 170 -60.88 15.25 -8.09
CA MET B 170 -61.57 15.40 -9.38
C MET B 170 -60.79 14.74 -10.52
N LEU B 171 -59.48 14.63 -10.38
CA LEU B 171 -58.66 14.04 -11.45
C LEU B 171 -57.76 12.88 -11.07
N GLU B 172 -58.24 11.99 -10.21
CA GLU B 172 -57.38 10.93 -9.71
C GLU B 172 -56.98 9.98 -10.84
N ASP B 173 -57.81 9.92 -11.88
CA ASP B 173 -57.59 9.00 -12.98
C ASP B 173 -56.55 9.49 -13.99
N LYS B 174 -56.52 10.80 -14.19
CA LYS B 174 -55.64 11.40 -15.18
C LYS B 174 -54.32 11.85 -14.56
N LEU B 175 -54.04 11.35 -13.37
CA LEU B 175 -52.75 11.59 -12.73
C LEU B 175 -51.71 10.58 -13.21
N GLN B 176 -52.12 9.69 -14.11
CA GLN B 176 -51.23 8.62 -14.59
C GLN B 176 -50.54 8.90 -15.91
N ASP B 177 -50.90 9.98 -16.60
CA ASP B 177 -50.23 10.32 -17.85
C ASP B 177 -49.11 11.33 -17.61
N PRO B 178 -47.85 10.88 -17.77
CA PRO B 178 -46.68 11.75 -17.58
C PRO B 178 -46.58 12.86 -18.62
N GLY B 179 -47.39 12.80 -19.67
CA GLY B 179 -47.49 13.87 -20.64
C GLY B 179 -48.49 14.91 -20.15
N PHE B 180 -48.64 14.95 -18.83
CA PHE B 180 -49.55 15.87 -18.15
C PHE B 180 -48.89 16.37 -16.88
N LYS B 181 -48.94 17.68 -16.66
CA LYS B 181 -48.47 18.24 -15.40
C LYS B 181 -49.65 18.82 -14.63
N LEU B 182 -49.82 18.34 -13.40
CA LEU B 182 -50.92 18.79 -12.56
C LEU B 182 -50.74 20.25 -12.19
N ALA B 183 -49.48 20.66 -12.06
CA ALA B 183 -49.13 22.01 -11.64
C ALA B 183 -49.69 23.05 -12.61
N ASP B 184 -49.95 22.63 -13.84
CA ASP B 184 -50.43 23.55 -14.86
C ASP B 184 -51.89 23.89 -14.66
N LEU B 185 -52.59 23.10 -13.84
CA LEU B 185 -54.02 23.32 -13.63
C LEU B 185 -54.25 24.43 -12.64
N VAL B 186 -53.18 25.12 -12.25
CA VAL B 186 -53.28 26.22 -11.29
C VAL B 186 -52.77 27.52 -11.87
N LEU B 187 -53.56 28.57 -11.75
CA LEU B 187 -53.09 29.92 -12.06
C LEU B 187 -53.64 30.87 -11.01
N ALA B 188 -52.79 31.77 -10.53
CA ALA B 188 -53.20 32.70 -9.48
C ALA B 188 -53.50 34.07 -10.08
N LYS B 189 -54.51 34.74 -9.52
CA LYS B 189 -54.96 36.02 -10.03
C LYS B 189 -55.19 37.05 -8.92
N VAL B 190 -54.88 38.30 -9.24
CA VAL B 190 -55.03 39.41 -8.30
C VAL B 190 -56.46 39.62 -7.82
N GLY B 191 -56.64 39.75 -6.51
CA GLY B 191 -57.92 40.08 -5.91
C GLY B 191 -59.00 39.02 -6.03
N ALA B 192 -58.61 37.82 -6.41
CA ALA B 192 -59.56 36.72 -6.54
C ALA B 192 -59.85 36.07 -5.20
N ASP B 193 -60.67 35.02 -5.22
CA ASP B 193 -61.02 34.27 -4.01
C ASP B 193 -60.61 32.82 -4.19
N THR B 194 -59.71 32.33 -3.34
CA THR B 194 -59.10 31.03 -3.51
C THR B 194 -60.09 29.87 -3.61
N THR B 195 -60.35 29.42 -4.83
CA THR B 195 -61.31 28.34 -5.07
C THR B 195 -61.00 27.44 -6.27
N LEU B 196 -61.89 26.48 -6.50
CA LEU B 196 -61.78 25.51 -7.57
C LEU B 196 -62.85 25.77 -8.63
N ILE B 197 -62.46 25.61 -9.89
CA ILE B 197 -63.39 25.77 -11.01
C ILE B 197 -63.41 24.50 -11.85
N PRO B 198 -64.63 23.97 -12.09
CA PRO B 198 -64.83 22.72 -12.82
C PRO B 198 -64.73 22.88 -14.33
N GLY B 199 -63.73 23.62 -14.78
CA GLY B 199 -63.51 23.84 -16.19
C GLY B 199 -62.20 24.52 -16.44
N VAL B 200 -62.07 25.16 -17.60
CA VAL B 200 -60.86 25.91 -17.91
C VAL B 200 -61.22 27.39 -17.94
N VAL B 201 -60.31 28.24 -17.47
CA VAL B 201 -60.62 29.67 -17.39
C VAL B 201 -59.63 30.51 -18.18
N ILE B 202 -60.10 31.66 -18.66
CA ILE B 202 -59.24 32.64 -19.28
C ILE B 202 -59.42 33.99 -18.60
N ASN B 203 -58.36 34.47 -17.96
CA ASN B 203 -58.44 35.73 -17.20
C ASN B 203 -58.16 36.98 -18.03
N LYS B 204 -59.16 37.37 -18.82
CA LYS B 204 -59.10 38.60 -19.60
C LYS B 204 -60.53 39.07 -19.83
N SER B 205 -60.70 40.35 -20.12
CA SER B 205 -62.02 40.84 -20.47
C SER B 205 -62.14 40.79 -21.97
N PRO B 206 -63.26 40.24 -22.48
CA PRO B 206 -63.51 40.20 -23.91
C PRO B 206 -63.56 41.61 -24.51
N LEU B 207 -63.59 41.69 -25.84
CA LEU B 207 -63.67 42.97 -26.55
C LEU B 207 -65.06 43.57 -26.27
N TRP B 208 -65.89 42.79 -25.59
CA TRP B 208 -67.24 43.18 -25.21
C TRP B 208 -67.45 43.31 -23.71
N GLU B 209 -67.98 44.45 -23.28
CA GLU B 209 -68.34 44.62 -21.89
C GLU B 209 -69.84 44.82 -21.90
N GLU B 210 -70.53 44.17 -20.97
CA GLU B 210 -71.97 44.29 -20.85
C GLU B 210 -72.37 44.14 -19.39
N GLY B 211 -71.40 43.75 -18.58
CA GLY B 211 -71.64 43.39 -17.19
C GLY B 211 -71.47 41.89 -17.18
N SER B 212 -71.55 41.27 -16.02
CA SER B 212 -71.50 39.81 -15.94
C SER B 212 -72.53 39.17 -16.88
N GLN B 213 -72.06 38.30 -17.76
CA GLN B 213 -72.90 37.72 -18.81
C GLN B 213 -72.68 36.22 -18.95
N LYS B 214 -73.73 35.49 -19.30
CA LYS B 214 -73.64 34.04 -19.39
C LYS B 214 -74.26 33.49 -20.68
N LEU B 215 -73.55 32.56 -21.33
CA LEU B 215 -74.05 31.87 -22.52
C LEU B 215 -73.89 30.35 -22.44
N GLN B 216 -74.85 29.62 -23.02
CA GLN B 216 -74.85 28.16 -22.96
C GLN B 216 -74.80 27.50 -24.34
N GLU B 217 -74.49 26.21 -24.35
CA GLU B 217 -74.36 25.41 -25.57
C GLU B 217 -73.46 26.06 -26.63
N VAL B 218 -72.25 26.42 -26.23
CA VAL B 218 -71.35 27.17 -27.09
C VAL B 218 -70.74 26.30 -28.19
N ARG B 219 -71.13 26.58 -29.43
CA ARG B 219 -70.44 26.02 -30.58
C ARG B 219 -69.30 26.99 -30.88
N LEU B 220 -68.07 26.57 -30.60
CA LEU B 220 -66.93 27.47 -30.73
C LEU B 220 -65.84 26.93 -31.65
N LEU B 221 -65.09 27.86 -32.25
CA LEU B 221 -63.94 27.49 -33.05
C LEU B 221 -62.71 28.17 -32.48
N VAL B 222 -61.59 27.44 -32.48
CA VAL B 222 -60.36 27.95 -31.91
C VAL B 222 -59.31 28.27 -32.98
N LEU B 223 -58.58 29.35 -32.78
CA LEU B 223 -57.56 29.78 -33.74
C LEU B 223 -56.24 30.14 -33.08
N ASP B 224 -55.17 29.51 -33.58
CA ASP B 224 -53.82 29.90 -33.20
C ASP B 224 -53.41 31.05 -34.12
N ASP B 225 -54.26 32.07 -34.17
CA ASP B 225 -54.10 33.15 -35.13
C ASP B 225 -55.00 34.34 -34.75
N GLY B 226 -55.17 35.26 -35.69
CA GLY B 226 -56.00 36.42 -35.48
C GLY B 226 -57.02 36.54 -36.59
N LEU B 227 -58.04 37.37 -36.39
CA LEU B 227 -59.11 37.49 -37.36
C LEU B 227 -58.81 38.63 -38.32
N TYR B 228 -57.89 38.38 -39.25
CA TYR B 228 -57.54 39.32 -40.30
C TYR B 228 -57.96 38.74 -41.64
N PRO B 229 -58.10 39.60 -42.66
CA PRO B 229 -58.23 39.07 -44.01
C PRO B 229 -56.87 38.53 -44.44
N GLU B 230 -56.79 37.81 -45.55
CA GLU B 230 -55.53 37.24 -45.99
C GLU B 230 -54.60 38.39 -46.39
N GLU B 231 -53.35 38.33 -45.91
CA GLU B 231 -52.41 39.42 -46.11
C GLU B 231 -51.60 39.26 -47.39
N VAL B 232 -51.15 40.39 -47.95
CA VAL B 232 -50.29 40.39 -49.12
C VAL B 232 -49.16 41.41 -48.93
N GLU B 233 -48.00 41.14 -49.52
CA GLU B 233 -46.81 41.97 -49.36
C GLU B 233 -47.05 43.46 -49.65
N GLU B 234 -46.40 44.32 -48.90
CA GLU B 234 -46.56 45.76 -49.06
C GLU B 234 -46.04 46.20 -50.42
N GLU B 235 -44.97 45.55 -50.87
CA GLU B 235 -44.42 45.77 -52.21
C GLU B 235 -45.42 45.34 -53.28
N ALA B 236 -46.16 44.27 -53.00
CA ALA B 236 -47.13 43.72 -53.93
C ALA B 236 -48.32 44.66 -54.12
N LEU B 237 -48.31 45.78 -53.41
CA LEU B 237 -49.31 46.82 -53.58
C LEU B 237 -48.91 47.75 -54.70
N ALA B 238 -47.83 47.40 -55.40
CA ALA B 238 -47.40 48.18 -56.55
C ALA B 238 -47.65 47.40 -57.84
N SER B 239 -48.54 46.40 -57.76
CA SER B 239 -48.78 45.54 -58.91
C SER B 239 -50.22 45.54 -59.44
N GLU B 240 -51.04 46.47 -58.96
CA GLU B 240 -52.42 46.63 -59.46
C GLU B 240 -53.32 45.39 -59.32
N ALA B 241 -52.83 44.24 -59.76
CA ALA B 241 -53.54 42.97 -59.62
C ALA B 241 -53.71 42.67 -58.13
N GLY B 242 -52.71 43.09 -57.36
CA GLY B 242 -52.73 42.94 -55.92
C GLY B 242 -53.86 43.71 -55.28
N PHE B 243 -54.26 44.83 -55.89
CA PHE B 243 -55.37 45.62 -55.36
C PHE B 243 -56.70 44.89 -55.47
N GLU B 244 -56.95 44.31 -56.64
CA GLU B 244 -58.21 43.61 -56.88
C GLU B 244 -58.24 42.24 -56.21
N GLN B 245 -57.09 41.59 -56.10
CA GLN B 245 -56.99 40.36 -55.32
C GLN B 245 -57.21 40.68 -53.84
N TYR B 246 -56.76 41.86 -53.44
CA TYR B 246 -56.98 42.34 -52.08
C TYR B 246 -58.47 42.53 -51.83
N LEU B 247 -59.15 43.16 -52.78
CA LEU B 247 -60.59 43.35 -52.68
C LEU B 247 -61.38 42.04 -52.67
N LYS B 248 -60.93 41.09 -53.50
CA LYS B 248 -61.56 39.78 -53.57
C LYS B 248 -61.40 39.05 -52.25
N ASN B 249 -60.21 39.17 -51.67
CA ASN B 249 -59.94 38.57 -50.37
C ASN B 249 -60.79 39.24 -49.29
N GLN B 250 -60.99 40.54 -49.42
CA GLN B 250 -61.90 41.28 -48.56
C GLN B 250 -63.30 40.69 -48.67
N LYS B 251 -63.66 40.26 -49.87
CA LYS B 251 -64.96 39.64 -50.11
C LYS B 251 -65.09 38.27 -49.45
N ILE B 252 -64.10 37.41 -49.70
CA ILE B 252 -64.15 36.04 -49.19
C ILE B 252 -64.07 35.98 -47.67
N PHE B 253 -63.43 37.00 -47.09
CA PHE B 253 -63.34 37.08 -45.63
C PHE B 253 -64.74 37.19 -45.02
N GLN B 254 -65.51 38.16 -45.50
CA GLN B 254 -66.88 38.34 -45.01
C GLN B 254 -67.76 37.17 -45.43
N GLU B 255 -67.56 36.62 -46.63
CA GLU B 255 -68.31 35.43 -47.04
C GLU B 255 -68.17 34.31 -46.01
N ASN B 256 -66.93 34.03 -45.61
CA ASN B 256 -66.71 33.01 -44.60
C ASN B 256 -67.24 33.45 -43.25
N LEU B 257 -67.28 34.76 -43.01
CA LEU B 257 -67.93 35.26 -41.80
C LEU B 257 -69.39 34.79 -41.79
N LYS B 258 -70.07 34.92 -42.93
CA LYS B 258 -71.45 34.42 -43.02
C LYS B 258 -71.49 32.90 -42.84
N LYS B 259 -70.47 32.22 -43.37
CA LYS B 259 -70.35 30.78 -43.18
C LYS B 259 -70.25 30.42 -41.71
N LEU B 260 -69.69 31.34 -40.92
CA LEU B 260 -69.61 31.16 -39.48
C LEU B 260 -70.95 31.43 -38.82
N LYS B 261 -71.63 32.50 -39.23
CA LYS B 261 -72.93 32.86 -38.66
C LYS B 261 -73.95 31.77 -39.00
N GLU B 262 -73.60 30.95 -39.98
CA GLU B 262 -74.40 29.80 -40.37
C GLU B 262 -74.41 28.73 -39.28
N LEU B 263 -73.28 28.52 -38.62
CA LEU B 263 -73.11 27.36 -37.75
C LEU B 263 -73.62 27.51 -36.32
N GLY B 264 -74.13 28.68 -35.98
CA GLY B 264 -74.67 28.89 -34.64
C GLY B 264 -73.56 29.15 -33.63
N VAL B 265 -72.45 29.70 -34.11
CA VAL B 265 -71.30 30.03 -33.27
C VAL B 265 -71.60 31.22 -32.36
N LYS B 266 -71.16 31.15 -31.10
CA LYS B 266 -71.40 32.23 -30.16
C LYS B 266 -70.12 32.74 -29.50
N LEU B 267 -68.99 32.12 -29.83
CA LEU B 267 -67.73 32.44 -29.16
C LEU B 267 -66.50 32.23 -30.05
N ILE B 268 -65.56 33.18 -29.98
CA ILE B 268 -64.36 33.17 -30.81
C ILE B 268 -63.07 33.36 -30.00
N LEU B 269 -62.07 32.57 -30.35
CA LEU B 269 -60.79 32.57 -29.65
C LEU B 269 -59.63 32.84 -30.60
N LEU B 270 -58.85 33.87 -30.31
CA LEU B 270 -57.74 34.26 -31.16
C LEU B 270 -56.44 34.44 -30.38
N THR B 271 -55.31 34.27 -31.06
CA THR B 271 -54.01 34.50 -30.45
C THR B 271 -53.37 35.81 -30.90
N ARG B 272 -54.02 36.49 -31.85
CA ARG B 272 -53.49 37.75 -32.37
C ARG B 272 -54.57 38.83 -32.44
N GLY B 273 -54.50 39.69 -33.45
CA GLY B 273 -55.41 40.82 -33.54
C GLY B 273 -56.71 40.53 -34.29
N ILE B 274 -57.45 41.60 -34.61
CA ILE B 274 -58.73 41.47 -35.31
C ILE B 274 -58.93 42.55 -36.38
N SER B 275 -59.45 42.15 -37.53
CA SER B 275 -59.80 43.07 -38.60
C SER B 275 -61.07 43.85 -38.26
N ASP B 276 -61.14 45.09 -38.72
CA ASP B 276 -62.28 45.95 -38.41
C ASP B 276 -63.60 45.39 -38.95
N ILE B 277 -63.53 44.78 -40.13
CA ILE B 277 -64.71 44.15 -40.74
C ILE B 277 -65.18 42.99 -39.89
N ALA B 278 -64.22 42.18 -39.45
CA ALA B 278 -64.50 41.03 -38.61
C ALA B 278 -65.11 41.50 -37.29
N GLU B 279 -64.53 42.56 -36.75
CA GLU B 279 -64.98 43.15 -35.51
C GLU B 279 -66.44 43.60 -35.58
N GLU B 280 -66.77 44.35 -36.64
CA GLU B 280 -68.15 44.77 -36.87
C GLU B 280 -69.10 43.58 -37.03
N PHE B 281 -68.71 42.63 -37.88
CA PHE B 281 -69.52 41.44 -38.13
C PHE B 281 -69.83 40.72 -36.84
N CYS B 282 -68.81 40.58 -36.00
CA CYS B 282 -68.95 39.90 -34.73
C CYS B 282 -69.90 40.67 -33.83
N TYR B 283 -69.77 41.99 -33.82
CA TYR B 283 -70.68 42.82 -33.04
C TYR B 283 -72.13 42.66 -33.48
N GLU B 284 -72.34 42.43 -34.77
CA GLU B 284 -73.68 42.31 -35.32
C GLU B 284 -74.35 40.96 -35.00
N ASN B 285 -73.55 39.92 -34.77
CA ASN B 285 -74.11 38.58 -34.60
C ASN B 285 -74.10 38.02 -33.16
N GLU B 286 -74.11 38.89 -32.17
CA GLU B 286 -74.18 38.48 -30.76
C GLU B 286 -73.10 37.47 -30.36
N ILE B 287 -71.97 37.48 -31.05
CA ILE B 287 -70.87 36.56 -30.76
C ILE B 287 -69.78 37.20 -29.90
N MET B 288 -69.42 36.56 -28.78
CA MET B 288 -68.38 37.11 -27.91
C MET B 288 -67.01 36.58 -28.35
N VAL B 289 -65.96 37.38 -28.19
CA VAL B 289 -64.64 37.00 -28.65
C VAL B 289 -63.51 37.54 -27.78
N ILE B 290 -62.48 36.72 -27.54
CA ILE B 290 -61.29 37.19 -26.82
C ILE B 290 -60.01 36.90 -27.62
N THR B 291 -59.04 37.81 -27.54
CA THR B 291 -57.84 37.71 -28.36
C THR B 291 -56.55 37.49 -27.57
N ARG B 292 -55.50 37.08 -28.29
CA ARG B 292 -54.14 36.98 -27.78
C ARG B 292 -53.98 36.22 -26.47
N ILE B 293 -54.54 35.01 -26.43
CA ILE B 293 -54.42 34.13 -25.26
C ILE B 293 -53.09 33.37 -25.24
N THR B 294 -52.79 32.75 -24.10
CA THR B 294 -51.56 31.96 -23.94
C THR B 294 -51.63 30.63 -24.69
N GLN B 295 -50.49 30.19 -25.20
CA GLN B 295 -50.38 28.91 -25.88
C GLN B 295 -50.68 27.74 -24.94
N LYS B 296 -50.41 27.92 -23.66
CA LYS B 296 -50.73 26.90 -22.68
C LYS B 296 -52.24 26.87 -22.50
N GLU B 297 -52.83 28.06 -22.46
CA GLU B 297 -54.28 28.19 -22.44
C GLU B 297 -54.85 27.56 -23.70
N LEU B 298 -54.17 27.81 -24.83
CA LEU B 298 -54.55 27.24 -26.11
C LEU B 298 -54.62 25.72 -26.08
N LYS B 299 -53.54 25.07 -25.66
CA LYS B 299 -53.51 23.62 -25.62
C LYS B 299 -54.49 23.05 -24.61
N ARG B 300 -54.59 23.68 -23.44
CA ARG B 300 -55.49 23.14 -22.41
C ARG B 300 -56.94 23.24 -22.85
N VAL B 301 -57.34 24.39 -23.39
CA VAL B 301 -58.71 24.53 -23.88
C VAL B 301 -58.92 23.60 -25.07
N LEU B 302 -57.85 23.36 -25.82
CA LEU B 302 -57.89 22.44 -26.95
C LEU B 302 -58.24 21.04 -26.47
N GLU B 303 -57.62 20.64 -25.36
CA GLU B 303 -57.90 19.35 -24.75
C GLU B 303 -59.31 19.32 -24.20
N PHE B 304 -59.72 20.43 -23.58
CA PHE B 304 -60.97 20.51 -22.84
C PHE B 304 -62.22 20.51 -23.71
N THR B 305 -62.22 21.35 -24.74
CA THR B 305 -63.39 21.51 -25.59
C THR B 305 -63.46 20.40 -26.63
N GLY B 306 -62.31 19.83 -26.95
CA GLY B 306 -62.22 18.81 -27.98
C GLY B 306 -62.15 19.46 -29.34
N ALA B 307 -61.96 20.78 -29.36
CA ALA B 307 -61.92 21.51 -30.62
C ALA B 307 -60.60 21.24 -31.33
N ARG B 308 -60.49 21.71 -32.57
CA ARG B 308 -59.26 21.53 -33.33
C ARG B 308 -58.68 22.89 -33.70
N ALA B 309 -57.36 23.01 -33.54
CA ALA B 309 -56.65 24.25 -33.85
C ALA B 309 -56.72 24.60 -35.33
N ALA B 310 -56.98 25.87 -35.64
CA ALA B 310 -57.09 26.29 -37.02
C ALA B 310 -56.27 27.55 -37.31
N LYS B 311 -56.06 27.80 -38.60
CA LYS B 311 -55.34 28.98 -39.06
C LYS B 311 -56.07 29.62 -40.25
N ARG B 312 -55.35 30.48 -40.98
CA ARG B 312 -55.95 31.28 -42.06
C ARG B 312 -56.52 30.46 -43.22
N THR B 313 -55.77 29.46 -43.65
CA THR B 313 -56.12 28.70 -44.84
C THR B 313 -57.39 27.86 -44.66
N SER B 314 -57.67 27.45 -43.43
CA SER B 314 -58.83 26.60 -43.17
C SER B 314 -60.16 27.35 -43.21
N LEU B 315 -60.20 28.50 -43.89
CA LEU B 315 -61.46 29.18 -44.14
C LEU B 315 -62.01 28.67 -45.48
N ASN B 316 -61.14 28.00 -46.22
CA ASN B 316 -61.46 27.50 -47.54
C ASN B 316 -62.13 26.13 -47.47
N LYS B 317 -62.30 25.61 -46.26
CA LYS B 317 -62.96 24.33 -46.09
C LYS B 317 -64.40 24.42 -46.58
N PRO B 318 -64.88 23.34 -47.23
CA PRO B 318 -66.17 23.36 -47.93
C PRO B 318 -67.35 23.06 -47.03
N VAL B 319 -67.51 23.82 -45.95
CA VAL B 319 -68.68 23.72 -45.07
C VAL B 319 -68.81 22.30 -44.51
N GLU B 320 -67.78 21.48 -44.70
CA GLU B 320 -67.83 20.07 -44.32
C GLU B 320 -66.99 19.71 -43.09
N GLU B 321 -65.83 20.33 -42.96
CA GLU B 321 -64.95 20.15 -41.80
C GLU B 321 -65.29 21.02 -40.60
N LEU B 322 -66.18 21.99 -40.78
CA LEU B 322 -66.53 22.88 -39.69
C LEU B 322 -67.28 22.23 -38.51
N GLN B 323 -68.12 21.22 -38.76
CA GLN B 323 -68.83 20.58 -37.66
C GLN B 323 -67.94 19.68 -36.81
N LYS B 324 -66.72 19.42 -37.27
CA LYS B 324 -65.80 18.57 -36.53
C LYS B 324 -64.64 19.35 -35.89
N MET B 325 -64.46 20.59 -36.33
CA MET B 325 -63.33 21.40 -35.89
C MET B 325 -63.79 22.38 -34.80
N LEU B 326 -65.03 22.19 -34.34
CA LEU B 326 -65.63 23.09 -33.35
C LEU B 326 -65.42 22.58 -31.94
N GLY B 327 -65.90 23.33 -30.96
CA GLY B 327 -65.71 22.97 -29.58
C GLY B 327 -67.01 23.01 -28.77
N TYR B 328 -67.00 22.34 -27.62
CA TYR B 328 -68.17 22.22 -26.76
C TYR B 328 -67.73 21.45 -25.51
N ALA B 329 -67.68 22.04 -24.30
CA ALA B 329 -68.11 23.37 -23.84
C ALA B 329 -69.62 23.51 -23.78
N ARG B 330 -70.19 23.08 -22.65
CA ARG B 330 -71.61 23.14 -22.39
C ARG B 330 -72.05 24.54 -21.96
N THR B 331 -71.27 25.16 -21.08
CA THR B 331 -71.63 26.48 -20.56
C THR B 331 -70.40 27.39 -20.44
N CYS B 332 -70.64 28.70 -20.51
CA CYS B 332 -69.57 29.69 -20.43
C CYS B 332 -70.07 30.99 -19.79
N PHE B 333 -69.30 31.53 -18.84
CA PHE B 333 -69.73 32.75 -18.15
C PHE B 333 -68.58 33.73 -17.95
N TYR B 334 -68.80 34.99 -18.34
CA TYR B 334 -67.82 36.04 -18.07
C TYR B 334 -68.27 36.96 -16.93
N ASP B 335 -67.42 37.07 -15.92
CA ASP B 335 -67.67 37.98 -14.80
C ASP B 335 -66.81 39.22 -14.97
N SER B 336 -67.45 40.39 -15.09
CA SER B 336 -66.74 41.65 -15.23
C SER B 336 -66.35 42.23 -13.88
N ARG B 337 -67.09 41.86 -12.84
CA ARG B 337 -66.83 42.34 -11.48
C ARG B 337 -65.75 41.49 -10.82
N LEU B 338 -65.21 40.56 -11.59
CA LEU B 338 -64.14 39.68 -11.12
C LEU B 338 -63.13 39.57 -12.25
N ASP B 339 -63.55 40.07 -13.41
CA ASP B 339 -62.70 40.27 -14.58
C ASP B 339 -62.07 38.99 -15.14
N PHE B 340 -62.89 37.98 -15.43
CA PHE B 340 -62.44 36.86 -16.25
C PHE B 340 -63.56 35.95 -16.74
N THR B 341 -63.19 34.97 -17.57
CA THR B 341 -64.15 34.11 -18.26
C THR B 341 -63.95 32.63 -17.92
N ILE B 342 -65.06 31.90 -17.77
CA ILE B 342 -65.00 30.50 -17.36
C ILE B 342 -65.75 29.58 -18.32
N ILE B 343 -65.07 28.53 -18.77
CA ILE B 343 -65.66 27.53 -19.67
C ILE B 343 -65.81 26.21 -18.95
N GLU B 344 -67.04 25.70 -18.89
CA GLU B 344 -67.30 24.46 -18.16
C GLU B 344 -68.20 23.47 -18.91
N GLY B 345 -67.99 22.18 -18.64
CA GLY B 345 -68.78 21.11 -19.21
C GLY B 345 -68.29 20.64 -20.58
N GLY B 346 -66.98 20.52 -20.72
CA GLY B 346 -66.37 20.09 -21.97
C GLY B 346 -66.53 18.60 -22.27
N ALA B 347 -66.58 18.28 -23.56
CA ALA B 347 -66.72 16.90 -24.00
C ALA B 347 -65.38 16.29 -24.45
N GLY B 348 -64.28 16.96 -24.12
CA GLY B 348 -62.96 16.48 -24.50
C GLY B 348 -62.19 15.92 -23.33
N LYS B 349 -60.99 16.44 -23.08
CA LYS B 349 -60.26 16.09 -21.87
C LYS B 349 -60.89 16.82 -20.69
N ALA B 350 -60.55 16.39 -19.49
CA ALA B 350 -61.18 16.99 -18.33
C ALA B 350 -60.17 17.60 -17.37
N THR B 351 -59.67 18.79 -17.70
CA THR B 351 -58.80 19.49 -16.78
C THR B 351 -59.68 20.43 -16.00
N ALA B 352 -59.31 20.70 -14.75
CA ALA B 352 -60.03 21.66 -13.94
C ALA B 352 -59.15 22.89 -13.81
N THR B 353 -59.50 23.81 -12.91
CA THR B 353 -58.66 24.98 -12.74
C THR B 353 -58.69 25.54 -11.32
N VAL B 354 -57.51 25.64 -10.72
CA VAL B 354 -57.38 26.15 -9.36
C VAL B 354 -56.97 27.60 -9.33
N LEU B 355 -57.77 28.44 -8.68
CA LEU B 355 -57.43 29.86 -8.60
C LEU B 355 -57.06 30.27 -7.18
N ILE B 356 -55.95 30.99 -7.06
CA ILE B 356 -55.41 31.48 -5.80
C ILE B 356 -55.36 33.00 -5.77
N GLY B 357 -55.79 33.61 -4.67
CA GLY B 357 -55.84 35.06 -4.59
C GLY B 357 -54.48 35.69 -4.34
N ALA B 358 -54.34 36.94 -4.76
CA ALA B 358 -53.10 37.68 -4.60
C ALA B 358 -53.35 39.18 -4.33
N ALA B 359 -52.29 39.92 -4.06
CA ALA B 359 -52.38 41.36 -3.81
C ALA B 359 -52.16 42.19 -5.07
N THR B 360 -50.93 42.19 -5.57
CA THR B 360 -50.56 42.96 -6.76
C THR B 360 -50.08 42.01 -7.86
N ASP B 361 -49.71 42.57 -9.01
CA ASP B 361 -49.23 41.73 -10.11
C ASP B 361 -47.81 41.25 -9.82
N GLU B 362 -47.31 41.58 -8.64
CA GLU B 362 -46.02 41.09 -8.17
C GLU B 362 -46.27 39.78 -7.44
N VAL B 363 -47.01 39.89 -6.35
CA VAL B 363 -47.33 38.74 -5.52
C VAL B 363 -48.10 37.69 -6.34
N VAL B 364 -48.78 38.14 -7.38
CA VAL B 364 -49.54 37.21 -8.23
C VAL B 364 -48.57 36.27 -8.95
N ASP B 365 -47.31 36.68 -9.02
CA ASP B 365 -46.28 35.93 -9.73
C ASP B 365 -45.51 35.00 -8.80
N GLU B 366 -45.52 35.31 -7.51
CA GLU B 366 -44.84 34.47 -6.54
C GLU B 366 -45.84 33.42 -6.06
N GLN B 367 -47.12 33.80 -6.06
CA GLN B 367 -48.20 32.92 -5.65
C GLN B 367 -48.29 31.70 -6.56
N GLU B 368 -48.09 31.94 -7.85
CA GLU B 368 -48.08 30.85 -8.82
C GLU B 368 -46.85 29.96 -8.59
N ARG B 369 -45.77 30.57 -8.14
CA ARG B 369 -44.55 29.81 -7.84
C ARG B 369 -44.78 28.88 -6.67
N ILE B 370 -45.57 29.34 -5.70
CA ILE B 370 -45.90 28.49 -4.56
C ILE B 370 -46.86 27.39 -5.01
N ALA B 371 -47.79 27.77 -5.89
CA ALA B 371 -48.78 26.84 -6.39
C ALA B 371 -48.19 25.69 -7.20
N LYS B 372 -47.22 26.00 -8.07
CA LYS B 372 -46.61 24.97 -8.91
C LYS B 372 -45.83 23.94 -8.10
N ASP B 373 -45.00 24.40 -7.16
CA ASP B 373 -44.22 23.47 -6.36
C ASP B 373 -45.15 22.70 -5.43
N ALA B 374 -46.24 23.33 -5.02
CA ALA B 374 -47.21 22.68 -4.15
C ALA B 374 -47.85 21.51 -4.89
N ALA B 375 -48.45 21.83 -6.04
CA ALA B 375 -49.13 20.84 -6.85
C ALA B 375 -48.17 19.72 -7.23
N GLY B 376 -46.96 20.07 -7.64
CA GLY B 376 -45.94 19.09 -7.98
C GLY B 376 -45.61 18.16 -6.83
N SER B 377 -45.40 18.75 -5.65
CA SER B 377 -45.14 17.99 -4.43
C SER B 377 -46.24 16.97 -4.20
N PHE B 378 -47.48 17.44 -4.22
CA PHE B 378 -48.62 16.56 -4.00
C PHE B 378 -48.65 15.47 -5.06
N ALA B 379 -48.26 15.84 -6.28
CA ALA B 379 -48.26 14.94 -7.41
C ALA B 379 -47.32 13.77 -7.18
N ALA B 380 -46.10 14.07 -6.76
CA ALA B 380 -45.15 12.98 -6.52
C ALA B 380 -45.50 12.25 -5.23
N ALA B 381 -46.32 12.89 -4.40
CA ALA B 381 -46.65 12.32 -3.11
C ALA B 381 -47.67 11.23 -3.32
N TYR B 382 -48.63 11.49 -4.20
CA TYR B 382 -49.57 10.44 -4.54
C TYR B 382 -48.89 9.44 -5.46
N ARG B 383 -47.98 9.93 -6.28
CA ARG B 383 -47.36 9.10 -7.31
C ARG B 383 -46.53 7.98 -6.69
N SER B 384 -45.85 8.27 -5.59
CA SER B 384 -44.95 7.25 -5.05
C SER B 384 -45.17 6.96 -3.58
N GLY B 385 -45.71 7.92 -2.84
CA GLY B 385 -45.81 7.79 -1.40
C GLY B 385 -44.90 8.76 -0.69
N VAL B 386 -44.99 8.80 0.63
CA VAL B 386 -44.20 9.73 1.44
C VAL B 386 -43.17 9.09 2.36
N LEU B 387 -42.07 9.81 2.54
CA LEU B 387 -41.07 9.45 3.53
C LEU B 387 -40.97 10.61 4.50
N PRO B 388 -40.50 10.37 5.72
CA PRO B 388 -40.46 11.45 6.70
C PRO B 388 -39.42 12.52 6.40
N GLY B 389 -39.83 13.78 6.55
CA GLY B 389 -38.95 14.93 6.36
C GLY B 389 -38.16 15.24 7.61
N GLY B 390 -37.73 16.50 7.73
CA GLY B 390 -36.96 16.93 8.88
C GLY B 390 -35.53 16.41 8.84
N GLY B 391 -35.16 15.84 7.70
CA GLY B 391 -33.86 15.22 7.54
C GLY B 391 -33.75 14.01 8.44
N ALA B 392 -34.89 13.54 8.92
CA ALA B 392 -34.91 12.49 9.93
C ALA B 392 -34.67 11.11 9.34
N PHE B 393 -35.10 10.89 8.11
CA PHE B 393 -34.98 9.55 7.53
C PHE B 393 -33.54 9.29 7.10
N PHE B 394 -32.81 10.37 6.85
CA PHE B 394 -31.42 10.25 6.45
C PHE B 394 -30.57 9.61 7.53
N LEU B 395 -31.01 9.71 8.77
CA LEU B 395 -30.29 9.12 9.88
C LEU B 395 -30.51 7.62 9.90
N TYR B 396 -31.76 7.20 9.72
CA TYR B 396 -32.09 5.80 9.58
C TYR B 396 -31.26 5.21 8.45
N LEU B 397 -31.25 5.91 7.32
CA LEU B 397 -30.42 5.55 6.20
C LEU B 397 -28.96 5.38 6.64
N SER B 398 -28.44 6.37 7.36
CA SER B 398 -27.08 6.36 7.87
C SER B 398 -26.81 5.04 8.58
N ARG B 399 -27.62 4.72 9.57
CA ARG B 399 -27.39 3.53 10.37
C ARG B 399 -27.50 2.25 9.55
N GLU B 400 -28.55 2.14 8.75
CA GLU B 400 -28.79 0.93 7.97
C GLU B 400 -27.77 0.76 6.85
N VAL B 401 -27.04 1.83 6.53
CA VAL B 401 -25.91 1.74 5.63
C VAL B 401 -24.68 1.30 6.40
N GLU B 402 -24.52 1.88 7.60
CA GLU B 402 -23.42 1.53 8.48
C GLU B 402 -23.41 0.03 8.77
N SER B 403 -24.59 -0.58 8.74
CA SER B 403 -24.72 -2.01 9.00
C SER B 403 -23.79 -2.83 8.12
N LEU B 404 -23.39 -2.28 6.98
CA LEU B 404 -22.56 -2.99 6.01
C LEU B 404 -21.06 -2.82 6.27
N LYS B 405 -20.73 -2.03 7.29
CA LYS B 405 -19.36 -1.76 7.66
C LYS B 405 -18.52 -3.03 7.78
N ASN B 406 -19.09 -4.05 8.40
CA ASN B 406 -18.36 -5.29 8.67
C ASN B 406 -19.02 -6.46 7.97
N ARG B 407 -19.96 -6.15 7.09
CA ARG B 407 -20.67 -7.15 6.34
C ARG B 407 -19.97 -7.38 5.00
N LEU B 408 -19.17 -6.40 4.59
CA LEU B 408 -18.46 -6.46 3.32
C LEU B 408 -16.96 -6.36 3.49
N PRO B 409 -16.21 -7.23 2.81
CA PRO B 409 -14.75 -7.29 2.96
C PRO B 409 -14.07 -6.33 2.00
N GLY B 410 -12.75 -6.38 1.95
CA GLY B 410 -12.03 -5.47 1.08
C GLY B 410 -11.71 -4.21 1.87
N MET B 411 -10.83 -3.39 1.31
CA MET B 411 -10.54 -2.09 1.89
C MET B 411 -11.74 -1.16 1.74
N GLU B 412 -12.70 -1.63 0.96
CA GLU B 412 -13.92 -0.90 0.68
C GLU B 412 -14.78 -0.50 1.87
N SER B 413 -14.86 -1.33 2.90
CA SER B 413 -15.78 -1.06 4.00
C SER B 413 -15.76 0.38 4.50
N TYR B 414 -14.56 0.96 4.54
CA TYR B 414 -14.38 2.31 5.07
C TYR B 414 -15.14 3.31 4.23
N GLY B 415 -15.00 3.21 2.92
CA GLY B 415 -15.70 4.07 2.00
C GLY B 415 -17.18 4.09 2.31
N VAL B 416 -17.76 2.91 2.56
CA VAL B 416 -19.18 2.84 2.91
C VAL B 416 -19.50 3.78 4.06
N MET B 417 -18.68 3.73 5.10
CA MET B 417 -18.91 4.55 6.28
C MET B 417 -18.98 6.04 5.93
N ALA B 418 -18.15 6.49 4.99
CA ALA B 418 -18.15 7.90 4.64
C ALA B 418 -19.54 8.23 4.18
N PHE B 419 -20.02 7.37 3.28
CA PHE B 419 -21.35 7.48 2.73
C PHE B 419 -22.30 7.65 3.90
N SER B 420 -22.20 6.74 4.86
CA SER B 420 -23.10 6.73 6.00
C SER B 420 -23.10 8.09 6.66
N GLU B 421 -21.91 8.55 7.05
CA GLU B 421 -21.86 9.79 7.81
C GLU B 421 -22.30 10.96 6.94
N ALA B 422 -22.14 10.83 5.63
CA ALA B 422 -22.57 11.90 4.73
C ALA B 422 -24.07 12.08 4.87
N LEU B 423 -24.78 10.97 5.00
CA LEU B 423 -26.22 11.01 5.10
C LEU B 423 -26.66 11.71 6.38
N LYS B 424 -25.74 11.81 7.34
CA LYS B 424 -26.02 12.44 8.61
C LYS B 424 -25.99 13.97 8.47
N VAL B 425 -25.31 14.46 7.45
CA VAL B 425 -25.07 15.90 7.31
C VAL B 425 -26.31 16.81 7.33
N PRO B 426 -27.37 16.48 6.56
CA PRO B 426 -28.51 17.40 6.51
C PRO B 426 -29.06 17.81 7.87
N PHE B 427 -29.55 16.86 8.67
CA PHE B 427 -30.16 17.18 9.95
C PHE B 427 -29.30 18.12 10.78
N ARG B 428 -28.02 17.81 10.87
CA ARG B 428 -27.08 18.59 11.65
C ARG B 428 -27.18 20.05 11.23
N VAL B 429 -27.04 20.28 9.92
CA VAL B 429 -27.07 21.61 9.37
C VAL B 429 -28.35 22.30 9.79
N MET B 430 -29.45 21.58 9.61
CA MET B 430 -30.77 22.12 9.91
C MET B 430 -30.74 22.65 11.33
N ALA B 431 -30.25 21.80 12.23
CA ALA B 431 -30.22 22.12 13.65
C ALA B 431 -29.32 23.33 13.87
N GLU B 432 -28.15 23.31 13.23
CA GLU B 432 -27.20 24.39 13.44
C GLU B 432 -27.66 25.65 12.73
N ASN B 433 -28.67 25.51 11.86
CA ASN B 433 -29.31 26.69 11.32
C ASN B 433 -30.29 27.19 12.35
N ALA B 434 -31.02 26.27 12.97
CA ALA B 434 -32.02 26.64 13.96
C ALA B 434 -31.31 27.02 15.25
N GLY B 435 -29.99 26.94 15.24
CA GLY B 435 -29.20 27.47 16.35
C GLY B 435 -28.91 26.50 17.47
N PHE B 436 -29.01 25.22 17.19
CA PHE B 436 -28.76 24.22 18.22
C PHE B 436 -27.35 23.67 18.10
N ASN B 437 -26.86 23.07 19.18
CA ASN B 437 -25.57 22.38 19.12
C ASN B 437 -25.82 21.12 18.31
N GLY B 438 -25.36 21.13 17.07
CA GLY B 438 -25.69 20.09 16.11
C GLY B 438 -25.31 18.72 16.60
N LEU B 439 -24.12 18.64 17.16
CA LEU B 439 -23.56 17.38 17.60
C LEU B 439 -24.38 16.82 18.75
N GLU B 440 -24.78 17.69 19.67
CA GLU B 440 -25.59 17.27 20.81
C GLU B 440 -26.92 16.71 20.32
N LYS B 441 -27.51 17.39 19.34
CA LYS B 441 -28.83 17.01 18.85
C LYS B 441 -28.75 15.69 18.09
N LEU B 442 -27.63 15.48 17.42
CA LEU B 442 -27.39 14.20 16.78
C LEU B 442 -27.30 13.12 17.83
N GLY B 443 -26.51 13.37 18.86
CA GLY B 443 -26.29 12.37 19.89
C GLY B 443 -27.59 11.99 20.56
N ASP B 444 -28.47 12.96 20.77
CA ASP B 444 -29.75 12.64 21.39
C ASP B 444 -30.70 11.92 20.44
N LEU B 445 -30.83 12.42 19.22
CA LEU B 445 -31.80 11.88 18.28
C LEU B 445 -31.41 10.51 17.73
N MET B 446 -30.13 10.32 17.46
CA MET B 446 -29.67 9.08 16.85
C MET B 446 -29.86 7.90 17.79
N THR B 447 -29.73 8.17 19.08
CA THR B 447 -30.02 7.15 20.09
C THR B 447 -31.52 6.99 20.28
N LEU B 448 -32.22 8.12 20.38
CA LEU B 448 -33.66 8.12 20.63
C LEU B 448 -34.38 7.31 19.57
N GLN B 449 -33.89 7.41 18.34
CA GLN B 449 -34.47 6.72 17.21
C GLN B 449 -34.36 5.20 17.32
N VAL B 450 -33.23 4.72 17.82
CA VAL B 450 -33.00 3.28 17.87
C VAL B 450 -33.76 2.60 18.98
N GLN B 451 -33.80 3.23 20.15
CA GLN B 451 -34.49 2.63 21.30
C GLN B 451 -36.00 2.83 21.24
N LYS B 452 -36.48 3.45 20.16
CA LYS B 452 -37.92 3.54 19.95
C LYS B 452 -38.27 2.96 18.58
N ASN B 453 -37.23 2.60 17.84
CA ASN B 453 -37.34 1.94 16.54
C ASN B 453 -38.22 2.64 15.48
N ASN B 454 -38.35 3.96 15.56
CA ASN B 454 -39.10 4.66 14.52
C ASN B 454 -38.21 5.69 13.83
N TYR B 455 -38.14 5.60 12.51
CA TYR B 455 -37.29 6.51 11.72
C TYR B 455 -37.98 7.83 11.47
N ALA B 456 -39.07 8.07 12.18
CA ALA B 456 -39.87 9.24 11.93
C ALA B 456 -39.70 10.27 13.02
N LEU B 457 -38.97 9.92 14.08
CA LEU B 457 -38.70 10.93 15.10
C LEU B 457 -37.69 11.92 14.55
N GLY B 458 -37.96 13.20 14.78
CA GLY B 458 -37.05 14.25 14.38
C GLY B 458 -37.24 15.46 15.26
N LEU B 459 -36.74 16.60 14.81
CA LEU B 459 -36.77 17.79 15.64
C LEU B 459 -37.58 18.92 15.04
N ASP B 460 -38.40 19.55 15.87
CA ASP B 460 -39.05 20.80 15.51
C ASP B 460 -38.01 21.90 15.68
N PHE B 461 -37.57 22.47 14.58
CA PHE B 461 -36.45 23.40 14.61
C PHE B 461 -36.85 24.76 15.16
N GLU B 462 -38.00 24.79 15.84
CA GLU B 462 -38.48 26.01 16.47
C GLU B 462 -38.50 25.85 17.98
N THR B 463 -39.16 24.81 18.44
CA THR B 463 -39.30 24.54 19.86
C THR B 463 -38.00 24.04 20.46
N GLY B 464 -37.56 22.88 19.99
CA GLY B 464 -36.42 22.20 20.57
C GLY B 464 -36.89 20.82 20.98
N GLU B 465 -38.20 20.61 20.89
CA GLU B 465 -38.80 19.35 21.25
C GLU B 465 -38.84 18.41 20.04
N PHE B 466 -38.66 17.13 20.31
CA PHE B 466 -38.66 16.11 19.28
C PHE B 466 -40.06 15.59 19.02
N ILE B 467 -40.43 15.42 17.75
CA ILE B 467 -41.75 14.88 17.42
C ILE B 467 -41.70 13.88 16.28
N ASP B 468 -42.82 13.19 16.06
CA ASP B 468 -42.97 12.34 14.89
C ASP B 468 -43.31 13.21 13.69
N MET B 469 -42.51 13.14 12.63
CA MET B 469 -42.67 14.03 11.49
C MET B 469 -43.93 13.75 10.66
N ILE B 470 -44.31 12.49 10.52
CA ILE B 470 -45.54 12.17 9.83
C ILE B 470 -46.69 12.70 10.68
N ALA B 471 -46.57 12.57 11.99
CA ALA B 471 -47.58 13.09 12.91
C ALA B 471 -47.44 14.60 13.03
N GLY B 472 -46.31 15.13 12.59
CA GLY B 472 -46.05 16.56 12.65
C GLY B 472 -46.51 17.28 11.41
N GLY B 473 -47.02 16.51 10.44
CA GLY B 473 -47.46 17.08 9.20
C GLY B 473 -46.29 17.61 8.37
N VAL B 474 -45.15 16.95 8.48
CA VAL B 474 -43.96 17.34 7.74
C VAL B 474 -43.33 16.15 7.04
N VAL B 475 -43.55 16.03 5.73
CA VAL B 475 -43.00 14.90 4.98
C VAL B 475 -42.48 15.30 3.61
N ASP B 476 -41.75 14.36 2.99
CA ASP B 476 -41.20 14.53 1.65
C ASP B 476 -41.77 13.45 0.75
N PRO B 477 -41.85 13.72 -0.56
CA PRO B 477 -42.32 12.69 -1.47
C PRO B 477 -41.26 11.62 -1.67
N ALA B 478 -41.69 10.39 -1.92
CA ALA B 478 -40.76 9.28 -2.08
C ALA B 478 -39.82 9.49 -3.24
N GLU B 479 -40.38 9.57 -4.45
CA GLU B 479 -39.59 9.68 -5.68
C GLU B 479 -38.65 10.89 -5.63
N VAL B 480 -39.10 11.97 -4.99
CA VAL B 480 -38.29 13.17 -4.87
C VAL B 480 -37.01 12.89 -4.12
N VAL B 481 -37.13 12.31 -2.94
CA VAL B 481 -35.97 11.97 -2.13
C VAL B 481 -35.12 10.97 -2.88
N TYR B 482 -35.78 9.99 -3.48
CA TYR B 482 -35.13 8.94 -4.25
C TYR B 482 -34.17 9.51 -5.27
N GLN B 483 -34.68 10.35 -6.16
CA GLN B 483 -33.86 10.82 -7.27
C GLN B 483 -32.97 12.00 -6.87
N ALA B 484 -33.30 12.65 -5.76
CA ALA B 484 -32.41 13.63 -5.16
C ALA B 484 -31.12 12.96 -4.70
N VAL B 485 -31.28 11.94 -3.86
CA VAL B 485 -30.17 11.14 -3.38
C VAL B 485 -29.40 10.56 -4.55
N LYS B 486 -30.14 9.98 -5.49
CA LYS B 486 -29.54 9.38 -6.68
C LYS B 486 -28.65 10.37 -7.42
N ASN B 487 -29.17 11.59 -7.63
CA ASN B 487 -28.43 12.59 -8.39
C ASN B 487 -27.19 13.04 -7.64
N ALA B 488 -27.36 13.41 -6.38
CA ALA B 488 -26.22 13.85 -5.55
C ALA B 488 -25.13 12.79 -5.52
N SER B 489 -25.58 11.54 -5.41
CA SER B 489 -24.67 10.42 -5.36
C SER B 489 -23.88 10.35 -6.65
N GLU B 490 -24.57 10.42 -7.78
CA GLU B 490 -23.90 10.29 -9.07
C GLU B 490 -22.94 11.44 -9.36
N VAL B 491 -23.29 12.66 -8.96
CA VAL B 491 -22.39 13.78 -9.20
C VAL B 491 -21.17 13.70 -8.31
N ALA B 492 -21.35 13.21 -7.08
CA ALA B 492 -20.20 13.01 -6.20
C ALA B 492 -19.24 11.98 -6.79
N ILE B 493 -19.81 10.83 -7.15
CA ILE B 493 -19.08 9.75 -7.78
C ILE B 493 -18.25 10.26 -8.95
N SER B 494 -18.93 10.93 -9.87
CA SER B 494 -18.30 11.42 -11.09
C SER B 494 -17.37 12.59 -10.81
N LEU B 495 -17.40 13.11 -9.58
CA LEU B 495 -16.47 14.16 -9.22
C LEU B 495 -15.17 13.61 -8.65
N LEU B 496 -15.24 12.51 -7.91
CA LEU B 496 -14.03 12.00 -7.28
C LEU B 496 -13.17 11.11 -8.20
N LYS B 497 -13.63 10.86 -9.42
CA LYS B 497 -12.85 10.11 -10.41
C LYS B 497 -11.77 10.96 -11.06
N ILE B 498 -11.68 12.22 -10.64
CA ILE B 498 -10.74 13.17 -11.23
C ILE B 498 -9.33 13.03 -10.68
N ASN B 499 -8.35 12.98 -11.58
CA ASN B 499 -6.96 12.81 -11.18
C ASN B 499 -6.11 14.06 -11.38
N THR B 500 -6.26 14.72 -12.53
CA THR B 500 -5.32 15.78 -12.89
C THR B 500 -5.98 16.98 -13.57
N ILE B 501 -5.18 18.01 -13.82
CA ILE B 501 -5.65 19.26 -14.40
C ILE B 501 -4.66 19.75 -15.45
N ILE B 502 -5.10 19.89 -16.71
CA ILE B 502 -4.22 20.42 -17.75
C ILE B 502 -4.97 21.38 -18.67
N GLU C 9 -7.05 34.52 17.33
CA GLU C 9 -6.83 34.96 18.70
C GLU C 9 -7.61 34.07 19.69
N ILE C 10 -8.15 32.98 19.17
CA ILE C 10 -8.94 32.05 19.97
C ILE C 10 -8.16 30.78 20.32
N GLU C 11 -6.91 30.73 19.90
CA GLU C 11 -6.05 29.56 20.08
C GLU C 11 -5.70 29.19 21.52
N GLU C 12 -5.61 30.19 22.39
CA GLU C 12 -5.13 29.96 23.75
C GLU C 12 -5.97 28.95 24.51
N ARG C 13 -7.29 29.02 24.34
CA ARG C 13 -8.20 28.16 25.07
C ARG C 13 -7.92 26.69 24.79
N TYR C 14 -7.40 26.38 23.60
CA TYR C 14 -7.10 24.99 23.28
C TYR C 14 -5.61 24.73 23.21
N GLN C 15 -4.80 25.75 23.51
CA GLN C 15 -3.36 25.65 23.36
C GLN C 15 -2.76 24.45 24.10
N ALA C 16 -2.99 24.42 25.41
CA ALA C 16 -2.34 23.45 26.28
C ALA C 16 -2.60 22.03 25.84
N LEU C 17 -3.85 21.75 25.50
CA LEU C 17 -4.24 20.41 25.12
C LEU C 17 -3.36 19.93 23.97
N PHE C 18 -3.24 20.77 22.95
CA PHE C 18 -2.51 20.38 21.76
C PHE C 18 -1.07 20.23 22.17
N SER C 19 -0.61 21.14 23.03
CA SER C 19 0.76 21.17 23.51
C SER C 19 1.13 19.82 24.10
N ASN C 20 0.15 19.14 24.68
CA ASN C 20 0.42 17.81 25.23
C ASN C 20 0.36 16.75 24.14
N ALA C 21 -0.69 16.81 23.33
CA ALA C 21 -0.96 15.77 22.36
C ALA C 21 0.22 15.56 21.43
N ALA C 22 0.71 16.66 20.87
CA ALA C 22 1.84 16.62 19.95
C ALA C 22 3.00 15.87 20.56
N ALA C 23 3.21 16.07 21.87
CA ALA C 23 4.28 15.38 22.56
C ALA C 23 3.98 13.88 22.62
N VAL C 24 2.79 13.55 23.11
CA VAL C 24 2.39 12.16 23.30
C VAL C 24 2.53 11.36 22.01
N LYS C 25 1.96 11.91 20.94
CA LYS C 25 2.04 11.29 19.62
C LYS C 25 3.50 11.06 19.28
N ALA C 26 4.33 12.09 19.49
CA ALA C 26 5.72 12.02 19.09
C ALA C 26 6.41 10.89 19.83
N LEU C 27 5.88 10.53 20.99
CA LEU C 27 6.45 9.43 21.75
C LEU C 27 6.00 8.11 21.11
N THR C 28 4.69 7.96 20.97
CA THR C 28 4.14 6.69 20.55
C THR C 28 4.50 6.37 19.11
N GLN C 29 4.59 7.41 18.30
CA GLN C 29 4.96 7.26 16.89
C GLN C 29 6.33 6.59 16.77
N VAL C 30 7.10 6.63 17.85
CA VAL C 30 8.39 5.95 17.88
C VAL C 30 8.23 4.50 18.29
N VAL C 31 7.51 4.28 19.39
CA VAL C 31 7.40 2.93 19.95
C VAL C 31 6.61 2.04 19.00
N ALA C 32 5.83 2.68 18.14
CA ALA C 32 5.01 2.00 17.15
C ALA C 32 5.90 1.24 16.18
N ASN C 33 7.09 1.77 15.93
CA ASN C 33 8.04 1.07 15.07
C ASN C 33 8.39 -0.32 15.60
N SER C 34 8.36 -0.48 16.92
CA SER C 34 8.85 -1.70 17.54
C SER C 34 7.78 -2.68 17.99
N LEU C 35 6.52 -2.31 17.83
CA LEU C 35 5.43 -3.14 18.30
C LEU C 35 5.27 -4.41 17.45
N GLY C 36 4.85 -5.50 18.09
CA GLY C 36 4.51 -6.72 17.39
C GLY C 36 5.70 -7.57 16.98
N PRO C 37 5.44 -8.86 16.71
CA PRO C 37 6.46 -9.86 16.39
C PRO C 37 7.38 -9.46 15.24
N LYS C 38 6.88 -8.70 14.28
CA LYS C 38 7.74 -8.19 13.23
C LYS C 38 7.91 -6.69 13.35
N GLY C 39 8.00 -6.24 14.60
CA GLY C 39 8.26 -4.85 14.89
C GLY C 39 9.63 -4.48 14.36
N LEU C 40 9.96 -3.20 14.44
CA LEU C 40 11.27 -2.76 14.00
C LEU C 40 12.07 -2.42 15.24
N ASP C 41 12.87 -1.36 15.17
CA ASP C 41 13.69 -1.00 16.31
C ASP C 41 14.04 0.48 16.33
N ALA C 42 14.62 0.94 17.42
CA ALA C 42 14.98 2.35 17.54
C ALA C 42 16.38 2.51 18.11
N MET C 43 17.00 3.62 17.74
CA MET C 43 18.39 3.89 18.04
C MET C 43 18.58 5.15 18.89
N LEU C 44 18.93 4.96 20.16
CA LEU C 44 19.06 6.10 21.07
C LEU C 44 20.50 6.59 21.16
N VAL C 45 20.62 7.91 21.34
CA VAL C 45 21.90 8.58 21.46
C VAL C 45 21.95 9.42 22.75
N ASP C 46 22.99 9.21 23.53
CA ASP C 46 23.34 10.10 24.62
C ASP C 46 24.34 11.13 24.10
N ARG C 47 24.30 12.34 24.66
CA ARG C 47 25.09 13.47 24.18
C ARG C 47 26.58 13.12 24.06
N PHE C 48 27.04 12.17 24.86
CA PHE C 48 28.42 11.69 24.79
C PHE C 48 28.64 10.78 23.58
N GLY C 49 27.61 10.64 22.74
CA GLY C 49 27.72 9.83 21.54
C GLY C 49 27.55 8.34 21.78
N GLU C 50 26.99 8.00 22.95
CA GLU C 50 26.72 6.60 23.26
C GLU C 50 25.54 6.13 22.42
N VAL C 51 25.63 4.92 21.87
CA VAL C 51 24.64 4.44 20.92
C VAL C 51 23.95 3.17 21.41
N VAL C 52 22.64 3.08 21.20
CA VAL C 52 21.93 1.88 21.62
C VAL C 52 20.85 1.50 20.62
N VAL C 53 20.76 0.22 20.29
CA VAL C 53 19.70 -0.25 19.40
C VAL C 53 18.79 -1.21 20.13
N THR C 54 17.57 -0.78 20.37
CA THR C 54 16.62 -1.65 21.05
C THR C 54 15.51 -2.01 20.10
N ASN C 55 14.94 -3.18 20.31
CA ASN C 55 13.87 -3.69 19.47
C ASN C 55 12.71 -3.92 20.41
N ASP C 56 13.04 -4.12 21.67
CA ASP C 56 12.06 -4.20 22.73
C ASP C 56 11.61 -2.79 23.09
N GLY C 57 10.32 -2.65 23.33
CA GLY C 57 9.75 -1.34 23.62
C GLY C 57 10.12 -0.72 24.95
N VAL C 58 10.01 -1.50 26.01
CA VAL C 58 10.20 -1.00 27.38
C VAL C 58 11.54 -0.29 27.55
N THR C 59 12.58 -0.84 26.93
CA THR C 59 13.91 -0.26 26.98
C THR C 59 13.87 1.15 26.44
N ILE C 60 13.18 1.31 25.32
CA ILE C 60 13.07 2.60 24.64
C ILE C 60 12.22 3.58 25.45
N LEU C 61 11.16 3.05 26.07
CA LEU C 61 10.32 3.83 26.97
C LEU C 61 11.15 4.37 28.13
N THR C 62 12.22 3.66 28.48
CA THR C 62 13.00 4.03 29.64
C THR C 62 14.13 5.00 29.27
N LEU C 63 14.78 4.75 28.15
CA LEU C 63 15.98 5.50 27.79
C LEU C 63 15.75 6.78 26.95
N MET C 64 14.62 6.87 26.28
CA MET C 64 14.36 8.00 25.37
C MET C 64 14.30 9.35 26.07
N ASP C 65 15.11 10.29 25.60
CA ASP C 65 15.15 11.64 26.16
C ASP C 65 13.85 12.37 25.89
N ALA C 66 12.90 12.23 26.81
CA ALA C 66 11.60 12.87 26.72
C ALA C 66 11.32 13.71 27.96
N GLN C 67 11.65 15.00 27.90
CA GLN C 67 11.50 15.88 29.05
C GLN C 67 10.09 16.45 29.22
N HIS C 68 9.23 16.24 28.23
CA HIS C 68 7.87 16.78 28.28
C HIS C 68 7.02 16.11 29.37
N PRO C 69 6.37 16.92 30.22
CA PRO C 69 5.58 16.49 31.38
C PRO C 69 4.59 15.37 31.06
N ALA C 70 3.91 15.48 29.93
CA ALA C 70 2.97 14.45 29.49
C ALA C 70 3.69 13.13 29.31
N ALA C 71 4.77 13.15 28.52
CA ALA C 71 5.56 11.97 28.25
C ALA C 71 5.97 11.30 29.56
N ARG C 72 6.35 12.13 30.53
CA ARG C 72 6.67 11.65 31.87
C ARG C 72 5.46 10.93 32.46
N MET C 73 4.28 11.51 32.26
CA MET C 73 3.05 10.94 32.82
C MET C 73 2.62 9.68 32.09
N VAL C 74 3.25 9.40 30.96
CA VAL C 74 3.05 8.11 30.31
C VAL C 74 4.09 7.12 30.83
N VAL C 75 5.32 7.60 30.97
CA VAL C 75 6.42 6.79 31.49
C VAL C 75 6.11 6.17 32.85
N ASN C 76 5.58 6.99 33.76
CA ASN C 76 5.22 6.49 35.09
C ASN C 76 4.23 5.33 34.98
N MET C 77 3.32 5.44 34.03
CA MET C 77 2.33 4.40 33.79
C MET C 77 3.02 3.14 33.25
N ALA C 78 4.00 3.34 32.36
CA ALA C 78 4.77 2.22 31.82
C ALA C 78 5.44 1.46 32.98
N ARG C 79 6.05 2.21 33.88
CA ARG C 79 6.65 1.62 35.07
C ARG C 79 5.56 0.88 35.84
N ALA C 80 4.34 1.40 35.81
CA ALA C 80 3.25 0.77 36.54
C ALA C 80 2.85 -0.54 35.86
N GLN C 81 3.20 -0.69 34.60
CA GLN C 81 2.89 -1.91 33.87
C GLN C 81 3.98 -2.98 34.00
N GLU C 82 5.25 -2.57 33.90
CA GLU C 82 6.36 -3.52 33.98
C GLU C 82 6.39 -4.21 35.35
N ARG C 83 5.78 -3.57 36.34
CA ARG C 83 5.71 -4.12 37.68
C ARG C 83 4.75 -5.29 37.74
N GLU C 84 3.84 -5.36 36.77
CA GLU C 84 2.80 -6.38 36.80
C GLU C 84 2.96 -7.49 35.75
N VAL C 85 3.69 -7.26 34.66
CA VAL C 85 3.80 -8.33 33.67
C VAL C 85 5.21 -8.66 33.17
N GLY C 86 5.76 -7.76 32.37
CA GLY C 86 7.04 -8.00 31.73
C GLY C 86 6.85 -8.09 30.22
N ASP C 87 5.67 -8.52 29.80
CA ASP C 87 5.27 -8.53 28.39
C ASP C 87 4.02 -7.67 28.23
N GLY C 88 3.76 -7.18 27.02
CA GLY C 88 2.56 -6.40 26.80
C GLY C 88 2.56 -5.12 27.59
N THR C 89 3.70 -4.44 27.61
CA THR C 89 3.78 -3.10 28.18
C THR C 89 3.61 -2.13 27.03
N THR C 90 4.33 -2.43 25.96
CA THR C 90 4.26 -1.69 24.71
C THR C 90 2.80 -1.53 24.30
N THR C 91 2.03 -2.60 24.47
CA THR C 91 0.61 -2.60 24.15
C THR C 91 -0.09 -1.43 24.82
N ALA C 92 -0.14 -1.45 26.16
CA ALA C 92 -0.82 -0.41 26.91
C ALA C 92 -0.24 0.99 26.62
N ALA C 93 1.04 1.06 26.33
CA ALA C 93 1.66 2.33 25.97
C ALA C 93 1.07 2.92 24.70
N VAL C 94 1.22 2.16 23.61
CA VAL C 94 0.72 2.56 22.30
C VAL C 94 -0.76 2.88 22.38
N LEU C 95 -1.49 1.96 23.02
CA LEU C 95 -2.91 2.11 23.23
C LEU C 95 -3.24 3.43 23.90
N ALA C 96 -2.48 3.77 24.93
CA ALA C 96 -2.65 5.04 25.60
C ALA C 96 -2.48 6.20 24.64
N GLY C 97 -1.35 6.21 23.93
CA GLY C 97 -1.06 7.30 23.01
C GLY C 97 -2.11 7.50 21.94
N ALA C 98 -2.60 6.39 21.40
CA ALA C 98 -3.64 6.43 20.37
C ALA C 98 -4.92 6.98 20.95
N LEU C 99 -5.30 6.46 22.10
CA LEU C 99 -6.51 6.91 22.78
C LEU C 99 -6.46 8.41 22.99
N VAL C 100 -5.29 8.91 23.32
CA VAL C 100 -5.12 10.34 23.46
C VAL C 100 -5.32 11.06 22.13
N SER C 101 -4.48 10.74 21.15
CA SER C 101 -4.46 11.46 19.88
C SER C 101 -5.81 11.42 19.17
N GLU C 102 -6.24 10.24 18.77
CA GLU C 102 -7.53 10.11 18.08
C GLU C 102 -8.70 10.35 19.02
N GLY C 103 -8.44 10.39 20.33
CA GLY C 103 -9.44 10.81 21.29
C GLY C 103 -9.76 12.30 21.22
N VAL C 104 -8.72 13.13 21.15
CA VAL C 104 -8.89 14.58 21.16
C VAL C 104 -9.61 15.07 19.91
N ASN C 105 -9.43 14.36 18.80
CA ASN C 105 -10.01 14.74 17.51
C ASN C 105 -11.51 15.06 17.61
N GLN C 106 -12.22 14.31 18.44
CA GLN C 106 -13.67 14.52 18.61
C GLN C 106 -13.93 15.75 19.47
N ILE C 107 -13.00 16.07 20.36
CA ILE C 107 -13.12 17.24 21.21
C ILE C 107 -12.90 18.50 20.39
N LEU C 108 -11.97 18.42 19.45
CA LEU C 108 -11.66 19.54 18.56
C LEU C 108 -12.84 19.86 17.64
N LYS C 109 -13.62 18.85 17.31
CA LYS C 109 -14.76 19.02 16.43
C LYS C 109 -15.85 19.86 17.08
N GLY C 110 -15.92 19.83 18.42
CA GLY C 110 -16.88 20.66 19.14
C GLY C 110 -17.54 19.97 20.32
N VAL C 111 -17.16 18.71 20.56
CA VAL C 111 -17.67 18.02 21.74
C VAL C 111 -16.85 18.42 22.97
N PRO C 112 -17.52 18.96 24.00
CA PRO C 112 -16.87 19.43 25.24
C PRO C 112 -16.24 18.31 26.03
N VAL C 113 -15.13 18.62 26.69
CA VAL C 113 -14.25 17.63 27.29
C VAL C 113 -14.92 16.69 28.28
N SER C 114 -15.56 17.25 29.29
CA SER C 114 -16.16 16.45 30.35
C SER C 114 -17.16 15.45 29.79
N LYS C 115 -17.93 15.86 28.79
CA LYS C 115 -18.91 14.98 28.17
C LYS C 115 -18.22 13.93 27.30
N VAL C 116 -16.96 14.16 26.96
CA VAL C 116 -16.17 13.17 26.25
C VAL C 116 -15.76 12.10 27.24
N LEU C 117 -15.14 12.55 28.32
CA LEU C 117 -14.68 11.65 29.36
C LEU C 117 -15.83 10.79 29.83
N ALA C 118 -16.99 11.44 30.01
CA ALA C 118 -18.18 10.80 30.54
C ALA C 118 -18.54 9.54 29.76
N GLY C 119 -18.44 9.61 28.43
CA GLY C 119 -18.71 8.44 27.63
C GLY C 119 -17.54 7.49 27.62
N MET C 120 -16.33 8.05 27.62
CA MET C 120 -15.13 7.22 27.63
C MET C 120 -15.04 6.25 28.80
N ASN C 121 -15.34 6.70 30.02
CA ASN C 121 -15.33 5.77 31.16
C ASN C 121 -16.37 4.68 30.96
N ARG C 122 -17.51 5.03 30.39
CA ARG C 122 -18.54 4.04 30.11
C ARG C 122 -17.94 2.96 29.23
N ALA C 123 -17.24 3.40 28.19
CA ALA C 123 -16.59 2.49 27.27
C ALA C 123 -15.56 1.61 27.98
N LEU C 124 -14.78 2.22 28.86
CA LEU C 124 -13.77 1.50 29.62
C LEU C 124 -14.37 0.42 30.50
N ASN C 125 -15.24 0.85 31.41
CA ASN C 125 -15.89 -0.03 32.34
C ASN C 125 -16.53 -1.20 31.62
N HIS C 126 -17.21 -0.90 30.52
CA HIS C 126 -17.85 -1.95 29.74
C HIS C 126 -16.80 -2.89 29.15
N ALA C 127 -15.69 -2.32 28.69
CA ALA C 127 -14.62 -3.11 28.08
C ALA C 127 -14.08 -4.12 29.09
N LEU C 128 -13.70 -3.64 30.26
CA LEU C 128 -13.23 -4.52 31.31
C LEU C 128 -14.27 -5.58 31.61
N PHE C 129 -15.52 -5.14 31.81
CA PHE C 129 -16.60 -6.07 32.15
C PHE C 129 -16.72 -7.19 31.14
N LEU C 130 -16.46 -6.90 29.87
CA LEU C 130 -16.56 -7.94 28.86
C LEU C 130 -15.29 -8.79 28.87
N ILE C 131 -14.16 -8.19 29.23
CA ILE C 131 -12.91 -8.93 29.35
C ILE C 131 -13.07 -10.00 30.42
N ARG C 132 -13.77 -9.65 31.50
CA ARG C 132 -14.04 -10.58 32.60
C ARG C 132 -14.75 -11.83 32.06
N LYS C 133 -15.91 -11.63 31.45
CA LYS C 133 -16.68 -12.76 30.96
C LYS C 133 -15.94 -13.54 29.89
N ASN C 134 -15.15 -12.85 29.07
CA ASN C 134 -14.49 -13.51 27.95
C ASN C 134 -13.10 -14.03 28.28
N ALA C 135 -12.63 -13.81 29.50
CA ALA C 135 -11.34 -14.34 29.91
C ALA C 135 -11.42 -15.86 29.93
N ILE C 136 -10.82 -16.51 28.94
CA ILE C 136 -10.86 -17.96 28.87
C ILE C 136 -10.03 -18.60 29.97
N LYS C 137 -10.71 -19.13 30.99
CA LYS C 137 -10.04 -19.86 32.06
C LYS C 137 -9.76 -21.28 31.59
N VAL C 138 -8.70 -21.88 32.11
CA VAL C 138 -8.20 -23.14 31.59
C VAL C 138 -8.94 -24.35 32.15
N GLY C 139 -8.88 -24.52 33.47
CA GLY C 139 -9.48 -25.67 34.10
C GLY C 139 -8.60 -26.89 33.93
N SER C 140 -7.35 -26.65 33.57
CA SER C 140 -6.37 -27.71 33.35
C SER C 140 -5.01 -27.18 33.75
N ILE C 141 -3.96 -27.99 33.58
CA ILE C 141 -2.62 -27.54 33.90
C ILE C 141 -1.70 -28.02 32.79
N THR C 142 -2.24 -28.89 31.96
CA THR C 142 -1.48 -29.49 30.88
C THR C 142 -1.75 -28.84 29.53
N ASP C 143 -2.72 -27.94 29.50
CA ASP C 143 -3.19 -27.31 28.26
C ASP C 143 -2.07 -26.67 27.44
N ASP C 144 -2.12 -26.89 26.13
CA ASP C 144 -1.14 -26.35 25.21
C ASP C 144 -1.15 -24.83 25.22
N ARG C 145 -2.32 -24.26 25.47
CA ARG C 145 -2.50 -22.80 25.47
C ARG C 145 -1.56 -22.12 26.46
N LEU C 146 -1.30 -22.78 27.57
CA LEU C 146 -0.37 -22.26 28.57
C LEU C 146 1.05 -22.33 28.03
N LEU C 147 1.39 -23.49 27.45
CA LEU C 147 2.71 -23.69 26.87
C LEU C 147 3.01 -22.62 25.86
N ALA C 148 2.02 -22.27 25.05
CA ALA C 148 2.17 -21.19 24.08
C ALA C 148 2.31 -19.86 24.79
N ALA C 149 1.56 -19.69 25.87
CA ALA C 149 1.63 -18.44 26.64
C ALA C 149 3.06 -18.21 27.10
N ALA C 150 3.76 -19.30 27.38
CA ALA C 150 5.18 -19.22 27.71
C ALA C 150 6.02 -19.10 26.44
N LYS C 151 5.51 -19.65 25.35
CA LYS C 151 6.26 -19.70 24.09
C LYS C 151 6.48 -18.30 23.55
N ILE C 152 5.45 -17.47 23.59
CA ILE C 152 5.50 -16.16 22.96
C ILE C 152 6.44 -15.22 23.71
N ALA C 153 6.45 -15.32 25.03
CA ALA C 153 7.38 -14.54 25.81
C ALA C 153 8.71 -15.25 25.69
N GLY C 154 8.63 -16.55 25.42
CA GLY C 154 9.78 -17.41 25.33
C GLY C 154 10.52 -17.17 24.03
N ARG C 155 9.82 -16.58 23.07
CA ARG C 155 10.33 -16.33 21.73
C ARG C 155 10.32 -17.60 20.86
N GLY C 156 9.71 -18.66 21.38
CA GLY C 156 9.47 -19.87 20.59
C GLY C 156 10.39 -21.07 20.68
N ASP C 157 11.13 -21.20 21.79
CA ASP C 157 11.94 -22.40 22.01
C ASP C 157 11.18 -23.33 22.95
N GLU C 158 10.40 -24.23 22.37
CA GLU C 158 9.47 -25.07 23.11
C GLU C 158 10.19 -25.89 24.20
N ARG C 159 11.51 -26.02 24.11
CA ARG C 159 12.27 -26.65 25.19
C ARG C 159 12.04 -25.90 26.51
N VAL C 160 12.27 -24.59 26.48
CA VAL C 160 12.11 -23.73 27.64
C VAL C 160 10.68 -23.77 28.13
N ALA C 161 9.75 -23.70 27.19
CA ALA C 161 8.33 -23.78 27.47
C ALA C 161 8.04 -25.06 28.26
N ALA C 162 8.51 -26.19 27.73
CA ALA C 162 8.27 -27.50 28.31
C ALA C 162 8.81 -27.61 29.73
N ILE C 163 10.07 -27.24 29.93
CA ILE C 163 10.65 -27.40 31.27
C ILE C 163 10.00 -26.45 32.27
N LEU C 164 9.68 -25.25 31.83
CA LEU C 164 8.99 -24.30 32.70
C LEU C 164 7.61 -24.85 33.05
N ARG C 165 6.96 -25.43 32.07
CA ARG C 165 5.62 -25.99 32.23
C ARG C 165 5.61 -27.14 33.23
N ASP C 166 6.56 -28.04 33.08
CA ASP C 166 6.66 -29.19 33.97
C ASP C 166 7.00 -28.71 35.36
N ALA C 167 7.82 -27.68 35.44
CA ALA C 167 8.20 -27.12 36.72
C ALA C 167 7.00 -26.55 37.44
N ALA C 168 6.21 -25.77 36.73
CA ALA C 168 5.02 -25.17 37.31
C ALA C 168 4.02 -26.25 37.69
N ALA C 169 4.06 -27.35 36.93
CA ALA C 169 3.19 -28.48 37.20
C ALA C 169 3.56 -29.10 38.53
N MET C 170 4.85 -29.25 38.76
CA MET C 170 5.35 -29.81 40.01
C MET C 170 4.91 -28.97 41.22
N LEU C 171 4.63 -27.69 40.98
CA LEU C 171 4.28 -26.81 42.07
C LEU C 171 2.93 -26.13 41.89
N GLU C 172 1.94 -26.86 41.38
CA GLU C 172 0.68 -26.23 41.02
C GLU C 172 -0.06 -25.65 42.22
N ASP C 173 0.21 -26.21 43.39
CA ASP C 173 -0.54 -25.84 44.58
C ASP C 173 -0.11 -24.47 45.07
N LYS C 174 1.14 -24.12 44.84
CA LYS C 174 1.62 -22.80 45.26
C LYS C 174 1.46 -21.81 44.13
N LEU C 175 0.69 -22.19 43.10
CA LEU C 175 0.38 -21.21 42.07
C LEU C 175 -0.82 -20.40 42.54
N GLN C 176 -1.30 -20.77 43.72
CA GLN C 176 -2.46 -20.12 44.30
C GLN C 176 -1.97 -19.12 45.34
N ASP C 177 -0.65 -19.16 45.57
CA ASP C 177 0.02 -18.31 46.55
C ASP C 177 0.58 -17.03 45.95
N PRO C 178 -0.01 -15.88 46.34
CA PRO C 178 0.47 -14.58 45.86
C PRO C 178 1.85 -14.25 46.40
N GLY C 179 2.32 -15.02 47.39
CA GLY C 179 3.66 -14.88 47.89
C GLY C 179 4.64 -15.71 47.09
N PHE C 180 4.32 -15.96 45.82
CA PHE C 180 5.16 -16.77 44.96
C PHE C 180 5.25 -16.26 43.52
N LYS C 181 6.47 -16.14 43.02
CA LYS C 181 6.70 -15.82 41.61
C LYS C 181 7.39 -16.99 40.93
N LEU C 182 6.81 -17.48 39.84
CA LEU C 182 7.38 -18.62 39.14
C LEU C 182 8.73 -18.25 38.53
N ALA C 183 8.88 -16.98 38.19
CA ALA C 183 10.09 -16.48 37.54
C ALA C 183 11.33 -16.76 38.37
N ASP C 184 11.14 -16.95 39.68
CA ASP C 184 12.25 -17.15 40.59
C ASP C 184 12.87 -18.53 40.45
N LEU C 185 12.17 -19.45 39.78
CA LEU C 185 12.65 -20.82 39.68
C LEU C 185 13.71 -21.01 38.61
N VAL C 186 14.24 -19.92 38.07
CA VAL C 186 15.22 -20.04 37.01
C VAL C 186 16.57 -19.42 37.31
N LEU C 187 17.62 -20.21 37.11
CA LEU C 187 18.98 -19.70 37.11
C LEU C 187 19.70 -20.34 35.93
N ALA C 188 20.36 -19.52 35.14
CA ALA C 188 21.03 -20.01 33.94
C ALA C 188 22.54 -20.04 34.09
N LYS C 189 23.17 -21.05 33.49
CA LYS C 189 24.62 -21.17 33.54
C LYS C 189 25.15 -21.50 32.16
N VAL C 190 26.33 -20.94 31.85
CA VAL C 190 27.00 -21.13 30.58
C VAL C 190 27.35 -22.59 30.26
N GLY C 191 27.01 -23.02 29.04
CA GLY C 191 27.41 -24.32 28.56
C GLY C 191 26.75 -25.49 29.26
N ALA C 192 25.70 -25.20 30.02
CA ALA C 192 24.98 -26.23 30.76
C ALA C 192 24.03 -26.96 29.83
N ASP C 193 23.25 -27.87 30.38
CA ASP C 193 22.28 -28.62 29.60
C ASP C 193 20.90 -28.30 30.15
N THR C 194 20.05 -27.76 29.29
CA THR C 194 18.77 -27.21 29.68
C THR C 194 17.89 -28.23 30.40
N THR C 195 17.83 -28.15 31.73
CA THR C 195 17.05 -29.12 32.48
C THR C 195 16.44 -28.60 33.78
N LEU C 196 15.75 -29.50 34.48
CA LEU C 196 15.08 -29.18 35.73
C LEU C 196 15.71 -29.87 36.94
N ILE C 197 15.77 -29.16 38.07
CA ILE C 197 16.27 -29.70 39.33
C ILE C 197 15.22 -29.57 40.42
N PRO C 198 14.89 -30.69 41.08
CA PRO C 198 13.86 -30.72 42.13
C PRO C 198 14.35 -30.20 43.48
N GLY C 199 15.07 -29.08 43.47
CA GLY C 199 15.60 -28.52 44.70
C GLY C 199 16.13 -27.12 44.47
N VAL C 200 17.03 -26.66 45.33
CA VAL C 200 17.61 -25.32 45.15
C VAL C 200 19.08 -25.40 44.78
N VAL C 201 19.54 -24.48 43.95
CA VAL C 201 20.91 -24.55 43.50
C VAL C 201 21.69 -23.33 43.88
N ILE C 202 22.99 -23.52 44.07
CA ILE C 202 23.93 -22.45 44.31
C ILE C 202 25.05 -22.55 43.30
N ASN C 203 25.19 -21.53 42.47
CA ASN C 203 26.17 -21.55 41.40
C ASN C 203 27.54 -21.16 41.93
N LYS C 204 28.16 -22.08 42.66
CA LYS C 204 29.50 -21.89 43.21
C LYS C 204 30.21 -23.20 43.57
N SER C 205 31.53 -23.13 43.64
CA SER C 205 32.37 -24.24 44.09
C SER C 205 32.62 -24.10 45.59
N PRO C 206 32.54 -25.22 46.33
CA PRO C 206 32.83 -25.28 47.77
C PRO C 206 34.23 -24.78 48.14
N LEU C 207 34.51 -24.63 49.44
CA LEU C 207 35.76 -24.02 49.90
C LEU C 207 37.01 -24.83 49.55
N TRP C 208 36.95 -26.14 49.80
CA TRP C 208 38.04 -27.03 49.41
C TRP C 208 37.42 -28.08 48.50
N GLU C 209 38.00 -28.27 47.32
CA GLU C 209 37.42 -29.20 46.37
C GLU C 209 38.33 -30.37 46.06
N GLU C 210 37.72 -31.54 45.92
CA GLU C 210 38.44 -32.75 45.55
C GLU C 210 37.52 -33.62 44.70
N GLY C 211 36.93 -33.03 43.66
CA GLY C 211 35.99 -33.73 42.80
C GLY C 211 34.55 -33.62 43.26
N SER C 212 33.63 -34.12 42.44
CA SER C 212 32.21 -34.19 42.78
C SER C 212 31.99 -34.88 44.12
N GLN C 213 31.28 -34.23 45.03
CA GLN C 213 31.15 -34.75 46.39
C GLN C 213 29.73 -34.67 46.94
N LYS C 214 29.35 -35.62 47.78
CA LYS C 214 27.99 -35.69 48.31
C LYS C 214 27.90 -35.93 49.83
N LEU C 215 26.97 -35.22 50.48
CA LEU C 215 26.69 -35.45 51.89
C LEU C 215 25.20 -35.68 52.15
N GLN C 216 24.91 -36.50 53.16
CA GLN C 216 23.55 -36.93 53.47
C GLN C 216 23.15 -36.47 54.86
N GLU C 217 21.83 -36.51 55.13
CA GLU C 217 21.28 -36.11 56.42
C GLU C 217 21.86 -34.77 56.84
N VAL C 218 21.78 -33.79 55.93
CA VAL C 218 22.52 -32.54 56.10
C VAL C 218 22.00 -31.58 57.17
N ARG C 219 22.80 -31.44 58.22
CA ARG C 219 22.62 -30.36 59.19
C ARG C 219 23.42 -29.16 58.71
N LEU C 220 22.74 -28.10 58.28
CA LEU C 220 23.43 -26.94 57.76
C LEU C 220 23.02 -25.67 58.46
N LEU C 221 23.93 -24.71 58.49
CA LEU C 221 23.62 -23.39 59.00
C LEU C 221 23.90 -22.33 57.96
N VAL C 222 23.01 -21.35 57.88
CA VAL C 222 23.13 -20.28 56.90
C VAL C 222 23.48 -18.96 57.56
N LEU C 223 24.32 -18.18 56.91
CA LEU C 223 24.73 -16.90 57.45
C LEU C 223 24.64 -15.79 56.41
N ASP C 224 23.91 -14.73 56.76
CA ASP C 224 23.89 -13.52 55.96
C ASP C 224 25.07 -12.65 56.36
N ASP C 225 26.26 -13.24 56.33
CA ASP C 225 27.47 -12.60 56.83
C ASP C 225 28.70 -13.42 56.43
N GLY C 226 29.82 -13.14 57.07
CA GLY C 226 31.05 -13.87 56.80
C GLY C 226 31.62 -14.42 58.09
N LEU C 227 32.54 -15.38 58.00
CA LEU C 227 33.04 -16.04 59.19
C LEU C 227 34.36 -15.48 59.75
N TYR C 228 34.28 -14.28 60.35
CA TYR C 228 35.40 -13.72 61.11
C TYR C 228 34.96 -13.52 62.56
N PRO C 229 35.93 -13.42 63.48
CA PRO C 229 35.62 -13.07 64.88
C PRO C 229 35.18 -11.60 65.07
N GLU C 230 34.66 -11.29 66.25
CA GLU C 230 34.09 -9.96 66.56
C GLU C 230 35.11 -8.81 66.64
N GLU C 231 34.77 -7.71 65.98
CA GLU C 231 35.62 -6.52 65.89
C GLU C 231 35.33 -5.45 66.95
N VAL C 232 36.35 -4.64 67.23
CA VAL C 232 36.26 -3.47 68.12
C VAL C 232 37.01 -2.37 67.37
N GLU C 233 36.71 -1.10 67.65
CA GLU C 233 37.27 0.03 66.90
C GLU C 233 38.78 -0.10 66.66
N GLU C 234 39.21 0.35 65.49
CA GLU C 234 40.59 0.18 65.03
C GLU C 234 41.65 0.90 65.88
N GLU C 235 41.29 2.06 66.42
CA GLU C 235 42.19 2.81 67.29
C GLU C 235 42.57 1.97 68.49
N ALA C 236 41.63 1.13 68.93
CA ALA C 236 41.82 0.28 70.09
C ALA C 236 42.89 -0.79 69.87
N LEU C 237 43.48 -0.86 68.67
CA LEU C 237 44.58 -1.79 68.46
C LEU C 237 45.90 -1.17 68.92
N ALA C 238 45.82 0.08 69.39
CA ALA C 238 46.99 0.75 69.94
C ALA C 238 46.84 1.00 71.43
N SER C 239 45.89 0.31 72.07
CA SER C 239 45.61 0.56 73.48
C SER C 239 45.82 -0.65 74.37
N GLU C 240 46.46 -1.69 73.82
CA GLU C 240 46.81 -2.91 74.57
C GLU C 240 45.61 -3.66 75.17
N ALA C 241 44.70 -2.96 75.85
CA ALA C 241 43.47 -3.57 76.36
C ALA C 241 42.55 -4.04 75.22
N GLY C 242 42.50 -3.26 74.14
CA GLY C 242 41.73 -3.61 72.97
C GLY C 242 42.31 -4.88 72.39
N PHE C 243 43.62 -5.02 72.57
CA PHE C 243 44.35 -6.21 72.15
C PHE C 243 43.91 -7.41 72.98
N GLU C 244 43.64 -7.17 74.25
CA GLU C 244 43.19 -8.24 75.13
C GLU C 244 41.80 -8.68 74.70
N GLN C 245 41.01 -7.71 74.21
CA GLN C 245 39.73 -8.06 73.61
C GLN C 245 39.95 -8.87 72.35
N TYR C 246 41.02 -8.56 71.63
CA TYR C 246 41.36 -9.30 70.42
C TYR C 246 41.73 -10.76 70.69
N LEU C 247 42.60 -11.01 71.65
CA LEU C 247 42.99 -12.37 72.00
C LEU C 247 41.81 -13.15 72.61
N LYS C 248 41.02 -12.47 73.42
CA LYS C 248 39.88 -13.10 74.10
C LYS C 248 38.90 -13.57 73.02
N ASN C 249 38.66 -12.69 72.06
CA ASN C 249 37.77 -12.99 70.95
C ASN C 249 38.35 -14.10 70.06
N GLN C 250 39.68 -14.11 69.93
CA GLN C 250 40.37 -15.20 69.22
C GLN C 250 40.06 -16.53 69.88
N LYS C 251 39.95 -16.53 71.20
CA LYS C 251 39.58 -17.74 71.93
C LYS C 251 38.12 -18.12 71.70
N ILE C 252 37.23 -17.16 71.87
CA ILE C 252 35.80 -17.45 71.79
C ILE C 252 35.36 -17.89 70.39
N PHE C 253 36.11 -17.49 69.37
CA PHE C 253 35.82 -17.92 68.00
C PHE C 253 35.93 -19.45 67.87
N GLN C 254 37.08 -19.99 68.32
CA GLN C 254 37.35 -21.42 68.29
C GLN C 254 36.42 -22.17 69.22
N GLU C 255 36.15 -21.57 70.38
CA GLU C 255 35.18 -22.12 71.32
C GLU C 255 33.85 -22.35 70.59
N ASN C 256 33.43 -21.34 69.84
CA ASN C 256 32.18 -21.42 69.10
C ASN C 256 32.26 -22.46 67.98
N LEU C 257 33.46 -22.63 67.43
CA LEU C 257 33.69 -23.69 66.44
C LEU C 257 33.36 -25.05 67.03
N LYS C 258 33.86 -25.29 68.24
CA LYS C 258 33.54 -26.55 68.93
C LYS C 258 32.03 -26.60 69.21
N LYS C 259 31.43 -25.45 69.50
CA LYS C 259 29.98 -25.40 69.68
C LYS C 259 29.22 -25.87 68.44
N LEU C 260 29.81 -25.63 67.26
CA LEU C 260 29.20 -26.14 66.04
C LEU C 260 29.42 -27.63 65.86
N LYS C 261 30.65 -28.10 66.09
CA LYS C 261 30.92 -29.52 65.94
C LYS C 261 30.13 -30.34 66.96
N GLU C 262 29.61 -29.67 68.00
CA GLU C 262 28.76 -30.33 68.98
C GLU C 262 27.41 -30.80 68.44
N LEU C 263 26.72 -29.97 67.66
CA LEU C 263 25.36 -30.31 67.26
C LEU C 263 25.33 -31.16 65.99
N GLY C 264 26.50 -31.49 65.47
CA GLY C 264 26.56 -32.34 64.30
C GLY C 264 26.39 -31.63 62.97
N VAL C 265 26.80 -30.37 62.91
CA VAL C 265 26.71 -29.59 61.68
C VAL C 265 27.70 -30.15 60.67
N LYS C 266 27.28 -30.27 59.41
CA LYS C 266 28.13 -30.82 58.38
C LYS C 266 28.26 -29.90 57.17
N LEU C 267 27.55 -28.77 57.19
CA LEU C 267 27.54 -27.87 56.05
C LEU C 267 27.29 -26.41 56.44
N ILE C 268 28.06 -25.50 55.84
CA ILE C 268 27.95 -24.08 56.15
C ILE C 268 27.85 -23.21 54.90
N LEU C 269 26.98 -22.20 54.97
CA LEU C 269 26.77 -21.31 53.84
C LEU C 269 27.00 -19.86 54.25
N LEU C 270 27.87 -19.18 53.50
CA LEU C 270 28.24 -17.80 53.82
C LEU C 270 28.06 -16.87 52.63
N THR C 271 27.88 -15.59 52.92
CA THR C 271 27.73 -14.57 51.90
C THR C 271 29.02 -13.79 51.69
N ARG C 272 30.03 -14.07 52.50
CA ARG C 272 31.31 -13.39 52.38
C ARG C 272 32.47 -14.39 52.36
N GLY C 273 33.61 -13.98 52.90
CA GLY C 273 34.80 -14.80 52.90
C GLY C 273 34.89 -15.63 54.17
N ILE C 274 36.06 -16.25 54.39
CA ILE C 274 36.26 -17.06 55.58
C ILE C 274 37.65 -16.88 56.16
N SER C 275 37.73 -16.85 57.49
CA SER C 275 39.00 -16.75 58.21
C SER C 275 39.78 -18.05 58.12
N ASP C 276 41.11 -17.93 58.17
CA ASP C 276 42.00 -19.07 58.07
C ASP C 276 41.75 -20.05 59.20
N ILE C 277 41.36 -19.52 60.36
CA ILE C 277 41.06 -20.34 61.51
C ILE C 277 39.89 -21.25 61.20
N ALA C 278 38.85 -20.66 60.61
CA ALA C 278 37.67 -21.39 60.22
C ALA C 278 38.00 -22.41 59.13
N GLU C 279 38.79 -21.99 58.15
CA GLU C 279 39.20 -22.86 57.05
C GLU C 279 39.91 -24.11 57.55
N GLU C 280 40.89 -23.92 58.42
CA GLU C 280 41.61 -25.03 59.02
C GLU C 280 40.67 -25.92 59.83
N PHE C 281 39.85 -25.31 60.68
CA PHE C 281 38.93 -26.04 61.54
C PHE C 281 38.00 -26.94 60.74
N CYS C 282 37.46 -26.39 59.66
CA CYS C 282 36.55 -27.12 58.79
C CYS C 282 37.31 -28.24 58.09
N TYR C 283 38.54 -27.92 57.69
CA TYR C 283 39.41 -28.87 57.02
C TYR C 283 39.59 -30.10 57.93
N GLU C 284 39.64 -29.87 59.23
CA GLU C 284 39.78 -30.96 60.21
C GLU C 284 38.49 -31.73 60.57
N ASN C 285 37.34 -31.08 60.50
CA ASN C 285 36.11 -31.70 60.98
C ASN C 285 35.10 -32.17 59.95
N GLU C 286 35.58 -32.49 58.74
CA GLU C 286 34.78 -33.04 57.64
C GLU C 286 33.50 -32.23 57.35
N ILE C 287 33.52 -30.94 57.67
CA ILE C 287 32.39 -30.05 57.40
C ILE C 287 32.62 -29.26 56.13
N MET C 288 31.68 -29.33 55.19
CA MET C 288 31.81 -28.61 53.92
C MET C 288 31.21 -27.21 54.00
N VAL C 289 31.80 -26.27 53.27
CA VAL C 289 31.34 -24.88 53.33
C VAL C 289 31.53 -24.17 51.98
N ILE C 290 30.54 -23.35 51.60
CA ILE C 290 30.62 -22.55 50.38
C ILE C 290 30.41 -21.06 50.68
N THR C 291 31.12 -20.22 49.95
CA THR C 291 31.16 -18.78 50.21
C THR C 291 30.53 -17.93 49.11
N ARG C 292 30.32 -16.65 49.44
CA ARG C 292 29.89 -15.62 48.49
C ARG C 292 28.64 -15.93 47.70
N ILE C 293 27.57 -16.32 48.39
CA ILE C 293 26.28 -16.56 47.72
C ILE C 293 25.49 -15.26 47.55
N THR C 294 24.48 -15.30 46.69
CA THR C 294 23.59 -14.15 46.49
C THR C 294 22.62 -14.00 47.65
N GLN C 295 22.23 -12.77 47.96
CA GLN C 295 21.23 -12.54 48.99
C GLN C 295 19.92 -13.20 48.58
N LYS C 296 19.72 -13.31 47.26
CA LYS C 296 18.56 -14.02 46.74
C LYS C 296 18.74 -15.52 46.89
N GLU C 297 19.94 -16.02 46.62
CA GLU C 297 20.26 -17.42 46.88
C GLU C 297 20.10 -17.68 48.37
N LEU C 298 20.54 -16.71 49.16
CA LEU C 298 20.39 -16.74 50.61
C LEU C 298 18.94 -16.96 50.97
N LYS C 299 18.07 -16.13 50.41
CA LYS C 299 16.65 -16.21 50.71
C LYS C 299 16.09 -17.56 50.30
N ARG C 300 16.51 -18.05 49.14
CA ARG C 300 15.97 -19.32 48.65
C ARG C 300 16.36 -20.49 49.52
N VAL C 301 17.64 -20.61 49.86
CA VAL C 301 18.08 -21.72 50.70
C VAL C 301 17.49 -21.60 52.11
N LEU C 302 17.32 -20.36 52.56
CA LEU C 302 16.69 -20.10 53.85
C LEU C 302 15.24 -20.57 53.90
N GLU C 303 14.49 -20.27 52.85
CA GLU C 303 13.10 -20.69 52.77
C GLU C 303 12.97 -22.20 52.61
N PHE C 304 13.83 -22.77 51.78
CA PHE C 304 13.72 -24.18 51.43
C PHE C 304 14.10 -25.04 52.64
N THR C 305 15.18 -24.68 53.32
CA THR C 305 15.67 -25.50 54.42
C THR C 305 14.87 -25.27 55.70
N GLY C 306 14.23 -24.11 55.81
CA GLY C 306 13.49 -23.76 57.01
C GLY C 306 14.41 -23.22 58.10
N ALA C 307 15.64 -22.93 57.72
CA ALA C 307 16.64 -22.41 58.65
C ALA C 307 16.37 -20.95 58.99
N ARG C 308 17.18 -20.41 59.88
CA ARG C 308 17.05 -19.01 60.30
C ARG C 308 18.29 -18.24 59.87
N ALA C 309 18.08 -17.03 59.35
CA ALA C 309 19.19 -16.20 58.94
C ALA C 309 20.03 -15.87 60.16
N ALA C 310 21.34 -16.03 60.03
CA ALA C 310 22.23 -15.79 61.16
C ALA C 310 23.42 -14.94 60.75
N LYS C 311 24.11 -14.40 61.73
CA LYS C 311 25.31 -13.62 61.49
C LYS C 311 26.41 -14.00 62.47
N ARG C 312 27.45 -13.17 62.54
CA ARG C 312 28.63 -13.47 63.34
C ARG C 312 28.28 -13.54 64.82
N THR C 313 27.51 -12.56 65.28
CA THR C 313 27.21 -12.40 66.70
C THR C 313 26.35 -13.51 67.30
N SER C 314 25.51 -14.14 66.47
CA SER C 314 24.61 -15.18 66.96
C SER C 314 25.32 -16.50 67.25
N LEU C 315 26.63 -16.43 67.49
CA LEU C 315 27.41 -17.60 67.89
C LEU C 315 27.44 -17.78 69.40
N ASN C 316 27.01 -16.77 70.15
CA ASN C 316 27.09 -16.81 71.60
C ASN C 316 25.91 -17.50 72.29
N LYS C 317 24.88 -17.87 71.56
CA LYS C 317 23.78 -18.63 72.16
C LYS C 317 24.30 -20.01 72.58
N PRO C 318 23.79 -20.54 73.70
CA PRO C 318 24.36 -21.74 74.35
C PRO C 318 23.93 -23.09 73.78
N VAL C 319 24.17 -23.33 72.50
CA VAL C 319 23.97 -24.67 71.89
C VAL C 319 22.54 -25.23 72.02
N GLU C 320 21.69 -24.56 72.80
CA GLU C 320 20.36 -25.07 73.09
C GLU C 320 19.42 -24.32 72.17
N GLU C 321 19.77 -23.06 71.93
CA GLU C 321 19.12 -22.24 70.93
C GLU C 321 19.73 -22.49 69.54
N LEU C 322 20.84 -23.22 69.51
CA LEU C 322 21.51 -23.58 68.27
C LEU C 322 20.66 -24.53 67.42
N GLN C 323 19.92 -25.41 68.07
CA GLN C 323 19.02 -26.35 67.39
C GLN C 323 17.82 -25.61 66.80
N LYS C 324 17.74 -24.31 67.04
CA LYS C 324 16.60 -23.52 66.62
C LYS C 324 16.88 -22.72 65.34
N MET C 325 18.16 -22.53 65.04
CA MET C 325 18.55 -21.78 63.84
C MET C 325 19.14 -22.66 62.73
N LEU C 326 19.04 -23.98 62.88
CA LEU C 326 19.70 -24.88 61.93
C LEU C 326 18.82 -25.30 60.76
N GLY C 327 19.39 -26.07 59.86
CA GLY C 327 18.70 -26.50 58.65
C GLY C 327 18.81 -27.98 58.33
N TYR C 328 17.90 -28.44 57.47
CA TYR C 328 17.78 -29.83 57.05
C TYR C 328 16.65 -29.86 56.02
N ALA C 329 16.85 -30.11 54.72
CA ALA C 329 18.06 -30.56 53.94
C ALA C 329 18.37 -32.04 54.12
N ARG C 330 17.73 -32.85 53.28
CA ARG C 330 17.91 -34.29 53.28
C ARG C 330 19.20 -34.73 52.58
N THR C 331 19.47 -34.14 51.41
CA THR C 331 20.67 -34.50 50.65
C THR C 331 21.32 -33.27 50.03
N CYS C 332 22.62 -33.39 49.78
CA CYS C 332 23.38 -32.29 49.18
C CYS C 332 24.51 -32.79 48.30
N PHE C 333 24.62 -32.23 47.09
CA PHE C 333 25.63 -32.69 46.13
C PHE C 333 26.30 -31.56 45.35
N TYR C 334 27.62 -31.57 45.33
CA TYR C 334 28.39 -30.66 44.50
C TYR C 334 28.96 -31.36 43.27
N ASP C 335 28.66 -30.80 42.10
CA ASP C 335 29.16 -31.32 40.84
C ASP C 335 30.35 -30.50 40.34
N SER C 336 31.47 -31.21 40.20
CA SER C 336 32.71 -30.65 39.69
C SER C 336 32.72 -30.68 38.16
N ARG C 337 31.96 -31.61 37.59
CA ARG C 337 31.89 -31.75 36.15
C ARG C 337 30.86 -30.79 35.58
N LEU C 338 30.25 -30.00 36.46
CA LEU C 338 29.27 -29.02 36.05
C LEU C 338 29.44 -27.73 36.86
N ASP C 339 30.26 -27.80 37.90
CA ASP C 339 30.66 -26.65 38.70
C ASP C 339 29.47 -25.96 39.38
N PHE C 340 28.70 -26.71 40.16
CA PHE C 340 27.71 -26.06 41.04
C PHE C 340 27.14 -26.97 42.12
N THR C 341 26.28 -26.40 42.95
CA THR C 341 25.80 -27.06 44.15
C THR C 341 24.29 -27.26 44.16
N ILE C 342 23.86 -28.43 44.63
CA ILE C 342 22.46 -28.80 44.65
C ILE C 342 22.03 -29.24 46.05
N ILE C 343 20.99 -28.59 46.55
CA ILE C 343 20.41 -28.91 47.85
C ILE C 343 19.01 -29.46 47.66
N GLU C 344 18.76 -30.65 48.19
CA GLU C 344 17.46 -31.29 48.00
C GLU C 344 16.92 -31.86 49.31
N GLY C 345 15.59 -31.90 49.44
CA GLY C 345 14.96 -32.48 50.61
C GLY C 345 14.83 -31.56 51.80
N GLY C 346 14.43 -30.32 51.53
CA GLY C 346 14.25 -29.32 52.57
C GLY C 346 13.03 -29.56 53.44
N ALA C 347 13.08 -29.12 54.68
CA ALA C 347 11.97 -29.29 55.61
C ALA C 347 11.11 -28.05 55.69
N GLY C 348 11.28 -27.14 54.74
CA GLY C 348 10.47 -25.93 54.70
C GLY C 348 9.47 -25.97 53.56
N LYS C 349 9.49 -24.94 52.72
CA LYS C 349 8.71 -24.94 51.48
C LYS C 349 9.43 -25.79 50.45
N ALA C 350 8.77 -26.09 49.34
CA ALA C 350 9.37 -26.98 48.35
C ALA C 350 9.54 -26.31 46.99
N THR C 351 10.59 -25.50 46.87
CA THR C 351 10.91 -24.84 45.62
C THR C 351 11.88 -25.68 44.80
N ALA C 352 11.77 -25.60 43.48
CA ALA C 352 12.71 -26.27 42.59
C ALA C 352 13.55 -25.23 41.90
N THR C 353 14.30 -25.65 40.88
CA THR C 353 15.12 -24.72 40.11
C THR C 353 15.32 -25.18 38.68
N VAL C 354 14.96 -24.34 37.72
CA VAL C 354 15.12 -24.66 36.31
C VAL C 354 16.38 -24.01 35.76
N LEU C 355 17.26 -24.82 35.19
CA LEU C 355 18.51 -24.31 34.64
C LEU C 355 18.54 -24.33 33.11
N ILE C 356 19.01 -23.22 32.56
CA ILE C 356 19.08 -23.01 31.12
C ILE C 356 20.52 -22.83 30.64
N GLY C 357 20.88 -23.53 29.57
CA GLY C 357 22.23 -23.46 29.03
C GLY C 357 22.47 -22.22 28.20
N ALA C 358 23.74 -21.83 28.08
CA ALA C 358 24.12 -20.65 27.29
C ALA C 358 25.46 -20.84 26.59
N ALA C 359 25.83 -19.87 25.76
CA ALA C 359 27.09 -19.89 25.04
C ALA C 359 28.14 -19.13 25.83
N THR C 360 27.96 -17.82 25.94
CA THR C 360 28.87 -16.99 26.70
C THR C 360 28.11 -16.32 27.84
N ASP C 361 28.82 -15.52 28.63
CA ASP C 361 28.21 -14.81 29.76
C ASP C 361 27.37 -13.63 29.30
N GLU C 362 27.18 -13.54 27.99
CA GLU C 362 26.34 -12.51 27.39
C GLU C 362 24.88 -12.96 27.40
N VAL C 363 24.59 -14.01 26.64
CA VAL C 363 23.25 -14.57 26.55
C VAL C 363 22.76 -15.08 27.92
N VAL C 364 23.71 -15.45 28.79
CA VAL C 364 23.39 -16.06 30.08
C VAL C 364 22.58 -15.14 30.99
N ASP C 365 22.62 -13.84 30.72
CA ASP C 365 21.91 -12.88 31.55
C ASP C 365 20.53 -12.63 30.96
N GLU C 366 20.40 -12.87 29.67
CA GLU C 366 19.14 -12.66 28.99
C GLU C 366 18.23 -13.88 29.06
N GLN C 367 18.84 -15.07 29.13
CA GLN C 367 18.06 -16.30 29.14
C GLN C 367 17.12 -16.34 30.32
N GLU C 368 17.62 -15.89 31.46
CA GLU C 368 16.79 -15.80 32.65
C GLU C 368 15.73 -14.72 32.51
N ARG C 369 16.03 -13.64 31.78
CA ARG C 369 15.04 -12.58 31.59
C ARG C 369 13.87 -13.10 30.76
N ILE C 370 14.20 -13.91 29.78
CA ILE C 370 13.23 -14.52 28.89
C ILE C 370 12.45 -15.52 29.71
N ALA C 371 13.15 -16.16 30.62
CA ALA C 371 12.53 -17.10 31.52
C ALA C 371 11.52 -16.36 32.39
N LYS C 372 11.86 -15.15 32.83
CA LYS C 372 10.99 -14.35 33.67
C LYS C 372 9.72 -13.97 32.92
N ASP C 373 9.86 -13.52 31.68
CA ASP C 373 8.66 -13.15 30.92
C ASP C 373 7.82 -14.37 30.62
N ALA C 374 8.48 -15.50 30.40
CA ALA C 374 7.80 -16.76 30.12
C ALA C 374 6.99 -17.21 31.32
N ALA C 375 7.69 -17.39 32.44
CA ALA C 375 7.11 -17.85 33.68
C ALA C 375 5.99 -16.92 34.14
N GLY C 376 6.23 -15.62 34.06
CA GLY C 376 5.22 -14.64 34.41
C GLY C 376 3.98 -14.81 33.55
N SER C 377 4.20 -14.93 32.23
CA SER C 377 3.12 -15.18 31.30
C SER C 377 2.32 -16.41 31.71
N PHE C 378 3.02 -17.51 31.93
CA PHE C 378 2.40 -18.77 32.31
C PHE C 378 1.60 -18.64 33.59
N ALA C 379 2.16 -17.88 34.53
CA ALA C 379 1.54 -17.68 35.83
C ALA C 379 0.22 -16.95 35.69
N ALA C 380 0.24 -15.86 34.93
CA ALA C 380 -0.97 -15.08 34.75
C ALA C 380 -1.95 -15.80 33.83
N ALA C 381 -1.45 -16.76 33.06
CA ALA C 381 -2.29 -17.47 32.12
C ALA C 381 -3.05 -18.55 32.85
N TYR C 382 -2.37 -19.17 33.79
CA TYR C 382 -2.93 -20.22 34.62
C TYR C 382 -3.88 -19.61 35.63
N ARG C 383 -3.49 -18.47 36.19
CA ARG C 383 -4.30 -17.79 37.19
C ARG C 383 -5.50 -17.07 36.58
N SER C 384 -5.21 -16.13 35.71
CA SER C 384 -6.21 -15.23 35.15
C SER C 384 -7.07 -15.80 34.03
N GLY C 385 -6.47 -16.58 33.13
CA GLY C 385 -7.16 -16.92 31.91
C GLY C 385 -6.51 -16.34 30.66
N VAL C 386 -6.85 -16.90 29.51
CA VAL C 386 -6.27 -16.45 28.24
C VAL C 386 -7.26 -15.74 27.32
N LEU C 387 -6.74 -14.76 26.58
CA LEU C 387 -7.48 -14.12 25.51
C LEU C 387 -6.67 -14.33 24.26
N PRO C 388 -7.32 -14.27 23.08
CA PRO C 388 -6.54 -14.48 21.87
C PRO C 388 -5.59 -13.32 21.60
N GLY C 389 -4.36 -13.65 21.22
CA GLY C 389 -3.38 -12.63 20.91
C GLY C 389 -3.57 -12.12 19.50
N GLY C 390 -2.53 -11.53 18.92
CA GLY C 390 -2.61 -11.00 17.57
C GLY C 390 -3.38 -9.68 17.51
N GLY C 391 -3.69 -9.14 18.68
CA GLY C 391 -4.50 -7.95 18.79
C GLY C 391 -5.93 -8.18 18.34
N ALA C 392 -6.31 -9.45 18.26
CA ALA C 392 -7.59 -9.80 17.67
C ALA C 392 -8.76 -9.53 18.60
N PHE C 393 -8.54 -9.63 19.90
CA PHE C 393 -9.63 -9.48 20.84
C PHE C 393 -10.02 -8.03 20.96
N PHE C 394 -9.07 -7.17 20.64
CA PHE C 394 -9.26 -5.73 20.67
C PHE C 394 -10.33 -5.31 19.67
N LEU C 395 -10.53 -6.13 18.64
CA LEU C 395 -11.50 -5.84 17.59
C LEU C 395 -12.93 -6.10 18.06
N TYR C 396 -13.12 -7.25 18.71
CA TYR C 396 -14.39 -7.59 19.34
C TYR C 396 -14.72 -6.47 20.31
N LEU C 397 -13.72 -6.10 21.10
CA LEU C 397 -13.85 -4.96 21.98
C LEU C 397 -14.34 -3.74 21.22
N SER C 398 -13.67 -3.44 20.12
CA SER C 398 -13.99 -2.29 19.29
C SER C 398 -15.45 -2.23 18.92
N ARG C 399 -15.93 -3.23 18.20
CA ARG C 399 -17.30 -3.16 17.71
C ARG C 399 -18.30 -3.20 18.86
N GLU C 400 -18.06 -4.08 19.84
CA GLU C 400 -18.99 -4.20 20.96
C GLU C 400 -19.00 -2.95 21.82
N VAL C 401 -18.00 -2.09 21.66
CA VAL C 401 -18.01 -0.78 22.29
C VAL C 401 -18.78 0.21 21.41
N GLU C 402 -18.55 0.14 20.10
CA GLU C 402 -19.20 1.01 19.14
C GLU C 402 -20.71 0.89 19.30
N SER C 403 -21.13 -0.30 19.72
CA SER C 403 -22.55 -0.59 19.91
C SER C 403 -23.29 0.37 20.83
N LEU C 404 -22.58 1.05 21.72
CA LEU C 404 -23.26 1.89 22.71
C LEU C 404 -23.56 3.27 22.16
N LYS C 405 -23.12 3.50 20.94
CA LYS C 405 -23.32 4.76 20.24
C LYS C 405 -24.77 5.22 20.34
N ASN C 406 -25.69 4.28 20.18
CA ASN C 406 -27.10 4.60 20.14
C ASN C 406 -27.93 3.95 21.24
N ARG C 407 -27.26 3.33 22.20
CA ARG C 407 -28.01 2.76 23.31
C ARG C 407 -28.13 3.78 24.43
N LEU C 408 -27.16 4.69 24.49
CA LEU C 408 -27.19 5.75 25.48
C LEU C 408 -26.99 7.11 24.81
N PRO C 409 -27.82 8.10 25.20
CA PRO C 409 -27.87 9.39 24.53
C PRO C 409 -26.85 10.39 25.08
N GLY C 410 -26.94 11.63 24.63
CA GLY C 410 -26.02 12.65 25.06
C GLY C 410 -24.85 12.73 24.10
N MET C 411 -24.04 13.78 24.23
CA MET C 411 -22.82 13.88 23.45
C MET C 411 -21.81 12.84 23.90
N GLU C 412 -22.10 12.16 25.01
CA GLU C 412 -21.25 11.10 25.51
C GLU C 412 -21.06 10.06 24.42
N SER C 413 -22.12 9.86 23.65
CA SER C 413 -22.12 8.90 22.55
C SER C 413 -20.88 9.06 21.69
N TYR C 414 -20.45 10.31 21.51
CA TYR C 414 -19.28 10.61 20.69
C TYR C 414 -18.02 10.04 21.31
N GLY C 415 -17.83 10.35 22.59
CA GLY C 415 -16.66 9.89 23.32
C GLY C 415 -16.52 8.39 23.23
N VAL C 416 -17.64 7.70 23.42
CA VAL C 416 -17.65 6.25 23.33
C VAL C 416 -17.06 5.83 22.01
N MET C 417 -17.56 6.43 20.93
CA MET C 417 -17.11 6.05 19.61
C MET C 417 -15.61 6.30 19.50
N ALA C 418 -15.15 7.40 20.09
CA ALA C 418 -13.74 7.75 20.04
C ALA C 418 -12.96 6.59 20.63
N PHE C 419 -13.44 6.13 21.77
CA PHE C 419 -12.86 4.98 22.44
C PHE C 419 -12.84 3.81 21.46
N SER C 420 -14.00 3.52 20.89
CA SER C 420 -14.18 2.33 20.06
C SER C 420 -13.15 2.23 18.96
N GLU C 421 -13.06 3.26 18.13
CA GLU C 421 -12.19 3.20 16.96
C GLU C 421 -10.74 3.11 17.44
N ALA C 422 -10.47 3.66 18.63
CA ALA C 422 -9.13 3.62 19.19
C ALA C 422 -8.68 2.18 19.43
N LEU C 423 -9.61 1.33 19.84
CA LEU C 423 -9.27 -0.05 20.12
C LEU C 423 -8.80 -0.76 18.86
N LYS C 424 -9.09 -0.17 17.70
CA LYS C 424 -8.70 -0.78 16.44
C LYS C 424 -7.20 -0.58 16.18
N VAL C 425 -6.58 0.38 16.86
CA VAL C 425 -5.20 0.78 16.58
C VAL C 425 -4.11 -0.31 16.58
N PRO C 426 -4.06 -1.17 17.62
CA PRO C 426 -2.94 -2.12 17.70
C PRO C 426 -2.68 -2.96 16.45
N PHE C 427 -3.66 -3.78 16.06
CA PHE C 427 -3.50 -4.72 14.94
C PHE C 427 -2.90 -4.06 13.71
N ARG C 428 -3.48 -2.93 13.32
CA ARG C 428 -3.05 -2.22 12.14
C ARG C 428 -1.55 -1.99 12.22
N VAL C 429 -1.11 -1.43 13.34
CA VAL C 429 0.28 -1.08 13.49
C VAL C 429 1.15 -2.30 13.24
N MET C 430 0.81 -3.41 13.91
CA MET C 430 1.57 -4.63 13.76
C MET C 430 1.62 -5.00 12.30
N ALA C 431 0.45 -4.97 11.67
CA ALA C 431 0.36 -5.33 10.27
C ALA C 431 1.22 -4.38 9.48
N GLU C 432 1.11 -3.10 9.80
CA GLU C 432 1.84 -2.07 9.06
C GLU C 432 3.32 -2.14 9.37
N ASN C 433 3.66 -2.87 10.42
CA ASN C 433 5.06 -3.15 10.67
C ASN C 433 5.51 -4.30 9.80
N ALA C 434 4.66 -5.32 9.73
CA ALA C 434 5.00 -6.53 8.99
C ALA C 434 4.91 -6.30 7.49
N GLY C 435 4.57 -5.08 7.10
CA GLY C 435 4.61 -4.71 5.70
C GLY C 435 3.29 -4.89 4.97
N PHE C 436 2.19 -4.94 5.73
CA PHE C 436 0.87 -5.09 5.13
C PHE C 436 0.17 -3.75 5.02
N ASN C 437 -0.80 -3.70 4.13
CA ASN C 437 -1.67 -2.53 4.04
C ASN C 437 -2.58 -2.60 5.24
N GLY C 438 -2.36 -1.72 6.20
CA GLY C 438 -3.05 -1.81 7.48
C GLY C 438 -4.54 -1.83 7.30
N LEU C 439 -5.02 -0.96 6.41
CA LEU C 439 -6.45 -0.81 6.20
C LEU C 439 -7.10 -2.04 5.56
N GLU C 440 -6.42 -2.64 4.59
CA GLU C 440 -6.95 -3.84 3.95
C GLU C 440 -7.07 -4.99 4.93
N LYS C 441 -6.01 -5.25 5.67
CA LYS C 441 -6.01 -6.40 6.57
C LYS C 441 -6.89 -6.16 7.79
N LEU C 442 -6.93 -4.92 8.26
CA LEU C 442 -7.82 -4.57 9.36
C LEU C 442 -9.28 -4.68 8.95
N GLY C 443 -9.64 -4.06 7.84
CA GLY C 443 -11.02 -4.09 7.38
C GLY C 443 -11.48 -5.50 7.03
N ASP C 444 -10.56 -6.25 6.42
CA ASP C 444 -10.86 -7.61 5.99
C ASP C 444 -11.05 -8.49 7.22
N LEU C 445 -10.18 -8.33 8.21
CA LEU C 445 -10.24 -9.15 9.40
C LEU C 445 -11.45 -8.81 10.26
N MET C 446 -11.71 -7.52 10.40
CA MET C 446 -12.81 -7.05 11.23
C MET C 446 -14.14 -7.41 10.61
N THR C 447 -14.18 -7.50 9.29
CA THR C 447 -15.37 -7.96 8.60
C THR C 447 -15.47 -9.47 8.79
N LEU C 448 -14.35 -10.14 8.63
CA LEU C 448 -14.22 -11.59 8.75
C LEU C 448 -14.69 -12.14 10.09
N GLN C 449 -14.41 -11.39 11.15
CA GLN C 449 -14.75 -11.80 12.50
C GLN C 449 -16.25 -11.94 12.70
N VAL C 450 -17.00 -11.02 12.11
CA VAL C 450 -18.44 -11.01 12.27
C VAL C 450 -19.07 -12.11 11.42
N GLN C 451 -18.54 -12.30 10.22
CA GLN C 451 -19.07 -13.28 9.28
C GLN C 451 -18.65 -14.71 9.65
N LYS C 452 -17.89 -14.83 10.73
CA LYS C 452 -17.54 -16.14 11.28
C LYS C 452 -17.94 -16.24 12.74
N ASN C 453 -18.47 -15.14 13.27
CA ASN C 453 -18.93 -15.08 14.66
C ASN C 453 -17.83 -15.50 15.63
N ASN C 454 -16.58 -15.27 15.23
CA ASN C 454 -15.44 -15.60 16.06
C ASN C 454 -14.55 -14.41 16.39
N TYR C 455 -14.37 -14.16 17.68
CA TYR C 455 -13.51 -13.06 18.11
C TYR C 455 -12.05 -13.49 18.21
N ALA C 456 -11.74 -14.68 17.71
CA ALA C 456 -10.38 -15.23 17.86
C ALA C 456 -9.62 -15.25 16.54
N LEU C 457 -10.29 -14.90 15.46
CA LEU C 457 -9.63 -14.87 14.17
C LEU C 457 -8.66 -13.70 14.12
N GLY C 458 -7.46 -13.94 13.60
CA GLY C 458 -6.49 -12.89 13.47
C GLY C 458 -5.50 -13.20 12.36
N LEU C 459 -4.37 -12.51 12.35
CA LEU C 459 -3.41 -12.66 11.26
C LEU C 459 -2.03 -13.15 11.70
N ASP C 460 -1.50 -14.13 10.97
CA ASP C 460 -0.11 -14.54 11.11
C ASP C 460 0.75 -13.55 10.34
N PHE C 461 1.52 -12.74 11.06
CA PHE C 461 2.21 -11.61 10.45
C PHE C 461 3.43 -12.03 9.63
N GLU C 462 3.50 -13.30 9.28
CA GLU C 462 4.61 -13.79 8.47
C GLU C 462 4.11 -14.23 7.11
N THR C 463 3.11 -15.11 7.09
CA THR C 463 2.58 -15.63 5.84
C THR C 463 1.82 -14.54 5.12
N GLY C 464 0.77 -14.05 5.76
CA GLY C 464 -0.14 -13.10 5.17
C GLY C 464 -1.54 -13.66 5.21
N GLU C 465 -1.63 -14.93 5.60
CA GLU C 465 -2.91 -15.60 5.72
C GLU C 465 -3.45 -15.44 7.11
N PHE C 466 -4.77 -15.39 7.23
CA PHE C 466 -5.42 -15.23 8.51
C PHE C 466 -5.62 -16.59 9.15
N ILE C 467 -5.36 -16.69 10.45
CA ILE C 467 -5.54 -17.94 11.18
C ILE C 467 -6.18 -17.71 12.53
N ASP C 468 -6.55 -18.80 13.18
CA ASP C 468 -7.04 -18.73 14.55
C ASP C 468 -5.82 -18.60 15.45
N MET C 469 -5.78 -17.55 16.25
CA MET C 469 -4.60 -17.25 17.04
C MET C 469 -4.35 -18.26 18.15
N ILE C 470 -5.43 -18.78 18.73
CA ILE C 470 -5.30 -19.80 19.75
C ILE C 470 -4.69 -21.06 19.14
N ALA C 471 -5.12 -21.39 17.94
CA ALA C 471 -4.58 -22.55 17.24
C ALA C 471 -3.21 -22.21 16.69
N GLY C 472 -2.89 -20.92 16.68
CA GLY C 472 -1.62 -20.46 16.16
C GLY C 472 -0.58 -20.46 17.25
N GLY C 473 -0.99 -20.86 18.44
CA GLY C 473 -0.10 -20.86 19.59
C GLY C 473 0.21 -19.44 19.97
N VAL C 474 -0.77 -18.57 19.78
CA VAL C 474 -0.60 -17.15 20.09
C VAL C 474 -1.72 -16.63 20.97
N VAL C 475 -1.44 -16.51 22.26
CA VAL C 475 -2.42 -16.01 23.21
C VAL C 475 -1.79 -15.10 24.25
N ASP C 476 -2.64 -14.38 24.97
CA ASP C 476 -2.20 -13.50 26.03
C ASP C 476 -2.88 -13.89 27.33
N PRO C 477 -2.23 -13.59 28.47
CA PRO C 477 -2.89 -13.87 29.75
C PRO C 477 -4.00 -12.86 29.97
N ALA C 478 -5.05 -13.25 30.69
CA ALA C 478 -6.19 -12.36 30.90
C ALA C 478 -5.74 -11.10 31.60
N GLU C 479 -5.23 -11.24 32.81
CA GLU C 479 -4.88 -10.10 33.65
C GLU C 479 -3.94 -9.13 32.96
N VAL C 480 -3.06 -9.65 32.10
CA VAL C 480 -2.14 -8.79 31.39
C VAL C 480 -2.92 -7.78 30.56
N VAL C 481 -3.81 -8.32 29.72
CA VAL C 481 -4.63 -7.48 28.87
C VAL C 481 -5.54 -6.59 29.73
N TYR C 482 -6.17 -7.20 30.72
CA TYR C 482 -7.12 -6.55 31.62
C TYR C 482 -6.54 -5.29 32.21
N GLN C 483 -5.41 -5.42 32.89
CA GLN C 483 -4.84 -4.30 33.60
C GLN C 483 -4.05 -3.39 32.66
N ALA C 484 -3.69 -3.90 31.50
CA ALA C 484 -3.10 -3.04 30.47
C ALA C 484 -4.14 -2.00 30.05
N VAL C 485 -5.30 -2.49 29.67
CA VAL C 485 -6.41 -1.64 29.31
C VAL C 485 -6.73 -0.71 30.48
N LYS C 486 -6.86 -1.32 31.66
CA LYS C 486 -7.24 -0.59 32.87
C LYS C 486 -6.36 0.61 33.14
N ASN C 487 -5.04 0.44 33.12
CA ASN C 487 -4.18 1.57 33.38
C ASN C 487 -4.13 2.56 32.21
N ALA C 488 -3.93 2.05 31.00
CA ALA C 488 -3.83 2.92 29.82
C ALA C 488 -5.02 3.86 29.66
N SER C 489 -6.22 3.33 29.88
CA SER C 489 -7.41 4.15 29.77
C SER C 489 -7.39 5.29 30.77
N GLU C 490 -7.07 4.97 32.02
CA GLU C 490 -7.08 5.96 33.09
C GLU C 490 -6.00 7.02 32.90
N VAL C 491 -4.85 6.64 32.36
CA VAL C 491 -3.83 7.67 32.13
C VAL C 491 -4.29 8.56 31.00
N ALA C 492 -5.00 7.99 30.03
CA ALA C 492 -5.54 8.83 28.96
C ALA C 492 -6.55 9.85 29.52
N ILE C 493 -7.53 9.34 30.26
CA ILE C 493 -8.53 10.18 30.91
C ILE C 493 -7.87 11.29 31.70
N SER C 494 -6.95 10.92 32.58
CA SER C 494 -6.31 11.89 33.45
C SER C 494 -5.35 12.78 32.67
N LEU C 495 -5.13 12.46 31.39
CA LEU C 495 -4.33 13.33 30.55
C LEU C 495 -5.21 14.39 29.90
N LEU C 496 -6.43 14.01 29.54
CA LEU C 496 -7.35 14.95 28.90
C LEU C 496 -8.09 15.80 29.93
N LYS C 497 -7.85 15.51 31.21
CA LYS C 497 -8.41 16.33 32.29
C LYS C 497 -7.56 17.58 32.47
N ILE C 498 -6.49 17.66 31.68
CA ILE C 498 -5.59 18.80 31.75
C ILE C 498 -6.12 19.95 30.90
N ASN C 499 -6.21 21.13 31.51
CA ASN C 499 -6.73 22.29 30.82
C ASN C 499 -5.64 23.30 30.53
N THR C 500 -4.76 23.53 31.49
CA THR C 500 -3.84 24.66 31.39
C THR C 500 -2.41 24.33 31.84
N ILE C 501 -1.51 25.29 31.61
CA ILE C 501 -0.09 25.12 31.90
C ILE C 501 0.53 26.39 32.51
N ILE C 502 1.09 26.28 33.71
CA ILE C 502 1.79 27.41 34.34
C ILE C 502 3.05 26.91 35.04
N GLU D 9 5.39 16.34 3.73
CA GLU D 9 5.60 16.18 5.17
C GLU D 9 5.77 14.71 5.56
N ILE D 10 5.92 13.86 4.56
CA ILE D 10 6.08 12.42 4.79
C ILE D 10 7.55 12.06 4.65
N GLU D 11 8.36 13.06 4.30
CA GLU D 11 9.80 12.89 4.12
C GLU D 11 10.42 12.61 5.49
N GLU D 12 9.77 13.12 6.52
CA GLU D 12 10.22 12.97 7.89
C GLU D 12 10.28 11.50 8.28
N ARG D 13 9.25 10.77 7.85
CA ARG D 13 9.07 9.38 8.26
C ARG D 13 10.25 8.48 7.87
N TYR D 14 10.98 8.88 6.84
CA TYR D 14 12.08 8.06 6.36
C TYR D 14 13.44 8.66 6.69
N GLN D 15 13.42 9.79 7.41
CA GLN D 15 14.62 10.60 7.66
C GLN D 15 15.80 9.76 8.13
N ALA D 16 15.57 9.02 9.21
CA ALA D 16 16.65 8.30 9.88
C ALA D 16 17.36 7.41 8.89
N LEU D 17 16.59 6.76 8.01
CA LEU D 17 17.18 5.80 7.11
C LEU D 17 18.30 6.46 6.31
N PHE D 18 18.01 7.64 5.76
CA PHE D 18 19.00 8.29 4.93
C PHE D 18 20.20 8.66 5.78
N SER D 19 19.93 9.15 6.98
CA SER D 19 20.97 9.57 7.91
C SER D 19 21.95 8.42 8.11
N ASN D 20 21.44 7.19 8.08
CA ASN D 20 22.33 6.04 8.19
C ASN D 20 22.93 5.71 6.83
N ALA D 21 22.07 5.60 5.83
CA ALA D 21 22.49 5.13 4.53
C ALA D 21 23.59 6.02 3.97
N ALA D 22 23.32 7.32 3.95
CA ALA D 22 24.24 8.32 3.45
C ALA D 22 25.60 8.17 4.13
N ALA D 23 25.57 7.85 5.42
CA ALA D 23 26.81 7.64 6.13
C ALA D 23 27.47 6.37 5.63
N VAL D 24 26.72 5.28 5.65
CA VAL D 24 27.26 3.96 5.31
C VAL D 24 27.94 3.95 3.95
N LYS D 25 27.20 4.43 2.95
CA LYS D 25 27.73 4.50 1.61
C LYS D 25 29.03 5.29 1.61
N ALA D 26 29.02 6.44 2.28
CA ALA D 26 30.16 7.34 2.28
C ALA D 26 31.38 6.64 2.85
N LEU D 27 31.15 5.64 3.70
CA LEU D 27 32.23 4.87 4.26
C LEU D 27 32.72 3.85 3.24
N THR D 28 31.79 3.06 2.73
CA THR D 28 32.14 1.91 1.90
C THR D 28 32.78 2.31 0.58
N GLN D 29 32.39 3.47 0.06
CA GLN D 29 32.94 3.99 -1.18
C GLN D 29 34.46 4.12 -1.08
N VAL D 30 34.97 4.12 0.15
CA VAL D 30 36.41 4.15 0.36
C VAL D 30 37.00 2.75 0.37
N VAL D 31 36.37 1.84 1.11
CA VAL D 31 36.94 0.51 1.30
C VAL D 31 36.94 -0.28 0.00
N ALA D 32 36.06 0.08 -0.92
CA ALA D 32 35.99 -0.60 -2.20
C ALA D 32 37.30 -0.38 -2.94
N ASN D 33 37.88 0.79 -2.73
CA ASN D 33 39.17 1.12 -3.33
C ASN D 33 40.24 0.12 -2.95
N SER D 34 40.07 -0.54 -1.80
CA SER D 34 41.13 -1.40 -1.28
C SER D 34 40.91 -2.85 -1.63
N LEU D 35 39.77 -3.12 -2.24
CA LEU D 35 39.44 -4.49 -2.60
C LEU D 35 40.23 -4.93 -3.82
N GLY D 36 40.59 -6.21 -3.87
CA GLY D 36 41.16 -6.80 -5.07
C GLY D 36 42.62 -6.52 -5.32
N PRO D 37 43.25 -7.35 -6.18
CA PRO D 37 44.67 -7.37 -6.52
C PRO D 37 45.21 -6.03 -7.04
N LYS D 38 44.38 -5.26 -7.72
CA LYS D 38 44.80 -3.93 -8.16
C LYS D 38 44.05 -2.81 -7.45
N GLY D 39 43.82 -2.98 -6.15
CA GLY D 39 43.15 -1.95 -5.37
C GLY D 39 43.92 -0.66 -5.30
N LEU D 40 43.28 0.40 -4.80
CA LEU D 40 43.91 1.70 -4.67
C LEU D 40 44.11 2.11 -3.21
N ASP D 41 45.27 2.68 -2.93
CA ASP D 41 45.61 3.09 -1.57
C ASP D 41 44.82 4.33 -1.14
N ALA D 42 44.66 4.51 0.16
CA ALA D 42 43.96 5.65 0.72
C ALA D 42 44.83 6.40 1.74
N MET D 43 44.56 7.69 1.89
CA MET D 43 45.39 8.57 2.71
C MET D 43 44.62 9.15 3.89
N LEU D 44 44.90 8.63 5.08
CA LEU D 44 44.18 9.02 6.29
C LEU D 44 44.91 10.10 7.09
N VAL D 45 44.12 10.95 7.73
CA VAL D 45 44.63 12.05 8.54
C VAL D 45 44.02 12.04 9.95
N ASP D 46 44.87 12.11 10.97
CA ASP D 46 44.40 12.42 12.33
C ASP D 46 44.51 13.92 12.53
N ARG D 47 43.58 14.47 13.30
CA ARG D 47 43.39 15.92 13.45
C ARG D 47 44.66 16.66 13.84
N PHE D 48 45.57 15.96 14.51
CA PHE D 48 46.88 16.51 14.85
C PHE D 48 47.76 16.56 13.60
N GLY D 49 47.18 16.25 12.45
CA GLY D 49 47.91 16.26 11.20
C GLY D 49 48.70 14.99 10.96
N GLU D 50 48.35 13.92 11.67
CA GLU D 50 49.03 12.64 11.48
C GLU D 50 48.64 12.01 10.14
N VAL D 51 49.61 11.45 9.43
CA VAL D 51 49.38 10.98 8.06
C VAL D 51 49.67 9.49 7.84
N VAL D 52 48.80 8.82 7.10
CA VAL D 52 49.03 7.39 6.81
C VAL D 52 48.51 6.97 5.42
N VAL D 53 49.27 6.16 4.69
CA VAL D 53 48.77 5.64 3.40
C VAL D 53 48.65 4.12 3.46
N THR D 54 47.42 3.62 3.43
CA THR D 54 47.17 2.18 3.52
C THR D 54 46.56 1.59 2.26
N ASN D 55 46.75 0.30 2.05
CA ASN D 55 46.19 -0.35 0.86
C ASN D 55 45.26 -1.50 1.22
N ASP D 56 45.52 -2.17 2.34
CA ASP D 56 44.60 -3.18 2.85
C ASP D 56 43.49 -2.48 3.61
N GLY D 57 42.27 -2.98 3.49
CA GLY D 57 41.12 -2.32 4.06
C GLY D 57 41.09 -2.26 5.58
N VAL D 58 41.42 -3.37 6.22
CA VAL D 58 41.33 -3.50 7.67
C VAL D 58 42.08 -2.35 8.36
N THR D 59 43.24 -2.00 7.81
CA THR D 59 44.04 -0.90 8.30
C THR D 59 43.26 0.40 8.21
N ILE D 60 42.58 0.58 7.08
CA ILE D 60 41.87 1.82 6.78
C ILE D 60 40.66 2.02 7.69
N LEU D 61 40.02 0.92 8.04
CA LEU D 61 38.87 0.96 8.94
C LEU D 61 39.09 1.65 10.29
N THR D 62 40.33 1.72 10.75
CA THR D 62 40.60 2.18 12.12
C THR D 62 40.81 3.68 12.39
N LEU D 63 41.55 4.39 11.55
CA LEU D 63 41.92 5.78 11.87
C LEU D 63 40.82 6.70 11.40
N MET D 64 39.98 6.18 10.51
CA MET D 64 38.93 6.95 9.88
C MET D 64 37.97 7.46 10.93
N ASP D 65 37.82 8.78 11.00
CA ASP D 65 36.93 9.36 12.00
C ASP D 65 35.50 9.03 11.66
N ALA D 66 35.03 7.91 12.17
CA ALA D 66 33.65 7.52 11.94
C ALA D 66 32.95 7.32 13.27
N GLN D 67 32.39 8.40 13.80
CA GLN D 67 31.69 8.36 15.07
C GLN D 67 30.24 7.99 14.82
N HIS D 68 29.86 7.97 13.55
CA HIS D 68 28.47 7.71 13.18
C HIS D 68 28.06 6.28 13.53
N PRO D 69 26.93 6.15 14.24
CA PRO D 69 26.42 4.88 14.77
C PRO D 69 26.40 3.76 13.74
N ALA D 70 25.97 4.06 12.52
CA ALA D 70 25.98 3.07 11.45
C ALA D 70 27.41 2.64 11.15
N ALA D 71 28.26 3.62 10.85
CA ALA D 71 29.66 3.36 10.54
C ALA D 71 30.32 2.54 11.65
N ARG D 72 30.03 2.91 12.90
CA ARG D 72 30.52 2.16 14.05
C ARG D 72 30.01 0.72 13.98
N MET D 73 28.74 0.56 13.59
CA MET D 73 28.12 -0.76 13.56
C MET D 73 28.62 -1.62 12.41
N VAL D 74 29.31 -1.02 11.45
CA VAL D 74 29.97 -1.81 10.43
C VAL D 74 31.40 -2.12 10.83
N VAL D 75 32.07 -1.10 11.36
CA VAL D 75 33.44 -1.25 11.84
C VAL D 75 33.50 -2.40 12.82
N ASN D 76 32.54 -2.44 13.73
CA ASN D 76 32.44 -3.50 14.71
C ASN D 76 32.38 -4.87 14.04
N MET D 77 31.67 -4.95 12.93
CA MET D 77 31.56 -6.20 12.21
C MET D 77 32.87 -6.62 11.55
N ALA D 78 33.52 -5.67 10.90
CA ALA D 78 34.80 -5.95 10.26
C ALA D 78 35.84 -6.43 11.29
N ARG D 79 35.94 -5.66 12.36
CA ARG D 79 36.83 -5.98 13.47
C ARG D 79 36.46 -7.35 14.05
N ALA D 80 35.17 -7.66 14.04
CA ALA D 80 34.68 -8.93 14.57
C ALA D 80 35.00 -10.10 13.64
N GLN D 81 35.22 -9.84 12.36
CA GLN D 81 35.56 -10.93 11.44
C GLN D 81 37.06 -11.15 11.45
N GLU D 82 37.84 -10.07 11.42
CA GLU D 82 39.29 -10.20 11.42
C GLU D 82 39.71 -10.93 12.69
N ARG D 83 38.86 -10.83 13.71
CA ARG D 83 39.06 -11.50 14.99
C ARG D 83 38.79 -13.00 14.85
N GLU D 84 37.92 -13.34 13.91
CA GLU D 84 37.48 -14.72 13.74
C GLU D 84 37.96 -15.40 12.45
N VAL D 85 38.45 -14.62 11.49
CA VAL D 85 38.90 -15.21 10.22
C VAL D 85 40.31 -14.83 9.79
N GLY D 86 40.50 -13.57 9.39
CA GLY D 86 41.82 -13.13 8.95
C GLY D 86 41.95 -12.79 7.48
N ASP D 87 41.20 -13.47 6.64
CA ASP D 87 41.17 -13.15 5.21
C ASP D 87 39.74 -12.81 4.83
N GLY D 88 39.56 -12.08 3.73
CA GLY D 88 38.23 -11.78 3.27
C GLY D 88 37.48 -10.86 4.21
N THR D 89 38.14 -9.81 4.68
CA THR D 89 37.45 -8.79 5.47
C THR D 89 36.98 -7.66 4.59
N THR D 90 37.88 -7.20 3.72
CA THR D 90 37.56 -6.18 2.74
C THR D 90 36.29 -6.59 2.00
N THR D 91 36.26 -7.85 1.61
CA THR D 91 35.14 -8.43 0.89
C THR D 91 33.82 -8.24 1.64
N ALA D 92 33.71 -8.87 2.81
CA ALA D 92 32.48 -8.81 3.59
C ALA D 92 32.08 -7.37 3.92
N ALA D 93 33.06 -6.49 4.04
CA ALA D 93 32.78 -5.09 4.27
C ALA D 93 31.99 -4.52 3.09
N VAL D 94 32.62 -4.57 1.93
CA VAL D 94 32.02 -4.04 0.71
C VAL D 94 30.63 -4.65 0.51
N LEU D 95 30.56 -5.97 0.65
CA LEU D 95 29.31 -6.71 0.52
C LEU D 95 28.22 -6.16 1.45
N ALA D 96 28.58 -5.91 2.70
CA ALA D 96 27.64 -5.33 3.65
C ALA D 96 27.10 -4.01 3.14
N GLY D 97 28.02 -3.12 2.76
CA GLY D 97 27.62 -1.82 2.26
C GLY D 97 26.69 -1.92 1.07
N ALA D 98 26.96 -2.91 0.23
CA ALA D 98 26.14 -3.17 -0.95
C ALA D 98 24.75 -3.61 -0.57
N LEU D 99 24.64 -4.59 0.33
CA LEU D 99 23.35 -5.06 0.80
C LEU D 99 22.53 -3.90 1.37
N VAL D 100 23.20 -3.00 2.07
CA VAL D 100 22.48 -1.81 2.57
C VAL D 100 21.97 -0.97 1.41
N SER D 101 22.88 -0.50 0.57
CA SER D 101 22.56 0.44 -0.52
C SER D 101 21.50 -0.12 -1.47
N GLU D 102 21.83 -1.24 -2.11
CA GLU D 102 20.91 -1.89 -3.04
C GLU D 102 19.70 -2.46 -2.29
N GLY D 103 19.81 -2.51 -0.97
CA GLY D 103 18.69 -2.87 -0.12
C GLY D 103 17.64 -1.79 -0.06
N VAL D 104 18.07 -0.54 0.13
CA VAL D 104 17.15 0.57 0.30
C VAL D 104 16.31 0.87 -0.95
N ASN D 105 16.88 0.62 -2.11
CA ASN D 105 16.19 0.90 -3.38
C ASN D 105 14.78 0.33 -3.42
N GLN D 106 14.64 -0.88 -2.86
CA GLN D 106 13.33 -1.53 -2.88
C GLN D 106 12.39 -0.90 -1.86
N ILE D 107 12.95 -0.37 -0.78
CA ILE D 107 12.11 0.26 0.23
C ILE D 107 11.56 1.58 -0.27
N LEU D 108 12.41 2.35 -0.93
CA LEU D 108 11.99 3.62 -1.51
C LEU D 108 11.07 3.42 -2.71
N LYS D 109 11.27 2.33 -3.44
CA LYS D 109 10.48 2.04 -4.62
C LYS D 109 9.05 1.68 -4.18
N GLY D 110 8.91 1.15 -2.96
CA GLY D 110 7.58 0.90 -2.41
C GLY D 110 7.41 -0.40 -1.66
N VAL D 111 8.47 -1.21 -1.58
CA VAL D 111 8.45 -2.45 -0.82
C VAL D 111 8.63 -2.13 0.64
N PRO D 112 7.67 -2.57 1.48
CA PRO D 112 7.72 -2.32 2.92
C PRO D 112 8.89 -3.03 3.58
N VAL D 113 9.46 -2.38 4.60
CA VAL D 113 10.74 -2.77 5.17
C VAL D 113 10.77 -4.23 5.62
N SER D 114 9.84 -4.59 6.49
CA SER D 114 9.78 -5.93 7.05
C SER D 114 9.68 -6.97 5.96
N LYS D 115 8.90 -6.65 4.93
CA LYS D 115 8.71 -7.58 3.84
C LYS D 115 9.97 -7.67 2.97
N VAL D 116 10.86 -6.69 3.12
CA VAL D 116 12.15 -6.78 2.45
C VAL D 116 13.02 -7.74 3.22
N LEU D 117 13.14 -7.46 4.51
CA LEU D 117 13.98 -8.26 5.39
C LEU D 117 13.58 -9.73 5.35
N ALA D 118 12.28 -9.98 5.39
CA ALA D 118 11.71 -11.33 5.41
C ALA D 118 12.22 -12.18 4.25
N GLY D 119 12.24 -11.60 3.06
CA GLY D 119 12.72 -12.31 1.90
C GLY D 119 14.23 -12.39 1.92
N MET D 120 14.87 -11.33 2.38
CA MET D 120 16.32 -11.31 2.48
C MET D 120 16.86 -12.46 3.30
N ASN D 121 16.18 -12.77 4.41
CA ASN D 121 16.57 -13.90 5.25
C ASN D 121 16.54 -15.21 4.48
N ARG D 122 15.49 -15.38 3.68
CA ARG D 122 15.33 -16.56 2.84
C ARG D 122 16.48 -16.68 1.86
N ALA D 123 16.79 -15.56 1.21
CA ALA D 123 17.88 -15.50 0.25
C ALA D 123 19.18 -15.90 0.92
N LEU D 124 19.36 -15.41 2.14
CA LEU D 124 20.55 -15.73 2.91
C LEU D 124 20.64 -17.23 3.11
N ASN D 125 19.60 -17.81 3.71
CA ASN D 125 19.58 -19.24 3.99
C ASN D 125 19.89 -20.08 2.77
N HIS D 126 19.30 -19.73 1.64
CA HIS D 126 19.56 -20.47 0.41
C HIS D 126 21.02 -20.31 -0.02
N ALA D 127 21.54 -19.10 0.15
CA ALA D 127 22.92 -18.84 -0.21
C ALA D 127 23.82 -19.75 0.60
N LEU D 128 23.59 -19.78 1.91
CA LEU D 128 24.35 -20.63 2.81
C LEU D 128 24.32 -22.07 2.38
N PHE D 129 23.11 -22.59 2.16
CA PHE D 129 22.95 -23.97 1.73
C PHE D 129 23.72 -24.27 0.46
N LEU D 130 23.79 -23.31 -0.44
CA LEU D 130 24.48 -23.54 -1.70
C LEU D 130 25.98 -23.50 -1.52
N ILE D 131 26.45 -22.65 -0.60
CA ILE D 131 27.86 -22.61 -0.29
C ILE D 131 28.29 -23.93 0.32
N ARG D 132 27.46 -24.44 1.22
CA ARG D 132 27.73 -25.72 1.86
C ARG D 132 27.79 -26.81 0.80
N LYS D 133 26.71 -26.96 0.03
CA LYS D 133 26.64 -28.05 -0.94
C LYS D 133 27.74 -28.01 -1.99
N ASN D 134 28.10 -26.80 -2.44
CA ASN D 134 29.05 -26.68 -3.53
C ASN D 134 30.51 -26.56 -3.06
N ALA D 135 30.70 -26.59 -1.75
CA ALA D 135 32.04 -26.51 -1.17
C ALA D 135 32.94 -27.67 -1.56
N ILE D 136 33.94 -27.37 -2.40
CA ILE D 136 34.90 -28.36 -2.87
C ILE D 136 35.88 -28.87 -1.81
N LYS D 137 35.69 -30.12 -1.38
CA LYS D 137 36.63 -30.76 -0.45
C LYS D 137 37.88 -31.22 -1.19
N VAL D 138 39.00 -31.30 -0.48
CA VAL D 138 40.28 -31.53 -1.12
C VAL D 138 40.50 -33.01 -1.39
N GLY D 139 40.62 -33.78 -0.32
CA GLY D 139 40.84 -35.21 -0.36
C GLY D 139 42.25 -35.59 -0.78
N SER D 140 43.11 -34.58 -0.84
CA SER D 140 44.51 -34.75 -1.18
C SER D 140 45.25 -33.63 -0.51
N ILE D 141 45.63 -33.82 0.75
CA ILE D 141 46.27 -32.77 1.55
C ILE D 141 47.49 -32.15 0.86
N THR D 142 47.93 -32.78 -0.23
CA THR D 142 49.08 -32.31 -0.99
C THR D 142 48.66 -31.55 -2.24
N ASP D 143 47.35 -31.52 -2.50
CA ASP D 143 46.79 -30.93 -3.71
C ASP D 143 47.29 -29.51 -4.01
N ASP D 144 47.55 -29.25 -5.28
CA ASP D 144 48.07 -27.95 -5.72
C ASP D 144 47.12 -26.81 -5.40
N ARG D 145 45.83 -27.09 -5.41
CA ARG D 145 44.80 -26.10 -5.12
C ARG D 145 45.01 -25.50 -3.74
N LEU D 146 45.47 -26.33 -2.81
CA LEU D 146 45.77 -25.89 -1.46
C LEU D 146 47.01 -25.00 -1.42
N LEU D 147 48.06 -25.43 -2.12
CA LEU D 147 49.29 -24.65 -2.19
C LEU D 147 49.01 -23.24 -2.72
N ALA D 148 48.19 -23.18 -3.77
CA ALA D 148 47.79 -21.90 -4.33
C ALA D 148 46.91 -21.14 -3.34
N ALA D 149 46.09 -21.89 -2.61
CA ALA D 149 45.21 -21.31 -1.61
C ALA D 149 46.05 -20.58 -0.57
N ALA D 150 47.25 -21.08 -0.33
CA ALA D 150 48.18 -20.37 0.53
C ALA D 150 48.85 -19.25 -0.23
N LYS D 151 49.03 -19.43 -1.54
CA LYS D 151 49.75 -18.44 -2.32
C LYS D 151 49.06 -17.09 -2.45
N ILE D 152 47.79 -17.09 -2.86
CA ILE D 152 47.15 -15.80 -3.16
C ILE D 152 46.83 -15.01 -1.89
N ALA D 153 46.49 -15.72 -0.82
CA ALA D 153 46.20 -15.06 0.44
C ALA D 153 47.50 -14.66 1.09
N GLY D 154 48.57 -15.38 0.75
CA GLY D 154 49.85 -15.09 1.34
C GLY D 154 50.33 -13.82 0.67
N ARG D 155 50.69 -13.95 -0.60
CA ARG D 155 51.23 -12.89 -1.44
C ARG D 155 51.94 -13.59 -2.57
N GLY D 156 51.71 -14.90 -2.63
CA GLY D 156 52.32 -15.76 -3.63
C GLY D 156 53.47 -16.41 -2.91
N ASP D 157 54.68 -15.92 -3.15
CA ASP D 157 55.89 -16.36 -2.46
C ASP D 157 55.89 -17.88 -2.37
N GLU D 158 56.35 -18.50 -3.44
CA GLU D 158 56.26 -19.94 -3.64
C GLU D 158 57.07 -20.76 -2.61
N ARG D 159 58.06 -20.11 -2.01
CA ARG D 159 58.80 -20.67 -0.90
C ARG D 159 57.88 -20.99 0.27
N VAL D 160 57.13 -19.99 0.69
CA VAL D 160 56.20 -20.12 1.81
C VAL D 160 55.20 -21.23 1.53
N ALA D 161 54.71 -21.26 0.29
CA ALA D 161 53.80 -22.30 -0.15
C ALA D 161 54.43 -23.67 0.11
N ALA D 162 55.66 -23.85 -0.38
CA ALA D 162 56.36 -25.12 -0.25
C ALA D 162 56.54 -25.54 1.22
N ILE D 163 57.05 -24.62 2.03
CA ILE D 163 57.35 -24.94 3.44
C ILE D 163 56.08 -25.24 4.22
N LEU D 164 55.02 -24.50 3.90
CA LEU D 164 53.73 -24.71 4.52
C LEU D 164 53.18 -26.08 4.13
N ARG D 165 53.37 -26.44 2.86
CA ARG D 165 52.92 -27.74 2.38
C ARG D 165 53.63 -28.85 3.12
N ASP D 166 54.95 -28.70 3.28
CA ASP D 166 55.73 -29.71 3.96
C ASP D 166 55.31 -29.82 5.42
N ALA D 167 55.01 -28.67 6.02
CA ALA D 167 54.58 -28.61 7.41
C ALA D 167 53.25 -29.32 7.62
N ALA D 168 52.27 -29.01 6.78
CA ALA D 168 50.96 -29.63 6.88
C ALA D 168 51.00 -31.12 6.53
N ALA D 169 51.89 -31.49 5.61
CA ALA D 169 52.03 -32.89 5.24
C ALA D 169 52.61 -33.73 6.36
N MET D 170 53.71 -33.26 6.93
CA MET D 170 54.34 -33.96 8.04
C MET D 170 53.47 -34.00 9.29
N LEU D 171 52.56 -33.02 9.41
CA LEU D 171 51.75 -32.88 10.60
C LEU D 171 50.25 -32.86 10.34
N GLU D 172 49.77 -33.72 9.45
CA GLU D 172 48.37 -33.71 9.07
C GLU D 172 47.46 -34.06 10.25
N ASP D 173 48.04 -34.70 11.25
CA ASP D 173 47.28 -35.25 12.36
C ASP D 173 46.66 -34.17 13.22
N LYS D 174 47.31 -33.01 13.28
CA LYS D 174 46.80 -31.94 14.10
C LYS D 174 45.89 -31.01 13.31
N LEU D 175 45.49 -31.43 12.11
CA LEU D 175 44.49 -30.65 11.39
C LEU D 175 43.09 -31.06 11.84
N GLN D 176 43.04 -32.03 12.73
CA GLN D 176 41.77 -32.53 13.25
C GLN D 176 41.48 -31.91 14.61
N ASP D 177 42.47 -31.22 15.16
CA ASP D 177 42.29 -30.52 16.43
C ASP D 177 41.97 -29.05 16.17
N PRO D 178 40.72 -28.65 16.40
CA PRO D 178 40.25 -27.27 16.21
C PRO D 178 40.83 -26.28 17.22
N GLY D 179 41.47 -26.79 18.26
CA GLY D 179 42.15 -25.95 19.24
C GLY D 179 43.56 -25.58 18.81
N PHE D 180 43.79 -25.55 17.50
CA PHE D 180 45.11 -25.26 16.98
C PHE D 180 45.11 -24.33 15.76
N LYS D 181 45.97 -23.32 15.80
CA LYS D 181 46.18 -22.43 14.66
C LYS D 181 47.59 -22.59 14.14
N LEU D 182 47.72 -22.90 12.85
CA LEU D 182 49.02 -23.13 12.23
C LEU D 182 49.91 -21.89 12.12
N ALA D 183 49.29 -20.73 11.96
CA ALA D 183 50.01 -19.48 11.67
C ALA D 183 51.05 -19.07 12.70
N ASP D 184 50.93 -19.52 13.94
CA ASP D 184 51.86 -19.12 14.98
C ASP D 184 53.20 -19.84 14.82
N LEU D 185 53.22 -20.87 13.98
CA LEU D 185 54.43 -21.67 13.78
C LEU D 185 55.46 -20.96 12.90
N VAL D 186 55.27 -19.67 12.68
CA VAL D 186 56.16 -18.92 11.81
C VAL D 186 56.91 -17.84 12.56
N LEU D 187 58.23 -17.84 12.39
CA LEU D 187 59.08 -16.78 12.91
C LEU D 187 60.14 -16.40 11.86
N ALA D 188 60.34 -15.11 11.68
CA ALA D 188 61.27 -14.61 10.68
C ALA D 188 62.57 -14.10 11.29
N LYS D 189 63.67 -14.24 10.57
CA LYS D 189 64.97 -13.79 11.04
C LYS D 189 65.65 -12.99 9.94
N VAL D 190 66.36 -11.94 10.36
CA VAL D 190 67.08 -11.10 9.41
C VAL D 190 68.11 -11.92 8.65
N GLY D 191 68.11 -11.83 7.33
CA GLY D 191 69.13 -12.49 6.53
C GLY D 191 69.06 -14.00 6.56
N ALA D 192 67.96 -14.56 7.05
CA ALA D 192 67.82 -16.00 7.14
C ALA D 192 67.43 -16.63 5.80
N ASP D 193 67.25 -17.94 5.80
CA ASP D 193 66.89 -18.67 4.58
C ASP D 193 65.58 -19.45 4.76
N THR D 194 64.61 -19.14 3.90
CA THR D 194 63.26 -19.70 4.00
C THR D 194 63.25 -21.23 3.93
N THR D 195 63.10 -21.88 5.09
CA THR D 195 63.09 -23.33 5.16
C THR D 195 62.18 -23.88 6.26
N LEU D 196 62.15 -25.20 6.37
CA LEU D 196 61.34 -25.89 7.35
C LEU D 196 62.23 -26.52 8.42
N ILE D 197 61.79 -26.45 9.67
CA ILE D 197 62.52 -27.03 10.78
C ILE D 197 61.65 -27.98 11.59
N PRO D 198 62.11 -29.23 11.77
CA PRO D 198 61.32 -30.22 12.52
C PRO D 198 61.45 -30.11 14.04
N GLY D 199 61.35 -28.90 14.59
CA GLY D 199 61.49 -28.73 16.03
C GLY D 199 61.09 -27.35 16.51
N VAL D 200 61.59 -26.94 17.68
CA VAL D 200 61.30 -25.62 18.22
C VAL D 200 62.54 -24.73 18.18
N VAL D 201 62.39 -23.46 17.88
CA VAL D 201 63.56 -22.59 17.77
C VAL D 201 63.55 -21.37 18.69
N ILE D 202 64.74 -20.94 19.07
CA ILE D 202 64.93 -19.69 19.80
C ILE D 202 65.95 -18.83 19.07
N ASN D 203 65.55 -17.68 18.54
CA ASN D 203 66.50 -16.89 17.76
C ASN D 203 67.37 -15.95 18.58
N LYS D 204 68.28 -16.54 19.34
CA LYS D 204 69.27 -15.76 20.07
C LYS D 204 70.41 -16.69 20.48
N SER D 205 71.54 -16.11 20.85
CA SER D 205 72.69 -16.90 21.30
C SER D 205 72.68 -17.15 22.80
N PRO D 206 73.01 -18.40 23.20
CA PRO D 206 73.17 -18.86 24.59
C PRO D 206 74.21 -18.03 25.37
N LEU D 207 74.38 -18.31 26.66
CA LEU D 207 75.19 -17.45 27.54
C LEU D 207 76.67 -17.33 27.16
N TRP D 208 77.31 -18.45 26.81
CA TRP D 208 78.67 -18.36 26.27
C TRP D 208 78.71 -18.96 24.87
N GLU D 209 79.15 -18.15 23.91
CA GLU D 209 79.18 -18.57 22.52
C GLU D 209 80.56 -18.52 21.86
N GLU D 210 80.80 -19.47 20.96
CA GLU D 210 82.01 -19.53 20.16
C GLU D 210 81.64 -20.07 18.79
N GLY D 211 81.31 -21.36 18.73
CA GLY D 211 80.97 -21.98 17.47
C GLY D 211 79.65 -22.72 17.59
N SER D 212 79.16 -23.19 16.45
CA SER D 212 77.97 -24.03 16.42
C SER D 212 78.14 -25.25 17.31
N GLN D 213 77.21 -25.47 18.24
CA GLN D 213 77.40 -26.54 19.21
C GLN D 213 76.12 -27.32 19.38
N LYS D 214 76.25 -28.63 19.59
CA LYS D 214 75.08 -29.48 19.76
C LYS D 214 75.28 -30.43 20.94
N LEU D 215 74.23 -30.61 21.73
CA LEU D 215 74.26 -31.54 22.85
C LEU D 215 73.09 -32.50 22.78
N GLN D 216 73.31 -33.71 23.27
CA GLN D 216 72.33 -34.79 23.20
C GLN D 216 71.90 -35.17 24.60
N GLU D 217 70.78 -35.89 24.71
CA GLU D 217 70.19 -36.25 26.00
C GLU D 217 70.09 -34.99 26.85
N VAL D 218 69.45 -33.98 26.29
CA VAL D 218 69.44 -32.65 26.88
C VAL D 218 68.58 -32.61 28.13
N ARG D 219 69.23 -32.44 29.27
CA ARG D 219 68.52 -32.17 30.50
C ARG D 219 68.28 -30.66 30.63
N LEU D 220 67.02 -30.26 30.47
CA LEU D 220 66.67 -28.86 30.51
C LEU D 220 65.57 -28.58 31.53
N LEU D 221 65.61 -27.39 32.10
CA LEU D 221 64.54 -26.94 32.98
C LEU D 221 64.03 -25.59 32.49
N VAL D 222 62.72 -25.39 32.58
CA VAL D 222 62.14 -24.14 32.11
C VAL D 222 61.69 -23.27 33.28
N LEU D 223 61.93 -21.97 33.16
CA LEU D 223 61.58 -21.02 34.20
C LEU D 223 60.90 -19.78 33.65
N ASP D 224 59.74 -19.44 34.21
CA ASP D 224 59.11 -18.18 33.90
C ASP D 224 59.69 -17.08 34.79
N ASP D 225 61.02 -17.02 34.82
CA ASP D 225 61.74 -16.12 35.73
C ASP D 225 63.23 -16.07 35.39
N GLY D 226 64.02 -15.53 36.31
CA GLY D 226 65.45 -15.43 36.14
C GLY D 226 66.23 -16.02 37.30
N LEU D 227 67.52 -16.23 37.09
CA LEU D 227 68.37 -16.88 38.09
C LEU D 227 69.10 -15.89 39.00
N TYR D 228 68.36 -15.25 39.91
CA TYR D 228 68.93 -14.40 40.97
C TYR D 228 68.61 -14.98 42.34
N PRO D 229 69.36 -14.57 43.38
CA PRO D 229 68.98 -14.96 44.75
C PRO D 229 67.71 -14.27 45.25
N GLU D 230 67.17 -14.74 46.36
CA GLU D 230 65.92 -14.25 46.91
C GLU D 230 66.00 -12.83 47.47
N GLU D 231 65.05 -11.99 47.10
CA GLU D 231 65.05 -10.58 47.49
C GLU D 231 64.24 -10.32 48.77
N VAL D 232 64.58 -9.24 49.47
CA VAL D 232 63.85 -8.80 50.65
C VAL D 232 63.65 -7.28 50.60
N GLU D 233 62.59 -6.80 51.25
CA GLU D 233 62.19 -5.40 51.19
C GLU D 233 63.34 -4.43 51.47
N GLU D 234 63.32 -3.29 50.76
CA GLU D 234 64.39 -2.31 50.88
C GLU D 234 64.44 -1.71 52.28
N GLU D 235 63.28 -1.53 52.89
CA GLU D 235 63.24 -1.10 54.29
C GLU D 235 63.80 -2.19 55.18
N ALA D 236 63.50 -3.44 54.84
CA ALA D 236 63.92 -4.57 55.65
C ALA D 236 65.42 -4.85 55.58
N LEU D 237 66.13 -4.17 54.69
CA LEU D 237 67.59 -4.29 54.66
C LEU D 237 68.21 -3.24 55.58
N ALA D 238 67.36 -2.48 56.28
CA ALA D 238 67.83 -1.47 57.21
C ALA D 238 67.60 -1.92 58.64
N SER D 239 67.40 -3.22 58.80
CA SER D 239 67.10 -3.81 60.10
C SER D 239 68.17 -4.82 60.50
N GLU D 240 69.32 -4.78 59.83
CA GLU D 240 70.45 -5.67 60.12
C GLU D 240 70.11 -7.16 59.91
N ALA D 241 68.94 -7.58 60.37
CA ALA D 241 68.47 -8.94 60.16
C ALA D 241 68.36 -9.21 58.66
N GLY D 242 68.02 -8.18 57.90
CA GLY D 242 67.93 -8.30 56.45
C GLY D 242 69.24 -8.63 55.74
N PHE D 243 70.37 -8.17 56.29
CA PHE D 243 71.67 -8.50 55.71
C PHE D 243 72.07 -9.96 55.91
N GLU D 244 71.85 -10.47 57.11
CA GLU D 244 72.19 -11.86 57.40
C GLU D 244 71.19 -12.79 56.73
N GLN D 245 69.95 -12.32 56.62
CA GLN D 245 68.94 -13.04 55.85
C GLN D 245 69.30 -13.03 54.37
N TYR D 246 69.98 -11.97 53.95
CA TYR D 246 70.50 -11.88 52.59
C TYR D 246 71.54 -12.99 52.41
N LEU D 247 72.40 -13.15 53.41
CA LEU D 247 73.38 -14.23 53.38
C LEU D 247 72.67 -15.58 53.36
N LYS D 248 71.56 -15.68 54.09
CA LYS D 248 70.78 -16.90 54.19
C LYS D 248 70.15 -17.30 52.85
N ASN D 249 69.54 -16.35 52.17
CA ASN D 249 68.93 -16.64 50.88
C ASN D 249 70.01 -16.95 49.85
N GLN D 250 71.15 -16.28 49.94
CA GLN D 250 72.29 -16.65 49.12
C GLN D 250 72.71 -18.10 49.42
N LYS D 251 72.56 -18.52 50.68
CA LYS D 251 72.89 -19.89 51.07
C LYS D 251 71.94 -20.87 50.40
N ILE D 252 70.64 -20.62 50.47
CA ILE D 252 69.68 -21.55 49.88
C ILE D 252 69.87 -21.52 48.35
N PHE D 253 70.38 -20.40 47.86
CA PHE D 253 70.74 -20.25 46.45
C PHE D 253 71.84 -21.23 46.06
N GLN D 254 72.93 -21.26 46.83
CA GLN D 254 74.03 -22.17 46.52
C GLN D 254 73.58 -23.62 46.65
N GLU D 255 72.80 -23.89 47.69
CA GLU D 255 72.22 -25.21 47.88
C GLU D 255 71.43 -25.68 46.66
N ASN D 256 70.56 -24.82 46.16
CA ASN D 256 69.76 -25.19 45.02
C ASN D 256 70.58 -25.32 43.74
N LEU D 257 71.64 -24.53 43.62
CA LEU D 257 72.55 -24.70 42.48
C LEU D 257 73.18 -26.09 42.48
N LYS D 258 73.69 -26.50 43.65
CA LYS D 258 74.26 -27.85 43.75
C LYS D 258 73.19 -28.91 43.50
N LYS D 259 71.97 -28.64 43.95
CA LYS D 259 70.82 -29.51 43.68
C LYS D 259 70.59 -29.66 42.19
N LEU D 260 70.94 -28.62 41.44
CA LEU D 260 70.84 -28.68 39.98
C LEU D 260 71.99 -29.49 39.39
N LYS D 261 73.21 -29.27 39.86
CA LYS D 261 74.34 -30.02 39.31
C LYS D 261 74.21 -31.51 39.65
N GLU D 262 73.34 -31.83 40.60
CA GLU D 262 73.05 -33.21 40.95
C GLU D 262 72.37 -33.98 39.82
N LEU D 263 71.44 -33.33 39.12
CA LEU D 263 70.57 -34.03 38.17
C LEU D 263 71.12 -34.21 36.74
N GLY D 264 72.34 -33.76 36.48
CA GLY D 264 72.91 -33.96 35.16
C GLY D 264 72.46 -32.94 34.14
N VAL D 265 72.23 -31.71 34.61
CA VAL D 265 71.75 -30.62 33.75
C VAL D 265 72.76 -30.17 32.70
N LYS D 266 72.27 -29.94 31.48
CA LYS D 266 73.12 -29.48 30.39
C LYS D 266 72.53 -28.24 29.70
N LEU D 267 71.33 -27.82 30.10
CA LEU D 267 70.66 -26.69 29.45
C LEU D 267 69.68 -25.95 30.36
N ILE D 268 69.69 -24.62 30.29
CA ILE D 268 68.80 -23.80 31.12
C ILE D 268 68.08 -22.75 30.28
N LEU D 269 66.79 -22.54 30.54
CA LEU D 269 66.00 -21.58 29.80
C LEU D 269 65.30 -20.57 30.71
N LEU D 270 65.55 -19.28 30.49
CA LEU D 270 64.97 -18.24 31.33
C LEU D 270 64.29 -17.14 30.52
N THR D 271 63.34 -16.46 31.16
CA THR D 271 62.65 -15.33 30.56
C THR D 271 63.20 -14.02 31.12
N ARG D 272 64.10 -14.13 32.09
CA ARG D 272 64.67 -12.94 32.72
C ARG D 272 66.20 -13.02 32.78
N GLY D 273 66.78 -12.45 33.84
CA GLY D 273 68.22 -12.37 33.98
C GLY D 273 68.88 -13.53 34.71
N ILE D 274 70.16 -13.35 35.03
CA ILE D 274 70.97 -14.36 35.71
C ILE D 274 71.91 -13.72 36.73
N SER D 275 72.06 -14.33 37.90
CA SER D 275 73.04 -13.85 38.86
C SER D 275 74.43 -14.20 38.36
N ASP D 276 75.39 -13.31 38.59
CA ASP D 276 76.75 -13.52 38.13
C ASP D 276 77.35 -14.73 38.83
N ILE D 277 76.93 -14.95 40.06
CA ILE D 277 77.35 -16.11 40.84
C ILE D 277 76.83 -17.38 40.17
N ALA D 278 75.56 -17.34 39.79
CA ALA D 278 74.90 -18.44 39.10
C ALA D 278 75.54 -18.70 37.76
N GLU D 279 75.82 -17.63 37.03
CA GLU D 279 76.46 -17.70 35.72
C GLU D 279 77.82 -18.37 35.86
N GLU D 280 78.56 -17.99 36.91
CA GLU D 280 79.83 -18.61 37.23
C GLU D 280 79.61 -20.11 37.42
N PHE D 281 78.60 -20.46 38.20
CA PHE D 281 78.26 -21.86 38.46
C PHE D 281 78.02 -22.66 37.19
N CYS D 282 77.23 -22.09 36.28
CA CYS D 282 76.90 -22.76 35.02
C CYS D 282 78.12 -22.92 34.14
N TYR D 283 78.93 -21.87 34.08
CA TYR D 283 80.18 -21.90 33.33
C TYR D 283 81.09 -22.99 33.87
N GLU D 284 81.00 -23.22 35.17
CA GLU D 284 81.82 -24.22 35.84
C GLU D 284 81.34 -25.65 35.59
N ASN D 285 80.05 -25.81 35.34
CA ASN D 285 79.46 -27.14 35.21
C ASN D 285 79.05 -27.56 33.80
N GLU D 286 79.68 -27.00 32.78
CA GLU D 286 79.39 -27.37 31.39
C GLU D 286 77.88 -27.23 31.07
N ILE D 287 77.21 -26.36 31.80
CA ILE D 287 75.77 -26.15 31.59
C ILE D 287 75.46 -24.94 30.70
N MET D 288 74.64 -25.17 29.67
CA MET D 288 74.24 -24.15 28.71
C MET D 288 73.01 -23.40 29.19
N VAL D 289 72.90 -22.12 28.84
CA VAL D 289 71.78 -21.29 29.31
C VAL D 289 71.32 -20.27 28.26
N ILE D 290 70.01 -20.09 28.16
CA ILE D 290 69.43 -19.05 27.31
C ILE D 290 68.50 -18.17 28.14
N THR D 291 68.54 -16.86 27.91
CA THR D 291 67.76 -15.93 28.73
C THR D 291 66.72 -15.17 27.91
N ARG D 292 65.75 -14.59 28.64
CA ARG D 292 64.77 -13.64 28.10
C ARG D 292 64.17 -14.07 26.76
N ILE D 293 63.70 -15.33 26.71
CA ILE D 293 63.09 -15.86 25.49
C ILE D 293 61.64 -15.41 25.39
N THR D 294 61.04 -15.62 24.22
CA THR D 294 59.65 -15.26 24.03
C THR D 294 58.78 -16.23 24.81
N GLN D 295 57.68 -15.73 25.35
CA GLN D 295 56.74 -16.55 26.09
C GLN D 295 56.12 -17.62 25.21
N LYS D 296 56.03 -17.30 23.92
CA LYS D 296 55.48 -18.23 22.94
C LYS D 296 56.48 -19.37 22.75
N GLU D 297 57.75 -19.00 22.69
CA GLU D 297 58.83 -19.97 22.65
C GLU D 297 58.80 -20.85 23.89
N LEU D 298 58.55 -20.22 25.03
CA LEU D 298 58.43 -20.90 26.31
C LEU D 298 57.34 -21.98 26.25
N LYS D 299 56.15 -21.58 25.81
CA LYS D 299 55.03 -22.49 25.72
C LYS D 299 55.31 -23.63 24.75
N ARG D 300 55.94 -23.27 23.63
CA ARG D 300 56.22 -24.23 22.57
C ARG D 300 57.22 -25.30 23.02
N VAL D 301 58.32 -24.88 23.64
CA VAL D 301 59.31 -25.83 24.13
C VAL D 301 58.71 -26.64 25.29
N LEU D 302 57.83 -26.00 26.05
CA LEU D 302 57.14 -26.69 27.15
C LEU D 302 56.31 -27.85 26.62
N GLU D 303 55.58 -27.61 25.54
CA GLU D 303 54.78 -28.65 24.91
C GLU D 303 55.65 -29.72 24.26
N PHE D 304 56.73 -29.28 23.62
CA PHE D 304 57.57 -30.15 22.80
C PHE D 304 58.37 -31.13 23.64
N THR D 305 58.99 -30.64 24.72
CA THR D 305 59.85 -31.47 25.54
C THR D 305 59.05 -32.35 26.49
N GLY D 306 57.84 -31.92 26.78
CA GLY D 306 56.98 -32.62 27.73
C GLY D 306 57.31 -32.23 29.16
N ALA D 307 58.16 -31.22 29.32
CA ALA D 307 58.54 -30.74 30.64
C ALA D 307 57.42 -29.93 31.27
N ARG D 308 57.61 -29.53 32.52
CA ARG D 308 56.66 -28.70 33.22
C ARG D 308 57.25 -27.35 33.59
N ALA D 309 56.46 -26.29 33.37
CA ALA D 309 56.91 -24.96 33.73
C ALA D 309 57.08 -24.84 35.23
N ALA D 310 58.24 -24.35 35.66
CA ALA D 310 58.55 -24.18 37.07
C ALA D 310 59.22 -22.84 37.30
N LYS D 311 59.30 -22.41 38.56
CA LYS D 311 60.04 -21.21 38.89
C LYS D 311 60.91 -21.47 40.11
N ARG D 312 61.41 -20.40 40.72
CA ARG D 312 62.42 -20.50 41.77
C ARG D 312 61.96 -21.22 43.03
N THR D 313 60.74 -20.97 43.48
CA THR D 313 60.28 -21.53 44.75
C THR D 313 60.21 -23.05 44.64
N SER D 314 59.94 -23.55 43.43
CA SER D 314 59.88 -25.00 43.20
C SER D 314 61.28 -25.61 43.06
N LEU D 315 62.28 -24.91 43.58
CA LEU D 315 63.64 -25.45 43.65
C LEU D 315 63.82 -26.18 44.98
N ASN D 316 62.86 -25.98 45.88
CA ASN D 316 62.92 -26.57 47.21
C ASN D 316 62.38 -27.99 47.19
N LYS D 317 61.91 -28.42 46.01
CA LYS D 317 61.47 -29.79 45.82
C LYS D 317 62.68 -30.70 46.02
N PRO D 318 62.46 -31.91 46.58
CA PRO D 318 63.60 -32.72 47.00
C PRO D 318 64.27 -33.51 45.89
N VAL D 319 64.72 -32.82 44.84
CA VAL D 319 65.55 -33.42 43.79
C VAL D 319 64.94 -34.68 43.12
N GLU D 320 63.98 -35.31 43.76
CA GLU D 320 63.44 -36.56 43.27
C GLU D 320 62.10 -36.32 42.57
N GLU D 321 61.31 -35.39 43.11
CA GLU D 321 60.12 -34.93 42.41
C GLU D 321 60.53 -33.82 41.45
N LEU D 322 61.75 -33.30 41.65
CA LEU D 322 62.34 -32.32 40.77
C LEU D 322 62.73 -32.99 39.45
N GLN D 323 63.11 -34.25 39.54
CA GLN D 323 63.49 -35.05 38.38
C GLN D 323 62.30 -35.41 37.49
N LYS D 324 61.10 -35.02 37.92
CA LYS D 324 59.88 -35.32 37.17
C LYS D 324 59.39 -34.10 36.41
N MET D 325 59.94 -32.94 36.76
CA MET D 325 59.53 -31.67 36.17
C MET D 325 60.53 -31.24 35.10
N LEU D 326 61.42 -32.14 34.74
CA LEU D 326 62.52 -31.83 33.82
C LEU D 326 62.14 -32.15 32.38
N GLY D 327 63.02 -31.82 31.43
CA GLY D 327 62.71 -32.05 30.04
C GLY D 327 63.82 -32.68 29.20
N TYR D 328 63.40 -33.28 28.09
CA TYR D 328 64.25 -33.95 27.10
C TYR D 328 63.27 -34.46 26.03
N ALA D 329 63.33 -34.04 24.75
CA ALA D 329 64.34 -33.21 24.05
C ALA D 329 65.57 -34.08 23.87
N ARG D 330 65.59 -34.81 22.76
CA ARG D 330 66.66 -35.73 22.46
C ARG D 330 67.92 -35.00 22.04
N THR D 331 67.77 -33.99 21.19
CA THR D 331 68.93 -33.23 20.75
C THR D 331 68.65 -31.73 20.68
N CYS D 332 69.72 -30.94 20.83
CA CYS D 332 69.61 -29.50 20.79
C CYS D 332 70.87 -28.88 20.19
N PHE D 333 70.69 -27.98 19.23
CA PHE D 333 71.82 -27.41 18.50
C PHE D 333 71.70 -25.91 18.26
N TYR D 334 72.74 -25.16 18.63
CA TYR D 334 72.81 -23.74 18.32
C TYR D 334 73.80 -23.46 17.19
N ASP D 335 73.32 -22.75 16.17
CA ASP D 335 74.14 -22.32 15.05
C ASP D 335 74.53 -20.86 15.24
N SER D 336 75.84 -20.62 15.30
CA SER D 336 76.40 -19.28 15.48
C SER D 336 76.55 -18.51 14.17
N ARG D 337 76.68 -19.23 13.05
CA ARG D 337 76.85 -18.57 11.76
C ARG D 337 75.51 -18.19 11.16
N LEU D 338 74.44 -18.46 11.92
CA LEU D 338 73.08 -18.12 11.51
C LEU D 338 72.35 -17.54 12.72
N ASP D 339 72.99 -17.66 13.88
CA ASP D 339 72.54 -17.02 15.11
C ASP D 339 71.18 -17.48 15.61
N PHE D 340 71.00 -18.79 15.80
CA PHE D 340 69.82 -19.26 16.53
C PHE D 340 69.90 -20.70 17.02
N THR D 341 68.88 -21.12 17.78
CA THR D 341 68.90 -22.41 18.47
C THR D 341 67.73 -23.29 18.07
N ILE D 342 68.00 -24.58 17.89
CA ILE D 342 66.99 -25.53 17.44
C ILE D 342 66.93 -26.75 18.37
N ILE D 343 65.73 -27.06 18.87
CA ILE D 343 65.52 -28.20 19.74
C ILE D 343 64.64 -29.24 19.06
N GLU D 344 65.15 -30.46 18.92
CA GLU D 344 64.38 -31.52 18.26
C GLU D 344 64.41 -32.85 19.00
N GLY D 345 63.37 -33.65 18.79
CA GLY D 345 63.26 -34.96 19.40
C GLY D 345 62.58 -34.97 20.77
N GLY D 346 61.49 -34.23 20.88
CA GLY D 346 60.71 -34.17 22.11
C GLY D 346 59.97 -35.48 22.32
N ALA D 347 59.74 -35.84 23.58
CA ALA D 347 59.08 -37.11 23.88
C ALA D 347 57.59 -36.95 24.13
N GLY D 348 57.04 -35.79 23.77
CA GLY D 348 55.61 -35.55 23.90
C GLY D 348 55.00 -35.55 22.52
N LYS D 349 54.29 -34.47 22.19
CA LYS D 349 53.83 -34.26 20.82
C LYS D 349 55.01 -33.76 19.99
N ALA D 350 54.89 -33.79 18.67
CA ALA D 350 55.99 -33.42 17.79
C ALA D 350 55.61 -32.27 16.85
N THR D 351 55.68 -31.05 17.35
CA THR D 351 55.39 -29.87 16.53
C THR D 351 56.65 -29.35 15.87
N ALA D 352 56.49 -28.72 14.71
CA ALA D 352 57.62 -28.16 13.99
C ALA D 352 57.66 -26.63 14.05
N THR D 353 58.52 -26.04 13.22
CA THR D 353 58.70 -24.60 13.16
C THR D 353 59.12 -24.14 11.76
N VAL D 354 58.39 -23.17 11.23
CA VAL D 354 58.65 -22.64 9.89
C VAL D 354 59.52 -21.40 9.93
N LEU D 355 60.63 -21.42 9.19
CA LEU D 355 61.53 -20.28 9.18
C LEU D 355 61.49 -19.47 7.88
N ILE D 356 61.40 -18.16 8.03
CA ILE D 356 61.33 -17.24 6.89
C ILE D 356 62.49 -16.26 6.85
N GLY D 357 63.09 -16.12 5.68
CA GLY D 357 64.22 -15.23 5.47
C GLY D 357 63.81 -13.78 5.30
N ALA D 358 64.73 -12.86 5.57
CA ALA D 358 64.43 -11.44 5.41
C ALA D 358 65.64 -10.65 4.91
N ALA D 359 65.40 -9.40 4.57
CA ALA D 359 66.46 -8.51 4.15
C ALA D 359 66.91 -7.71 5.37
N THR D 360 66.05 -6.81 5.81
CA THR D 360 66.34 -5.97 6.97
C THR D 360 65.31 -6.16 8.08
N ASP D 361 65.52 -5.47 9.20
CA ASP D 361 64.63 -5.55 10.36
C ASP D 361 63.34 -4.75 10.20
N GLU D 362 63.11 -4.20 9.02
CA GLU D 362 61.89 -3.48 8.72
C GLU D 362 60.86 -4.49 8.22
N VAL D 363 61.21 -5.12 7.10
CA VAL D 363 60.38 -6.14 6.48
C VAL D 363 60.18 -7.34 7.42
N VAL D 364 61.08 -7.48 8.40
CA VAL D 364 61.09 -8.64 9.28
C VAL D 364 59.82 -8.87 10.10
N ASP D 365 59.01 -7.83 10.29
CA ASP D 365 57.78 -7.97 11.05
C ASP D 365 56.59 -8.17 10.11
N GLU D 366 56.79 -7.82 8.85
CA GLU D 366 55.72 -7.87 7.85
C GLU D 366 55.51 -9.24 7.22
N GLN D 367 56.57 -10.03 7.07
CA GLN D 367 56.41 -11.35 6.45
C GLN D 367 55.50 -12.24 7.27
N GLU D 368 55.54 -12.11 8.59
CA GLU D 368 54.65 -12.91 9.42
C GLU D 368 53.20 -12.55 9.09
N ARG D 369 52.97 -11.28 8.74
CA ARG D 369 51.63 -10.85 8.37
C ARG D 369 51.18 -11.59 7.12
N ILE D 370 52.09 -11.84 6.19
CA ILE D 370 51.70 -12.62 5.03
C ILE D 370 51.58 -14.09 5.47
N ALA D 371 52.48 -14.53 6.34
CA ALA D 371 52.50 -15.92 6.77
C ALA D 371 51.22 -16.30 7.49
N LYS D 372 50.76 -15.41 8.36
CA LYS D 372 49.52 -15.64 9.10
C LYS D 372 48.39 -15.76 8.08
N ASP D 373 48.39 -14.87 7.09
CA ASP D 373 47.36 -14.91 6.08
C ASP D 373 47.52 -16.18 5.24
N ALA D 374 48.77 -16.59 5.05
CA ALA D 374 49.03 -17.79 4.27
C ALA D 374 48.60 -19.06 5.01
N ALA D 375 49.27 -19.31 6.13
CA ALA D 375 49.05 -20.53 6.90
C ALA D 375 47.60 -20.68 7.32
N GLY D 376 47.03 -19.60 7.82
CA GLY D 376 45.65 -19.59 8.25
C GLY D 376 44.76 -20.03 7.11
N SER D 377 45.00 -19.46 5.94
CA SER D 377 44.24 -19.85 4.76
C SER D 377 44.35 -21.35 4.55
N PHE D 378 45.58 -21.86 4.55
CA PHE D 378 45.80 -23.27 4.33
C PHE D 378 45.09 -24.06 5.41
N ALA D 379 45.09 -23.50 6.62
CA ALA D 379 44.45 -24.16 7.75
C ALA D 379 42.98 -24.32 7.42
N ALA D 380 42.38 -23.24 6.93
CA ALA D 380 40.98 -23.27 6.56
C ALA D 380 40.76 -24.07 5.30
N ALA D 381 41.84 -24.32 4.56
CA ALA D 381 41.74 -25.00 3.26
C ALA D 381 41.57 -26.51 3.40
N TYR D 382 42.27 -27.11 4.37
CA TYR D 382 42.11 -28.54 4.63
C TYR D 382 40.81 -28.77 5.41
N ARG D 383 40.48 -27.82 6.28
CA ARG D 383 39.30 -27.90 7.12
C ARG D 383 38.13 -27.90 6.15
N SER D 384 38.07 -26.83 5.37
CA SER D 384 37.08 -26.66 4.32
C SER D 384 37.65 -27.50 3.13
N GLY D 385 37.27 -27.33 1.85
CA GLY D 385 36.26 -26.45 1.31
C GLY D 385 36.92 -25.31 0.55
N VAL D 386 37.10 -25.48 -0.76
CA VAL D 386 37.68 -24.40 -1.56
C VAL D 386 36.63 -23.91 -2.55
N LEU D 387 36.58 -22.60 -2.72
CA LEU D 387 35.73 -21.97 -3.72
C LEU D 387 36.57 -21.08 -4.62
N PRO D 388 36.10 -20.80 -5.83
CA PRO D 388 36.87 -19.94 -6.72
C PRO D 388 36.88 -18.50 -6.24
N GLY D 389 38.05 -17.86 -6.26
CA GLY D 389 38.16 -16.48 -5.82
C GLY D 389 37.79 -15.51 -6.92
N GLY D 390 38.31 -14.29 -6.83
CA GLY D 390 38.03 -13.27 -7.83
C GLY D 390 36.63 -12.74 -7.70
N GLY D 391 35.96 -13.11 -6.63
CA GLY D 391 34.56 -12.74 -6.43
C GLY D 391 33.68 -13.42 -7.46
N ALA D 392 34.22 -14.46 -8.09
CA ALA D 392 33.55 -15.08 -9.23
C ALA D 392 32.39 -15.96 -8.81
N PHE D 393 32.47 -16.56 -7.63
CA PHE D 393 31.44 -17.51 -7.20
C PHE D 393 30.20 -16.76 -6.75
N PHE D 394 30.38 -15.50 -6.39
CA PHE D 394 29.29 -14.65 -5.95
C PHE D 394 28.23 -14.43 -7.02
N LEU D 395 28.60 -14.50 -8.28
CA LEU D 395 27.64 -14.28 -9.34
C LEU D 395 26.77 -15.52 -9.52
N TYR D 396 27.40 -16.70 -9.47
CA TYR D 396 26.65 -17.95 -9.47
C TYR D 396 25.64 -17.91 -8.34
N LEU D 397 26.10 -17.51 -7.16
CA LEU D 397 25.20 -17.30 -6.03
C LEU D 397 24.05 -16.35 -6.39
N SER D 398 24.39 -15.19 -6.93
CA SER D 398 23.41 -14.18 -7.32
C SER D 398 22.30 -14.77 -8.17
N ARG D 399 22.67 -15.38 -9.29
CA ARG D 399 21.70 -15.89 -10.25
C ARG D 399 20.86 -17.01 -9.63
N GLU D 400 21.54 -17.90 -8.92
CA GLU D 400 20.86 -19.02 -8.30
C GLU D 400 19.93 -18.54 -7.19
N VAL D 401 20.11 -17.28 -6.77
CA VAL D 401 19.18 -16.63 -5.85
C VAL D 401 18.02 -16.01 -6.60
N GLU D 402 18.32 -15.34 -7.72
CA GLU D 402 17.30 -14.69 -8.54
C GLU D 402 16.27 -15.72 -8.99
N SER D 403 16.70 -16.97 -9.15
CA SER D 403 15.80 -18.04 -9.56
C SER D 403 14.55 -18.17 -8.68
N LEU D 404 14.62 -17.66 -7.45
CA LEU D 404 13.52 -17.81 -6.50
C LEU D 404 12.48 -16.71 -6.66
N LYS D 405 12.74 -15.77 -7.56
CA LYS D 405 11.86 -14.62 -7.78
C LYS D 405 10.39 -14.99 -7.95
N ASN D 406 10.09 -16.01 -8.73
CA ASN D 406 8.70 -16.32 -9.03
C ASN D 406 8.26 -17.72 -8.58
N ARG D 407 9.10 -18.38 -7.81
CA ARG D 407 8.71 -19.66 -7.24
C ARG D 407 8.10 -19.35 -5.88
N LEU D 408 8.41 -18.16 -5.35
CA LEU D 408 7.87 -17.71 -4.09
C LEU D 408 7.19 -16.35 -4.23
N PRO D 409 5.99 -16.22 -3.66
CA PRO D 409 5.11 -15.05 -3.78
C PRO D 409 5.34 -14.00 -2.70
N GLY D 410 4.48 -13.00 -2.68
CA GLY D 410 4.55 -11.93 -1.69
C GLY D 410 5.41 -10.77 -2.18
N MET D 411 5.33 -9.64 -1.49
CA MET D 411 6.25 -8.55 -1.77
C MET D 411 7.62 -8.95 -1.27
N GLU D 412 7.66 -10.02 -0.51
CA GLU D 412 8.90 -10.58 0.00
C GLU D 412 9.79 -10.89 -1.19
N SER D 413 9.14 -11.34 -2.27
CA SER D 413 9.81 -11.66 -3.51
C SER D 413 10.77 -10.55 -3.94
N TYR D 414 10.37 -9.31 -3.68
CA TYR D 414 11.18 -8.16 -4.06
C TYR D 414 12.51 -8.13 -3.32
N GLY D 415 12.45 -8.30 -2.00
CA GLY D 415 13.65 -8.25 -1.17
C GLY D 415 14.72 -9.18 -1.68
N VAL D 416 14.30 -10.40 -1.98
CA VAL D 416 15.19 -11.42 -2.51
C VAL D 416 15.96 -10.88 -3.70
N MET D 417 15.25 -10.24 -4.61
CA MET D 417 15.89 -9.77 -5.82
C MET D 417 17.03 -8.82 -5.49
N ALA D 418 16.79 -7.95 -4.52
CA ALA D 418 17.80 -6.96 -4.14
C ALA D 418 19.05 -7.71 -3.72
N PHE D 419 18.82 -8.71 -2.88
CA PHE D 419 19.86 -9.55 -2.33
C PHE D 419 20.71 -10.03 -3.49
N SER D 420 20.06 -10.57 -4.51
CA SER D 420 20.78 -11.15 -5.63
C SER D 420 21.74 -10.13 -6.22
N GLU D 421 21.21 -8.95 -6.58
CA GLU D 421 22.05 -7.99 -7.28
C GLU D 421 23.20 -7.54 -6.41
N ALA D 422 23.00 -7.58 -5.09
CA ALA D 422 24.05 -7.15 -4.18
C ALA D 422 25.28 -8.02 -4.37
N LEU D 423 25.06 -9.30 -4.59
CA LEU D 423 26.17 -10.25 -4.72
C LEU D 423 27.05 -9.92 -5.92
N LYS D 424 26.50 -9.15 -6.85
CA LYS D 424 27.23 -8.84 -8.07
C LYS D 424 28.25 -7.74 -7.81
N VAL D 425 28.05 -7.00 -6.73
CA VAL D 425 28.87 -5.81 -6.46
C VAL D 425 30.38 -6.06 -6.39
N PRO D 426 30.84 -7.09 -5.63
CA PRO D 426 32.29 -7.26 -5.52
C PRO D 426 32.98 -7.32 -6.87
N PHE D 427 32.61 -8.30 -7.68
CA PHE D 427 33.21 -8.48 -8.99
C PHE D 427 33.26 -7.15 -9.74
N ARG D 428 32.12 -6.46 -9.73
CA ARG D 428 32.02 -5.19 -10.43
C ARG D 428 33.14 -4.26 -10.00
N VAL D 429 33.22 -4.01 -8.70
CA VAL D 429 34.19 -3.06 -8.19
C VAL D 429 35.57 -3.54 -8.63
N MET D 430 35.82 -4.84 -8.50
CA MET D 430 37.12 -5.41 -8.84
C MET D 430 37.50 -4.94 -10.22
N ALA D 431 36.55 -5.10 -11.14
CA ALA D 431 36.80 -4.76 -12.53
C ALA D 431 37.12 -3.29 -12.68
N GLU D 432 36.30 -2.42 -12.10
CA GLU D 432 36.54 -1.00 -12.28
C GLU D 432 37.74 -0.56 -11.43
N ASN D 433 38.21 -1.45 -10.57
CA ASN D 433 39.46 -1.18 -9.88
C ASN D 433 40.60 -1.49 -10.84
N ALA D 434 40.46 -2.59 -11.57
CA ALA D 434 41.47 -3.02 -12.53
C ALA D 434 41.42 -2.19 -13.82
N GLY D 435 40.48 -1.25 -13.88
CA GLY D 435 40.44 -0.30 -14.98
C GLY D 435 39.62 -0.72 -16.17
N PHE D 436 38.75 -1.70 -15.96
CA PHE D 436 37.87 -2.19 -17.01
C PHE D 436 36.48 -1.59 -16.80
N ASN D 437 35.66 -1.55 -17.85
CA ASN D 437 34.28 -1.11 -17.67
C ASN D 437 33.48 -2.18 -16.96
N GLY D 438 33.19 -1.92 -15.68
CA GLY D 438 32.65 -2.93 -14.78
C GLY D 438 31.38 -3.56 -15.30
N LEU D 439 30.50 -2.73 -15.83
CA LEU D 439 29.22 -3.23 -16.30
C LEU D 439 29.41 -4.14 -17.51
N GLU D 440 30.31 -3.75 -18.40
CA GLU D 440 30.56 -4.57 -19.58
C GLU D 440 31.12 -5.94 -19.22
N LYS D 441 32.12 -5.95 -18.35
CA LYS D 441 32.81 -7.20 -18.04
C LYS D 441 31.92 -8.08 -17.18
N LEU D 442 31.10 -7.46 -16.35
CA LEU D 442 30.13 -8.22 -15.57
C LEU D 442 29.18 -8.87 -16.56
N GLY D 443 28.67 -8.07 -17.49
CA GLY D 443 27.71 -8.56 -18.46
C GLY D 443 28.28 -9.69 -19.30
N ASP D 444 29.56 -9.60 -19.67
CA ASP D 444 30.18 -10.64 -20.48
C ASP D 444 30.36 -11.90 -19.67
N LEU D 445 30.84 -11.74 -18.43
CA LEU D 445 31.14 -12.90 -17.61
C LEU D 445 29.89 -13.64 -17.15
N MET D 446 28.85 -12.91 -16.78
CA MET D 446 27.66 -13.56 -16.27
C MET D 446 27.00 -14.40 -17.36
N THR D 447 27.13 -13.97 -18.60
CA THR D 447 26.66 -14.79 -19.71
C THR D 447 27.61 -15.96 -19.92
N LEU D 448 28.91 -15.67 -19.90
CA LEU D 448 29.94 -16.67 -20.16
C LEU D 448 29.83 -17.87 -19.21
N GLN D 449 29.50 -17.60 -17.95
CA GLN D 449 29.37 -18.68 -16.97
C GLN D 449 28.26 -19.61 -17.39
N VAL D 450 27.19 -19.04 -17.93
CA VAL D 450 26.06 -19.86 -18.33
C VAL D 450 26.40 -20.61 -19.60
N GLN D 451 27.12 -19.96 -20.50
CA GLN D 451 27.48 -20.58 -21.77
C GLN D 451 28.65 -21.56 -21.64
N LYS D 452 29.18 -21.71 -20.43
CA LYS D 452 30.16 -22.78 -20.19
C LYS D 452 29.75 -23.61 -18.98
N ASN D 453 28.68 -23.16 -18.32
CA ASN D 453 28.09 -23.84 -17.17
C ASN D 453 29.08 -24.16 -16.05
N ASN D 454 30.13 -23.36 -15.92
CA ASN D 454 31.08 -23.59 -14.83
C ASN D 454 31.18 -22.36 -13.94
N TYR D 455 31.02 -22.59 -12.64
CA TYR D 455 31.07 -21.51 -11.66
C TYR D 455 32.51 -21.16 -11.32
N ALA D 456 33.44 -21.61 -12.15
CA ALA D 456 34.86 -21.43 -11.89
C ALA D 456 35.47 -20.37 -12.81
N LEU D 457 34.69 -19.93 -13.80
CA LEU D 457 35.16 -18.85 -14.66
C LEU D 457 35.11 -17.51 -13.96
N GLY D 458 36.16 -16.73 -14.17
CA GLY D 458 36.23 -15.37 -13.66
C GLY D 458 37.19 -14.64 -14.57
N LEU D 459 37.66 -13.49 -14.12
CA LEU D 459 38.52 -12.66 -14.96
C LEU D 459 39.89 -12.47 -14.33
N ASP D 460 40.93 -12.58 -15.14
CA ASP D 460 42.28 -12.23 -14.72
C ASP D 460 42.38 -10.71 -14.72
N PHE D 461 42.45 -10.12 -13.54
CA PHE D 461 42.36 -8.67 -13.43
C PHE D 461 43.67 -7.99 -13.83
N GLU D 462 44.54 -8.73 -14.50
CA GLU D 462 45.80 -8.17 -14.99
C GLU D 462 45.81 -8.17 -16.51
N THR D 463 45.59 -9.34 -17.10
CA THR D 463 45.58 -9.49 -18.54
C THR D 463 44.31 -8.86 -19.09
N GLY D 464 43.17 -9.42 -18.70
CA GLY D 464 41.89 -9.00 -19.21
C GLY D 464 41.10 -10.14 -19.85
N GLU D 465 41.74 -11.28 -20.03
CA GLU D 465 41.06 -12.46 -20.55
C GLU D 465 40.54 -13.31 -19.40
N PHE D 466 39.42 -13.99 -19.63
CA PHE D 466 38.76 -14.77 -18.58
C PHE D 466 39.32 -16.19 -18.47
N ILE D 467 39.50 -16.64 -17.24
CA ILE D 467 40.00 -18.00 -17.00
C ILE D 467 39.32 -18.70 -15.84
N ASP D 468 39.64 -19.98 -15.70
CA ASP D 468 39.23 -20.77 -14.54
C ASP D 468 40.14 -20.38 -13.39
N MET D 469 39.53 -19.96 -12.28
CA MET D 469 40.28 -19.45 -11.14
C MET D 469 41.09 -20.58 -10.50
N ILE D 470 40.53 -21.78 -10.55
CA ILE D 470 41.23 -22.95 -10.07
C ILE D 470 42.46 -23.20 -10.95
N ALA D 471 42.32 -22.98 -12.25
CA ALA D 471 43.43 -23.14 -13.17
C ALA D 471 44.39 -21.96 -13.09
N GLY D 472 43.94 -20.87 -12.48
CA GLY D 472 44.77 -19.69 -12.34
C GLY D 472 45.55 -19.73 -11.03
N GLY D 473 45.28 -20.76 -10.25
CA GLY D 473 45.91 -20.92 -8.95
C GLY D 473 45.43 -19.82 -8.06
N VAL D 474 44.17 -19.41 -8.25
CA VAL D 474 43.61 -18.32 -7.47
C VAL D 474 42.25 -18.70 -6.87
N VAL D 475 42.25 -19.09 -5.60
CA VAL D 475 41.03 -19.51 -4.92
C VAL D 475 40.96 -19.06 -3.47
N ASP D 476 39.77 -19.16 -2.89
CA ASP D 476 39.55 -18.79 -1.50
C ASP D 476 39.00 -19.98 -0.71
N PRO D 477 39.24 -19.99 0.61
CA PRO D 477 38.70 -21.04 1.48
C PRO D 477 37.20 -20.89 1.68
N ALA D 478 36.51 -22.00 1.91
CA ALA D 478 35.05 -21.97 2.06
C ALA D 478 34.59 -21.19 3.29
N GLU D 479 34.99 -21.65 4.47
CA GLU D 479 34.46 -21.14 5.73
C GLU D 479 34.55 -19.62 5.87
N VAL D 480 35.64 -19.05 5.36
CA VAL D 480 35.80 -17.61 5.41
C VAL D 480 34.66 -16.94 4.67
N VAL D 481 34.41 -17.35 3.43
CA VAL D 481 33.31 -16.75 2.67
C VAL D 481 31.99 -17.04 3.38
N TYR D 482 31.82 -18.26 3.88
CA TYR D 482 30.57 -18.65 4.55
C TYR D 482 30.21 -17.62 5.63
N GLN D 483 31.09 -17.43 6.62
CA GLN D 483 30.70 -16.53 7.71
C GLN D 483 30.92 -15.06 7.34
N ALA D 484 31.68 -14.81 6.29
CA ALA D 484 31.77 -13.44 5.79
C ALA D 484 30.39 -13.00 5.33
N VAL D 485 29.80 -13.81 4.46
CA VAL D 485 28.45 -13.59 3.98
C VAL D 485 27.45 -13.52 5.11
N LYS D 486 27.50 -14.53 5.99
CA LYS D 486 26.56 -14.59 7.12
C LYS D 486 26.62 -13.29 7.93
N ASN D 487 27.83 -12.84 8.25
CA ASN D 487 27.98 -11.67 9.08
C ASN D 487 27.54 -10.39 8.37
N ALA D 488 28.04 -10.19 7.15
CA ALA D 488 27.68 -9.00 6.37
C ALA D 488 26.16 -8.89 6.20
N SER D 489 25.55 -10.03 5.93
CA SER D 489 24.11 -10.10 5.78
C SER D 489 23.47 -9.68 7.09
N GLU D 490 23.97 -10.23 8.20
CA GLU D 490 23.36 -10.00 9.51
C GLU D 490 23.46 -8.55 9.98
N VAL D 491 24.59 -7.90 9.70
CA VAL D 491 24.76 -6.50 10.07
C VAL D 491 23.91 -5.63 9.16
N ALA D 492 23.78 -6.06 7.91
CA ALA D 492 22.90 -5.36 6.98
C ALA D 492 21.48 -5.39 7.52
N ILE D 493 21.03 -6.60 7.86
CA ILE D 493 19.72 -6.82 8.45
C ILE D 493 19.48 -5.88 9.61
N SER D 494 20.39 -5.92 10.58
CA SER D 494 20.21 -5.10 11.77
C SER D 494 20.40 -3.64 11.46
N LEU D 495 20.85 -3.33 10.25
CA LEU D 495 20.99 -1.95 9.82
C LEU D 495 19.73 -1.41 9.18
N LEU D 496 19.05 -2.24 8.39
CA LEU D 496 17.83 -1.82 7.71
C LEU D 496 16.57 -2.00 8.54
N LYS D 497 16.70 -2.60 9.72
CA LYS D 497 15.56 -2.73 10.60
C LYS D 497 15.38 -1.41 11.37
N ILE D 498 16.25 -0.45 11.09
CA ILE D 498 16.26 0.83 11.77
C ILE D 498 15.22 1.78 11.21
N ASN D 499 14.41 2.35 12.10
CA ASN D 499 13.37 3.25 11.67
C ASN D 499 13.64 4.71 12.07
N THR D 500 14.07 4.92 13.31
CA THR D 500 14.16 6.27 13.86
C THR D 500 15.39 6.51 14.72
N ILE D 501 15.59 7.77 15.13
CA ILE D 501 16.76 8.17 15.91
C ILE D 501 16.46 9.16 17.04
N ILE D 502 16.78 8.78 18.27
CA ILE D 502 16.63 9.70 19.41
C ILE D 502 17.78 9.56 20.40
#